data_6IIE
# 
_entry.id   6IIE 
# 
_audit_conform.dict_name       mmcif_pdbx.dic 
_audit_conform.dict_version    5.387 
_audit_conform.dict_location   http://mmcif.pdb.org/dictionaries/ascii/mmcif_pdbx.dic 
# 
loop_
_database_2.database_id 
_database_2.database_code 
_database_2.pdbx_database_accession 
_database_2.pdbx_DOI 
PDB   6IIE         pdb_00006iie 10.2210/pdb6iie/pdb 
WWPDB D_1300009228 ?            ?                   
# 
loop_
_pdbx_audit_revision_history.ordinal 
_pdbx_audit_revision_history.data_content_type 
_pdbx_audit_revision_history.major_revision 
_pdbx_audit_revision_history.minor_revision 
_pdbx_audit_revision_history.revision_date 
1 'Structure model' 1 0 2019-02-20 
2 'Structure model' 1 1 2019-04-03 
3 'Structure model' 1 2 2024-03-27 
# 
_pdbx_audit_revision_details.ordinal             1 
_pdbx_audit_revision_details.revision_ordinal    1 
_pdbx_audit_revision_details.data_content_type   'Structure model' 
_pdbx_audit_revision_details.provider            repository 
_pdbx_audit_revision_details.type                'Initial release' 
_pdbx_audit_revision_details.description         ? 
_pdbx_audit_revision_details.details             ? 
# 
loop_
_pdbx_audit_revision_group.ordinal 
_pdbx_audit_revision_group.revision_ordinal 
_pdbx_audit_revision_group.data_content_type 
_pdbx_audit_revision_group.group 
1 2 'Structure model' 'Data collection'     
2 2 'Structure model' 'Database references' 
3 3 'Structure model' 'Data collection'     
4 3 'Structure model' 'Database references' 
# 
loop_
_pdbx_audit_revision_category.ordinal 
_pdbx_audit_revision_category.revision_ordinal 
_pdbx_audit_revision_category.data_content_type 
_pdbx_audit_revision_category.category 
1 2 'Structure model' citation        
2 2 'Structure model' citation_author 
3 3 'Structure model' chem_comp_atom  
4 3 'Structure model' chem_comp_bond  
5 3 'Structure model' database_2      
# 
loop_
_pdbx_audit_revision_item.ordinal 
_pdbx_audit_revision_item.revision_ordinal 
_pdbx_audit_revision_item.data_content_type 
_pdbx_audit_revision_item.item 
1 2 'Structure model' '_citation.journal_volume'            
2 2 'Structure model' '_citation.page_first'                
3 2 'Structure model' '_citation.page_last'                 
4 2 'Structure model' '_citation_author.identifier_ORCID'   
5 3 'Structure model' '_database_2.pdbx_DOI'                
6 3 'Structure model' '_database_2.pdbx_database_accession' 
# 
_pdbx_database_status.status_code                     REL 
_pdbx_database_status.status_code_sf                  REL 
_pdbx_database_status.status_code_mr                  ? 
_pdbx_database_status.entry_id                        6IIE 
_pdbx_database_status.recvd_initial_deposition_date   2018-10-04 
_pdbx_database_status.SG_entry                        N 
_pdbx_database_status.deposit_site                    PDBJ 
_pdbx_database_status.process_site                    PDBJ 
_pdbx_database_status.status_code_cs                  ? 
_pdbx_database_status.methods_development_category    ? 
_pdbx_database_status.pdb_format_compatible           Y 
_pdbx_database_status.status_code_nmr_data            ? 
# 
loop_
_audit_author.name 
_audit_author.pdbx_ordinal 
_audit_author.identifier_ORCID 
'Takahashi, D.' 1 ? 
'Suzuki, K.'    2 ? 
'Sakamoto, T.'  3 ? 
'Iwamoto, T.'   4 ? 
'Murata, T.'    5 ? 
'Sakane, F.'    6 ? 
# 
_citation.abstract                  ? 
_citation.abstract_id_CAS           ? 
_citation.book_id_ISBN              ? 
_citation.book_publisher            ? 
_citation.book_publisher_city       ? 
_citation.book_title                ? 
_citation.coordinate_linkage        ? 
_citation.country                   US 
_citation.database_id_Medline       ? 
_citation.details                   ? 
_citation.id                        primary 
_citation.journal_abbrev            'Protein Sci.' 
_citation.journal_id_ASTM           PRCIEI 
_citation.journal_id_CSD            0795 
_citation.journal_id_ISSN           1469-896X 
_citation.journal_full              ? 
_citation.journal_issue             ? 
_citation.journal_volume            28 
_citation.language                  ? 
_citation.page_first                694 
_citation.page_last                 706 
_citation.title                     
'Crystal structure and calcium-induced conformational changes of diacylglycerol kinase alpha EF-hand domains.' 
_citation.year                      2019 
_citation.database_id_CSD           ? 
_citation.pdbx_database_id_DOI      10.1002/pro.3572 
_citation.pdbx_database_id_PubMed   30653270 
_citation.unpublished_flag          ? 
# 
loop_
_citation_author.citation_id 
_citation_author.name 
_citation_author.ordinal 
_citation_author.identifier_ORCID 
primary 'Takahashi, D.' 1 ? 
primary 'Suzuki, K.'    2 ? 
primary 'Sakamoto, T.'  3 ? 
primary 'Iwamoto, T.'   4 ? 
primary 'Murata, T.'    5 ? 
primary 'Sakane, F.'    6 ? 
# 
loop_
_entity.id 
_entity.type 
_entity.src_method 
_entity.pdbx_description 
_entity.formula_weight 
_entity.pdbx_number_of_molecules 
_entity.pdbx_ec 
_entity.pdbx_mutation 
_entity.pdbx_fragment 
_entity.details 
1 polymer     man 'Diacylglycerol kinase alpha' 10616.032 1 2.7.1.107 ? ? ? 
2 non-polymer syn 'CALCIUM ION'                 40.078    2 ?         ? ? ? 
3 non-polymer syn GLYCEROL                      92.094    2 ?         ? ? ? 
4 non-polymer syn 'TETRAETHYLENE GLYCOL'        194.226   2 ?         ? ? ? 
5 water       nat water                         18.015    9 ?         ? ? ? 
# 
_entity_name_com.entity_id   1 
_entity_name_com.name        'DAG kinase alpha,80 kDa diacylglycerol kinase,Diglyceride kinase alpha,DGK-alpha' 
# 
_entity_poly.entity_id                      1 
_entity_poly.type                           'polypeptide(L)' 
_entity_poly.nstd_linkage                   no 
_entity_poly.nstd_monomer                   no 
_entity_poly.pdbx_seq_one_letter_code       
;HMEGGRPEDKLEFTFKLYDTDRNGILDSSEVDKIILQMMRVAEYLDWDVSELRPILQEMMKEIDYDGSGSVSQAEWVRAG
ATTVPLLVLLGLE
;
_entity_poly.pdbx_seq_one_letter_code_can   
;HMEGGRPEDKLEFTFKLYDTDRNGILDSSEVDKIILQMMRVAEYLDWDVSELRPILQEMMKEIDYDGSGSVSQAEWVRAG
ATTVPLLVLLGLE
;
_entity_poly.pdbx_strand_id                 A 
_entity_poly.pdbx_target_identifier         ? 
# 
loop_
_pdbx_entity_nonpoly.entity_id 
_pdbx_entity_nonpoly.name 
_pdbx_entity_nonpoly.comp_id 
2 'CALCIUM ION'          CA  
3 GLYCEROL               GOL 
4 'TETRAETHYLENE GLYCOL' PG4 
5 water                  HOH 
# 
loop_
_entity_poly_seq.entity_id 
_entity_poly_seq.num 
_entity_poly_seq.mon_id 
_entity_poly_seq.hetero 
1 1  HIS n 
1 2  MET n 
1 3  GLU n 
1 4  GLY n 
1 5  GLY n 
1 6  ARG n 
1 7  PRO n 
1 8  GLU n 
1 9  ASP n 
1 10 LYS n 
1 11 LEU n 
1 12 GLU n 
1 13 PHE n 
1 14 THR n 
1 15 PHE n 
1 16 LYS n 
1 17 LEU n 
1 18 TYR n 
1 19 ASP n 
1 20 THR n 
1 21 ASP n 
1 22 ARG n 
1 23 ASN n 
1 24 GLY n 
1 25 ILE n 
1 26 LEU n 
1 27 ASP n 
1 28 SER n 
1 29 SER n 
1 30 GLU n 
1 31 VAL n 
1 32 ASP n 
1 33 LYS n 
1 34 ILE n 
1 35 ILE n 
1 36 LEU n 
1 37 GLN n 
1 38 MET n 
1 39 MET n 
1 40 ARG n 
1 41 VAL n 
1 42 ALA n 
1 43 GLU n 
1 44 TYR n 
1 45 LEU n 
1 46 ASP n 
1 47 TRP n 
1 48 ASP n 
1 49 VAL n 
1 50 SER n 
1 51 GLU n 
1 52 LEU n 
1 53 ARG n 
1 54 PRO n 
1 55 ILE n 
1 56 LEU n 
1 57 GLN n 
1 58 GLU n 
1 59 MET n 
1 60 MET n 
1 61 LYS n 
1 62 GLU n 
1 63 ILE n 
1 64 ASP n 
1 65 TYR n 
1 66 ASP n 
1 67 GLY n 
1 68 SER n 
1 69 GLY n 
1 70 SER n 
1 71 VAL n 
1 72 SER n 
1 73 GLN n 
1 74 ALA n 
1 75 GLU n 
1 76 TRP n 
1 77 VAL n 
1 78 ARG n 
1 79 ALA n 
1 80 GLY n 
1 81 ALA n 
1 82 THR n 
1 83 THR n 
1 84 VAL n 
1 85 PRO n 
1 86 LEU n 
1 87 LEU n 
1 88 VAL n 
1 89 LEU n 
1 90 LEU n 
1 91 GLY n 
1 92 LEU n 
1 93 GLU n 
# 
_entity_src_gen.entity_id                          1 
_entity_src_gen.pdbx_src_id                        1 
_entity_src_gen.pdbx_alt_source_flag               sample 
_entity_src_gen.pdbx_seq_type                      'Biological sequence' 
_entity_src_gen.pdbx_beg_seq_num                   1 
_entity_src_gen.pdbx_end_seq_num                   93 
_entity_src_gen.gene_src_common_name               Human 
_entity_src_gen.gene_src_genus                     ? 
_entity_src_gen.pdbx_gene_src_gene                 'DGKA, DAGK, DAGK1' 
_entity_src_gen.gene_src_species                   ? 
_entity_src_gen.gene_src_strain                    ? 
_entity_src_gen.gene_src_tissue                    ? 
_entity_src_gen.gene_src_tissue_fraction           ? 
_entity_src_gen.gene_src_details                   ? 
_entity_src_gen.pdbx_gene_src_fragment             ? 
_entity_src_gen.pdbx_gene_src_scientific_name      'Homo sapiens' 
_entity_src_gen.pdbx_gene_src_ncbi_taxonomy_id     9606 
_entity_src_gen.pdbx_gene_src_variant              ? 
_entity_src_gen.pdbx_gene_src_cell_line            ? 
_entity_src_gen.pdbx_gene_src_atcc                 ? 
_entity_src_gen.pdbx_gene_src_organ                ? 
_entity_src_gen.pdbx_gene_src_organelle            ? 
_entity_src_gen.pdbx_gene_src_cell                 ? 
_entity_src_gen.pdbx_gene_src_cellular_location    ? 
_entity_src_gen.host_org_common_name               ? 
_entity_src_gen.pdbx_host_org_scientific_name      'Escherichia coli' 
_entity_src_gen.pdbx_host_org_ncbi_taxonomy_id     562 
_entity_src_gen.host_org_genus                     ? 
_entity_src_gen.pdbx_host_org_gene                 ? 
_entity_src_gen.pdbx_host_org_organ                ? 
_entity_src_gen.host_org_species                   ? 
_entity_src_gen.pdbx_host_org_tissue               ? 
_entity_src_gen.pdbx_host_org_tissue_fraction      ? 
_entity_src_gen.pdbx_host_org_strain               ? 
_entity_src_gen.pdbx_host_org_variant              ? 
_entity_src_gen.pdbx_host_org_cell_line            ? 
_entity_src_gen.pdbx_host_org_atcc                 ? 
_entity_src_gen.pdbx_host_org_culture_collection   ? 
_entity_src_gen.pdbx_host_org_cell                 ? 
_entity_src_gen.pdbx_host_org_organelle            ? 
_entity_src_gen.pdbx_host_org_cellular_location    ? 
_entity_src_gen.pdbx_host_org_vector_type          ? 
_entity_src_gen.pdbx_host_org_vector               ? 
_entity_src_gen.host_org_details                   ? 
_entity_src_gen.expression_system_id               ? 
_entity_src_gen.plasmid_name                       ? 
_entity_src_gen.plasmid_details                    ? 
_entity_src_gen.pdbx_description                   ? 
# 
loop_
_chem_comp.id 
_chem_comp.type 
_chem_comp.mon_nstd_flag 
_chem_comp.name 
_chem_comp.pdbx_synonyms 
_chem_comp.formula 
_chem_comp.formula_weight 
ALA 'L-peptide linking' y ALANINE                ?                               'C3 H7 N O2'     89.093  
ARG 'L-peptide linking' y ARGININE               ?                               'C6 H15 N4 O2 1' 175.209 
ASN 'L-peptide linking' y ASPARAGINE             ?                               'C4 H8 N2 O3'    132.118 
ASP 'L-peptide linking' y 'ASPARTIC ACID'        ?                               'C4 H7 N O4'     133.103 
CA  non-polymer         . 'CALCIUM ION'          ?                               'Ca 2'           40.078  
GLN 'L-peptide linking' y GLUTAMINE              ?                               'C5 H10 N2 O3'   146.144 
GLU 'L-peptide linking' y 'GLUTAMIC ACID'        ?                               'C5 H9 N O4'     147.129 
GLY 'peptide linking'   y GLYCINE                ?                               'C2 H5 N O2'     75.067  
GOL non-polymer         . GLYCEROL               'GLYCERIN; PROPANE-1,2,3-TRIOL' 'C3 H8 O3'       92.094  
HIS 'L-peptide linking' y HISTIDINE              ?                               'C6 H10 N3 O2 1' 156.162 
HOH non-polymer         . WATER                  ?                               'H2 O'           18.015  
ILE 'L-peptide linking' y ISOLEUCINE             ?                               'C6 H13 N O2'    131.173 
LEU 'L-peptide linking' y LEUCINE                ?                               'C6 H13 N O2'    131.173 
LYS 'L-peptide linking' y LYSINE                 ?                               'C6 H15 N2 O2 1' 147.195 
MET 'L-peptide linking' y METHIONINE             ?                               'C5 H11 N O2 S'  149.211 
PG4 non-polymer         . 'TETRAETHYLENE GLYCOL' ?                               'C8 H18 O5'      194.226 
PHE 'L-peptide linking' y PHENYLALANINE          ?                               'C9 H11 N O2'    165.189 
PRO 'L-peptide linking' y PROLINE                ?                               'C5 H9 N O2'     115.130 
SER 'L-peptide linking' y SERINE                 ?                               'C3 H7 N O3'     105.093 
THR 'L-peptide linking' y THREONINE              ?                               'C4 H9 N O3'     119.119 
TRP 'L-peptide linking' y TRYPTOPHAN             ?                               'C11 H12 N2 O2'  204.225 
TYR 'L-peptide linking' y TYROSINE               ?                               'C9 H11 N O3'    181.189 
VAL 'L-peptide linking' y VALINE                 ?                               'C5 H11 N O2'    117.146 
# 
loop_
_pdbx_poly_seq_scheme.asym_id 
_pdbx_poly_seq_scheme.entity_id 
_pdbx_poly_seq_scheme.seq_id 
_pdbx_poly_seq_scheme.mon_id 
_pdbx_poly_seq_scheme.ndb_seq_num 
_pdbx_poly_seq_scheme.pdb_seq_num 
_pdbx_poly_seq_scheme.auth_seq_num 
_pdbx_poly_seq_scheme.pdb_mon_id 
_pdbx_poly_seq_scheme.auth_mon_id 
_pdbx_poly_seq_scheme.pdb_strand_id 
_pdbx_poly_seq_scheme.pdb_ins_code 
_pdbx_poly_seq_scheme.hetero 
A 1 1  HIS 1  105 ?   ?   ?   A . n 
A 1 2  MET 2  106 ?   ?   ?   A . n 
A 1 3  GLU 3  107 ?   ?   ?   A . n 
A 1 4  GLY 4  108 ?   ?   ?   A . n 
A 1 5  GLY 5  109 ?   ?   ?   A . n 
A 1 6  ARG 6  110 ?   ?   ?   A . n 
A 1 7  PRO 7  111 111 PRO PRO A . n 
A 1 8  GLU 8  112 112 GLU GLU A . n 
A 1 9  ASP 9  113 113 ASP ASP A . n 
A 1 10 LYS 10 114 114 LYS LYS A . n 
A 1 11 LEU 11 115 115 LEU LEU A . n 
A 1 12 GLU 12 116 116 GLU GLU A . n 
A 1 13 PHE 13 117 117 PHE PHE A . n 
A 1 14 THR 14 118 118 THR THR A . n 
A 1 15 PHE 15 119 119 PHE PHE A . n 
A 1 16 LYS 16 120 120 LYS LYS A . n 
A 1 17 LEU 17 121 121 LEU LEU A . n 
A 1 18 TYR 18 122 122 TYR TYR A . n 
A 1 19 ASP 19 123 123 ASP ASP A . n 
A 1 20 THR 20 124 124 THR THR A . n 
A 1 21 ASP 21 125 125 ASP ASP A . n 
A 1 22 ARG 22 126 126 ARG ARG A . n 
A 1 23 ASN 23 127 127 ASN ASN A . n 
A 1 24 GLY 24 128 128 GLY GLY A . n 
A 1 25 ILE 25 129 129 ILE ILE A . n 
A 1 26 LEU 26 130 130 LEU LEU A . n 
A 1 27 ASP 27 131 131 ASP ASP A . n 
A 1 28 SER 28 132 132 SER SER A . n 
A 1 29 SER 29 133 133 SER SER A . n 
A 1 30 GLU 30 134 134 GLU GLU A . n 
A 1 31 VAL 31 135 135 VAL VAL A . n 
A 1 32 ASP 32 136 136 ASP ASP A . n 
A 1 33 LYS 33 137 137 LYS LYS A . n 
A 1 34 ILE 34 138 138 ILE ILE A . n 
A 1 35 ILE 35 139 139 ILE ILE A . n 
A 1 36 LEU 36 140 140 LEU LEU A . n 
A 1 37 GLN 37 141 141 GLN GLN A . n 
A 1 38 MET 38 142 142 MET MET A . n 
A 1 39 MET 39 143 143 MET MET A . n 
A 1 40 ARG 40 144 144 ARG ARG A . n 
A 1 41 VAL 41 145 145 VAL VAL A . n 
A 1 42 ALA 42 146 146 ALA ALA A . n 
A 1 43 GLU 43 147 147 GLU GLU A . n 
A 1 44 TYR 44 148 148 TYR TYR A . n 
A 1 45 LEU 45 149 149 LEU LEU A . n 
A 1 46 ASP 46 150 150 ASP ASP A . n 
A 1 47 TRP 47 151 151 TRP TRP A . n 
A 1 48 ASP 48 152 152 ASP ASP A . n 
A 1 49 VAL 49 153 153 VAL VAL A . n 
A 1 50 SER 50 154 154 SER SER A . n 
A 1 51 GLU 51 155 155 GLU GLU A . n 
A 1 52 LEU 52 156 156 LEU LEU A . n 
A 1 53 ARG 53 157 157 ARG ARG A . n 
A 1 54 PRO 54 158 158 PRO PRO A . n 
A 1 55 ILE 55 159 159 ILE ILE A . n 
A 1 56 LEU 56 160 160 LEU LEU A . n 
A 1 57 GLN 57 161 161 GLN GLN A . n 
A 1 58 GLU 58 162 162 GLU GLU A . n 
A 1 59 MET 59 163 163 MET MET A . n 
A 1 60 MET 60 164 164 MET MET A . n 
A 1 61 LYS 61 165 165 LYS LYS A . n 
A 1 62 GLU 62 166 166 GLU GLU A . n 
A 1 63 ILE 63 167 167 ILE ILE A . n 
A 1 64 ASP 64 168 168 ASP ASP A . n 
A 1 65 TYR 65 169 169 TYR TYR A . n 
A 1 66 ASP 66 170 170 ASP ASP A . n 
A 1 67 GLY 67 171 171 GLY GLY A . n 
A 1 68 SER 68 172 172 SER SER A . n 
A 1 69 GLY 69 173 173 GLY GLY A . n 
A 1 70 SER 70 174 174 SER SER A . n 
A 1 71 VAL 71 175 175 VAL VAL A . n 
A 1 72 SER 72 176 176 SER SER A . n 
A 1 73 GLN 73 177 177 GLN GLN A . n 
A 1 74 ALA 74 178 178 ALA ALA A . n 
A 1 75 GLU 75 179 179 GLU GLU A . n 
A 1 76 TRP 76 180 180 TRP TRP A . n 
A 1 77 VAL 77 181 181 VAL VAL A . n 
A 1 78 ARG 78 182 182 ARG ARG A . n 
A 1 79 ALA 79 183 183 ALA ALA A . n 
A 1 80 GLY 80 184 184 GLY GLY A . n 
A 1 81 ALA 81 185 185 ALA ALA A . n 
A 1 82 THR 82 186 186 THR THR A . n 
A 1 83 THR 83 187 187 THR THR A . n 
A 1 84 VAL 84 188 188 VAL VAL A . n 
A 1 85 PRO 85 189 189 PRO PRO A . n 
A 1 86 LEU 86 190 190 LEU LEU A . n 
A 1 87 LEU 87 191 191 LEU LEU A . n 
A 1 88 VAL 88 192 192 VAL VAL A . n 
A 1 89 LEU 89 193 193 LEU LEU A . n 
A 1 90 LEU 90 194 194 LEU LEU A . n 
A 1 91 GLY 91 195 195 GLY GLY A . n 
A 1 92 LEU 92 196 196 LEU LEU A . n 
A 1 93 GLU 93 197 197 GLU GLU A . n 
# 
loop_
_pdbx_nonpoly_scheme.asym_id 
_pdbx_nonpoly_scheme.entity_id 
_pdbx_nonpoly_scheme.mon_id 
_pdbx_nonpoly_scheme.ndb_seq_num 
_pdbx_nonpoly_scheme.pdb_seq_num 
_pdbx_nonpoly_scheme.auth_seq_num 
_pdbx_nonpoly_scheme.pdb_mon_id 
_pdbx_nonpoly_scheme.auth_mon_id 
_pdbx_nonpoly_scheme.pdb_strand_id 
_pdbx_nonpoly_scheme.pdb_ins_code 
B 2 CA  1 201 1  CA  CA  A . 
C 2 CA  1 202 2  CA  CA  A . 
D 3 GOL 1 203 1  GOL GOL A . 
E 3 GOL 1 204 2  GOL GOL A . 
F 4 PG4 1 205 1  PG4 PG4 A . 
G 4 PG4 1 206 2  PG4 PG4 A . 
H 5 HOH 1 301 9  HOH HOH A . 
H 5 HOH 2 302 10 HOH HOH A . 
H 5 HOH 3 303 12 HOH HOH A . 
H 5 HOH 4 304 2  HOH HOH A . 
H 5 HOH 5 305 7  HOH HOH A . 
H 5 HOH 6 306 1  HOH HOH A . 
H 5 HOH 7 307 6  HOH HOH A . 
H 5 HOH 8 308 3  HOH HOH A . 
H 5 HOH 9 309 11 HOH HOH A . 
# 
loop_
_pdbx_unobs_or_zero_occ_atoms.id 
_pdbx_unobs_or_zero_occ_atoms.PDB_model_num 
_pdbx_unobs_or_zero_occ_atoms.polymer_flag 
_pdbx_unobs_or_zero_occ_atoms.occupancy_flag 
_pdbx_unobs_or_zero_occ_atoms.auth_asym_id 
_pdbx_unobs_or_zero_occ_atoms.auth_comp_id 
_pdbx_unobs_or_zero_occ_atoms.auth_seq_id 
_pdbx_unobs_or_zero_occ_atoms.PDB_ins_code 
_pdbx_unobs_or_zero_occ_atoms.auth_atom_id 
_pdbx_unobs_or_zero_occ_atoms.label_alt_id 
_pdbx_unobs_or_zero_occ_atoms.label_asym_id 
_pdbx_unobs_or_zero_occ_atoms.label_comp_id 
_pdbx_unobs_or_zero_occ_atoms.label_seq_id 
_pdbx_unobs_or_zero_occ_atoms.label_atom_id 
1 1 Y 1 A LYS 165 ? CD ? A LYS 61 CD 
2 1 Y 1 A LYS 165 ? CE ? A LYS 61 CE 
3 1 Y 1 A LYS 165 ? NZ ? A LYS 61 NZ 
# 
loop_
_software.citation_id 
_software.classification 
_software.compiler_name 
_software.compiler_version 
_software.contact_author 
_software.contact_author_email 
_software.date 
_software.description 
_software.dependencies 
_software.hardware 
_software.language 
_software.location 
_software.mods 
_software.name 
_software.os 
_software.os_version 
_software.type 
_software.version 
_software.pdbx_ordinal 
? refinement        ? ? ? ? ? ? ? ? ? ? ? PHENIX      ? ? ? 1.12_2829 1 
? 'data reduction'  ? ? ? ? ? ? ? ? ? ? ? XDS         ? ? ? .         2 
? 'data scaling'    ? ? ? ? ? ? ? ? ? ? ? XSCALE      ? ? ? .         3 
? 'data extraction' ? ? ? ? ? ? ? ? ? ? ? PDB_EXTRACT ? ? ? 3.24      4 
? phasing           ? ? ? ? ? ? ? ? ? ? ? AutoSol     ? ? ? .         5 
? 'model building'  ? ? ? ? ? ? ? ? ? ? ? Coot        ? ? ? .         6 
? 'model building'  ? ? ? ? ? ? ? ? ? ? ? PHENIX      ? ? ? .         7 
# 
_cell.angle_alpha                  90.000 
_cell.angle_alpha_esd              ? 
_cell.angle_beta                   90.000 
_cell.angle_beta_esd               ? 
_cell.angle_gamma                  120.000 
_cell.angle_gamma_esd              ? 
_cell.entry_id                     6IIE 
_cell.details                      ? 
_cell.formula_units_Z              ? 
_cell.length_a                     58.190 
_cell.length_a_esd                 ? 
_cell.length_b                     58.190 
_cell.length_b_esd                 ? 
_cell.length_c                     61.120 
_cell.length_c_esd                 ? 
_cell.volume                       ? 
_cell.volume_esd                   ? 
_cell.Z_PDB                        6 
_cell.reciprocal_angle_alpha       ? 
_cell.reciprocal_angle_beta        ? 
_cell.reciprocal_angle_gamma       ? 
_cell.reciprocal_angle_alpha_esd   ? 
_cell.reciprocal_angle_beta_esd    ? 
_cell.reciprocal_angle_gamma_esd   ? 
_cell.reciprocal_length_a          ? 
_cell.reciprocal_length_b          ? 
_cell.reciprocal_length_c          ? 
_cell.reciprocal_length_a_esd      ? 
_cell.reciprocal_length_b_esd      ? 
_cell.reciprocal_length_c_esd      ? 
_cell.pdbx_unique_axis             ? 
# 
_symmetry.entry_id                         6IIE 
_symmetry.cell_setting                     ? 
_symmetry.Int_Tables_number                154 
_symmetry.space_group_name_Hall            ? 
_symmetry.space_group_name_H-M             'P 32 2 1' 
_symmetry.pdbx_full_space_group_name_H-M   ? 
# 
_exptl.absorpt_coefficient_mu     ? 
_exptl.absorpt_correction_T_max   ? 
_exptl.absorpt_correction_T_min   ? 
_exptl.absorpt_correction_type    ? 
_exptl.absorpt_process_details    ? 
_exptl.entry_id                   6IIE 
_exptl.crystals_number            1 
_exptl.details                    ? 
_exptl.method                     'X-RAY DIFFRACTION' 
_exptl.method_details             ? 
# 
_exptl_crystal.colour                      ? 
_exptl_crystal.density_diffrn              ? 
_exptl_crystal.density_Matthews            2.82 
_exptl_crystal.density_method              ? 
_exptl_crystal.density_percent_sol         56.33 
_exptl_crystal.description                 ? 
_exptl_crystal.F_000                       ? 
_exptl_crystal.id                          1 
_exptl_crystal.preparation                 ? 
_exptl_crystal.size_max                    ? 
_exptl_crystal.size_mid                    ? 
_exptl_crystal.size_min                    ? 
_exptl_crystal.size_rad                    ? 
_exptl_crystal.colour_lustre               ? 
_exptl_crystal.colour_modifier             ? 
_exptl_crystal.colour_primary              ? 
_exptl_crystal.density_meas                ? 
_exptl_crystal.density_meas_esd            ? 
_exptl_crystal.density_meas_gt             ? 
_exptl_crystal.density_meas_lt             ? 
_exptl_crystal.density_meas_temp           ? 
_exptl_crystal.density_meas_temp_esd       ? 
_exptl_crystal.density_meas_temp_gt        ? 
_exptl_crystal.density_meas_temp_lt        ? 
_exptl_crystal.pdbx_crystal_image_url      ? 
_exptl_crystal.pdbx_crystal_image_format   ? 
_exptl_crystal.pdbx_mosaicity              ? 
_exptl_crystal.pdbx_mosaicity_esd          ? 
# 
_exptl_crystal_grow.apparatus       ? 
_exptl_crystal_grow.atmosphere      ? 
_exptl_crystal_grow.crystal_id      1 
_exptl_crystal_grow.details         ? 
_exptl_crystal_grow.method          'VAPOR DIFFUSION, SITTING DROP' 
_exptl_crystal_grow.method_ref      ? 
_exptl_crystal_grow.pH              7.0 
_exptl_crystal_grow.pressure        ? 
_exptl_crystal_grow.pressure_esd    ? 
_exptl_crystal_grow.seeding         ? 
_exptl_crystal_grow.seeding_ref     ? 
_exptl_crystal_grow.temp            296 
_exptl_crystal_grow.temp_details    ? 
_exptl_crystal_grow.temp_esd        ? 
_exptl_crystal_grow.time            ? 
_exptl_crystal_grow.pdbx_details    '0.1 M HEPES, 1.0 M succinic acid, 2 % PEG monomethyl ether 2000, 10 % glycerol' 
_exptl_crystal_grow.pdbx_pH_range   ? 
# 
loop_
_diffrn.ambient_environment 
_diffrn.ambient_temp 
_diffrn.ambient_temp_details 
_diffrn.ambient_temp_esd 
_diffrn.crystal_id 
_diffrn.crystal_support 
_diffrn.crystal_treatment 
_diffrn.details 
_diffrn.id 
_diffrn.ambient_pressure 
_diffrn.ambient_pressure_esd 
_diffrn.ambient_pressure_gt 
_diffrn.ambient_pressure_lt 
_diffrn.ambient_temp_gt 
_diffrn.ambient_temp_lt 
_diffrn.pdbx_serial_crystal_experiment 
? 100 ? ? 1 ? ? ? 1 ? ? ? ? ? ? N 
? 100 ? ? 1 ? ? ? 2 ? ? ? ? ? ? Y 
# 
loop_
_diffrn_detector.details 
_diffrn_detector.detector 
_diffrn_detector.diffrn_id 
_diffrn_detector.type 
_diffrn_detector.area_resol_mean 
_diffrn_detector.dtime 
_diffrn_detector.pdbx_frames_total 
_diffrn_detector.pdbx_collection_time_total 
_diffrn_detector.pdbx_collection_date 
_diffrn_detector.pdbx_frequency 
? PIXEL 1 'DECTRIS EIGER X 4M' ? ? ? ? 2017-11-27 ? 
? PIXEL 2 'DECTRIS EIGER X 4M' ? ? ? ? 2018-03-06 ? 
# 
_diffrn_radiation.collimation                      ? 
_diffrn_radiation.diffrn_id                        1 
_diffrn_radiation.filter_edge                      ? 
_diffrn_radiation.inhomogeneity                    ? 
_diffrn_radiation.monochromator                    'Cryo-cooled channel-cut Si(111)' 
_diffrn_radiation.polarisn_norm                    ? 
_diffrn_radiation.polarisn_ratio                   ? 
_diffrn_radiation.probe                            ? 
_diffrn_radiation.type                             ? 
_diffrn_radiation.xray_symbol                      ? 
_diffrn_radiation.wavelength_id                    1 
_diffrn_radiation.pdbx_monochromatic_or_laue_m_l   M 
_diffrn_radiation.pdbx_wavelength_list             ? 
_diffrn_radiation.pdbx_wavelength                  ? 
_diffrn_radiation.pdbx_diffrn_protocol             'SINGLE WAVELENGTH' 
_diffrn_radiation.pdbx_analyzer                    ? 
_diffrn_radiation.pdbx_scattering_type             x-ray 
# 
_diffrn_radiation_wavelength.id           1 
_diffrn_radiation_wavelength.wavelength   1.1 
_diffrn_radiation_wavelength.wt           1.0 
# 
_diffrn_source.current                     ? 
_diffrn_source.details                     ? 
_diffrn_source.diffrn_id                   1 
_diffrn_source.power                       ? 
_diffrn_source.size                        ? 
_diffrn_source.source                      SYNCHROTRON 
_diffrn_source.target                      ? 
_diffrn_source.type                        'PHOTON FACTORY BEAMLINE BL-1A' 
_diffrn_source.voltage                     ? 
_diffrn_source.take-off_angle              ? 
_diffrn_source.pdbx_wavelength_list        1.1 
_diffrn_source.pdbx_wavelength             ? 
_diffrn_source.pdbx_synchrotron_beamline   BL-1A 
_diffrn_source.pdbx_synchrotron_site       'Photon Factory' 
# 
loop_
_reflns.B_iso_Wilson_estimate 
_reflns.entry_id 
_reflns.data_reduction_details 
_reflns.data_reduction_method 
_reflns.d_resolution_high 
_reflns.d_resolution_low 
_reflns.details 
_reflns.limit_h_max 
_reflns.limit_h_min 
_reflns.limit_k_max 
_reflns.limit_k_min 
_reflns.limit_l_max 
_reflns.limit_l_min 
_reflns.number_all 
_reflns.number_obs 
_reflns.observed_criterion 
_reflns.observed_criterion_F_max 
_reflns.observed_criterion_F_min 
_reflns.observed_criterion_I_max 
_reflns.observed_criterion_I_min 
_reflns.observed_criterion_sigma_F 
_reflns.observed_criterion_sigma_I 
_reflns.percent_possible_obs 
_reflns.R_free_details 
_reflns.Rmerge_F_all 
_reflns.Rmerge_F_obs 
_reflns.Friedel_coverage 
_reflns.number_gt 
_reflns.threshold_expression 
_reflns.pdbx_redundancy 
_reflns.pdbx_Rmerge_I_obs 
_reflns.pdbx_Rmerge_I_all 
_reflns.pdbx_Rsym_value 
_reflns.pdbx_netI_over_av_sigmaI 
_reflns.pdbx_netI_over_sigmaI 
_reflns.pdbx_res_netI_over_av_sigmaI_2 
_reflns.pdbx_res_netI_over_sigmaI_2 
_reflns.pdbx_chi_squared 
_reflns.pdbx_scaling_rejects 
_reflns.pdbx_d_res_high_opt 
_reflns.pdbx_d_res_low_opt 
_reflns.pdbx_d_res_opt_method 
_reflns.phase_calculation_details 
_reflns.pdbx_Rrim_I_all 
_reflns.pdbx_Rpim_I_all 
_reflns.pdbx_d_opt 
_reflns.pdbx_number_measured_all 
_reflns.pdbx_diffrn_id 
_reflns.pdbx_ordinal 
_reflns.pdbx_CC_half 
_reflns.pdbx_R_split 
44.490 6IIE ? ? 2.1420 50 ? ? ? ? ? ? ? ? 6876 ? ? ? ? ? ? ? 99.9 ? ? ? ? ? ? 9.7  0.083 ? 0.083 ? 15.13 ? ? ? ? ? ? ? ? ? 0.028 ? 
? 1 1 0.998 ? 
44.490 6IIE ? ? 2.75   50 ? ? ? ? ? ? ? ? 5693 ? ? ? ? ? ? ? 98.5 ? ? ? ? ? ? 34.4 0.148 ? 0.148 ? 15.54 ? ? ? ? ? ? ? ? ? 0.149 ? 
? 2 2 0.999 ? 
# 
loop_
_reflns_shell.d_res_high 
_reflns_shell.d_res_low 
_reflns_shell.meanI_over_sigI_all 
_reflns_shell.meanI_over_sigI_obs 
_reflns_shell.number_measured_all 
_reflns_shell.number_measured_obs 
_reflns_shell.number_possible 
_reflns_shell.number_unique_all 
_reflns_shell.number_unique_obs 
_reflns_shell.percent_possible_all 
_reflns_shell.percent_possible_obs 
_reflns_shell.Rmerge_F_all 
_reflns_shell.Rmerge_F_obs 
_reflns_shell.Rmerge_I_all 
_reflns_shell.Rmerge_I_obs 
_reflns_shell.meanI_over_sigI_gt 
_reflns_shell.meanI_over_uI_all 
_reflns_shell.meanI_over_uI_gt 
_reflns_shell.number_measured_gt 
_reflns_shell.number_unique_gt 
_reflns_shell.percent_possible_gt 
_reflns_shell.Rmerge_F_gt 
_reflns_shell.Rmerge_I_gt 
_reflns_shell.pdbx_redundancy 
_reflns_shell.pdbx_Rsym_value 
_reflns_shell.pdbx_chi_squared 
_reflns_shell.pdbx_netI_over_sigmaI_all 
_reflns_shell.pdbx_netI_over_sigmaI_obs 
_reflns_shell.pdbx_Rrim_I_all 
_reflns_shell.pdbx_Rpim_I_all 
_reflns_shell.pdbx_rejects 
_reflns_shell.pdbx_ordinal 
_reflns_shell.pdbx_diffrn_id 
_reflns_shell.pdbx_CC_half 
_reflns_shell.pdbx_R_split 
2.1420 2.270  ? 2.910  ? ? ? ? 1079 99.200  ? ? ? ? 0.661 ? ? ? ? ? ? ? ? 9.880  ? ? ? ? 0.698 ? ? 1 1 0.881 ? 
2.270  2.430  ? 4.840  ? ? ? ? 1026 100.000 ? ? ? ? 0.434 ? ? ? ? ? ? ? ? 10.065 ? ? ? ? 0.457 ? ? 2 1 0.952 ? 
2.430  2.620  ? 7.360  ? ? ? ? 949  100.000 ? ? ? ? 0.297 ? ? ? ? ? ? ? ? 9.936  ? ? ? ? 0.313 ? ? 3 1 0.969 ? 
2.620  2.870  ? 11.330 ? ? ? ? 884  100.000 ? ? ? ? 0.185 ? ? ? ? ? ? ? ? 9.828  ? ? ? ? 0.196 ? ? 4 1 0.990 ? 
2.870  3.210  ? 16.420 ? ? ? ? 814  100.000 ? ? ? ? 0.115 ? ? ? ? ? ? ? ? 9.230  ? ? ? ? 0.122 ? ? 5 1 0.995 ? 
3.210  3.700  ? 24.340 ? ? ? ? 715  100.000 ? ? ? ? 0.074 ? ? ? ? ? ? ? ? 8.887  ? ? ? ? 0.078 ? ? 6 1 0.997 ? 
3.700  4.520  ? 33.470 ? ? ? ? 620  100.000 ? ? ? ? 0.060 ? ? ? ? ? ? ? ? 9.824  ? ? ? ? 0.063 ? ? 7 1 0.998 ? 
4.520  6.350  ? 34.130 ? ? ? ? 489  100.000 ? ? ? ? 0.056 ? ? ? ? ? ? ? ? 9.769  ? ? ? ? 0.059 ? ? 8 1 0.998 ? 
6.350  38.880 ? 35.820 ? ? ? ? 300  99.700  ? ? ? ? 0.055 ? ? ? ? ? ? ? ? 8.697  ? ? ? ? 0.059 ? ? 9 1 0.996 ? 
# 
_refine.aniso_B[1][1]                            ? 
_refine.aniso_B[1][2]                            ? 
_refine.aniso_B[1][3]                            ? 
_refine.aniso_B[2][2]                            ? 
_refine.aniso_B[2][3]                            ? 
_refine.aniso_B[3][3]                            ? 
_refine.B_iso_max                                143.600 
_refine.B_iso_mean                               60.0560 
_refine.B_iso_min                                30.720 
_refine.correlation_coeff_Fo_to_Fc               ? 
_refine.correlation_coeff_Fo_to_Fc_free          ? 
_refine.details                                  ? 
_refine.diff_density_max                         ? 
_refine.diff_density_max_esd                     ? 
_refine.diff_density_min                         ? 
_refine.diff_density_min_esd                     ? 
_refine.diff_density_rms                         ? 
_refine.diff_density_rms_esd                     ? 
_refine.entry_id                                 6IIE 
_refine.pdbx_refine_id                           'X-RAY DIFFRACTION' 
_refine.ls_abs_structure_details                 ? 
_refine.ls_abs_structure_Flack                   ? 
_refine.ls_abs_structure_Flack_esd               ? 
_refine.ls_abs_structure_Rogers                  ? 
_refine.ls_abs_structure_Rogers_esd              ? 
_refine.ls_d_res_high                            2.1420 
_refine.ls_d_res_low                             38.8820 
_refine.ls_extinction_coef                       ? 
_refine.ls_extinction_coef_esd                   ? 
_refine.ls_extinction_expression                 ? 
_refine.ls_extinction_method                     ? 
_refine.ls_goodness_of_fit_all                   ? 
_refine.ls_goodness_of_fit_all_esd               ? 
_refine.ls_goodness_of_fit_obs                   ? 
_refine.ls_goodness_of_fit_obs_esd               ? 
_refine.ls_hydrogen_treatment                    ? 
_refine.ls_matrix_type                           ? 
_refine.ls_number_constraints                    ? 
_refine.ls_number_parameters                     ? 
_refine.ls_number_reflns_all                     ? 
_refine.ls_number_reflns_obs                     6875 
_refine.ls_number_reflns_R_free                  344 
_refine.ls_number_reflns_R_work                  ? 
_refine.ls_number_restraints                     ? 
_refine.ls_percent_reflns_obs                    99.8500 
_refine.ls_percent_reflns_R_free                 5.0000 
_refine.ls_R_factor_all                          ? 
_refine.ls_R_factor_obs                          0.1879 
_refine.ls_R_factor_R_free                       0.2376 
_refine.ls_R_factor_R_free_error                 ? 
_refine.ls_R_factor_R_free_error_details         ? 
_refine.ls_R_factor_R_work                       0.1854 
_refine.ls_R_Fsqd_factor_obs                     ? 
_refine.ls_R_I_factor_obs                        ? 
_refine.ls_redundancy_reflns_all                 ? 
_refine.ls_redundancy_reflns_obs                 ? 
_refine.ls_restrained_S_all                      ? 
_refine.ls_restrained_S_obs                      ? 
_refine.ls_shift_over_esd_max                    ? 
_refine.ls_shift_over_esd_mean                   ? 
_refine.ls_structure_factor_coef                 ? 
_refine.ls_weighting_details                     ? 
_refine.ls_weighting_scheme                      ? 
_refine.ls_wR_factor_all                         ? 
_refine.ls_wR_factor_obs                         ? 
_refine.ls_wR_factor_R_free                      ? 
_refine.ls_wR_factor_R_work                      ? 
_refine.occupancy_max                            ? 
_refine.occupancy_min                            ? 
_refine.solvent_model_details                    ? 
_refine.solvent_model_param_bsol                 ? 
_refine.solvent_model_param_ksol                 ? 
_refine.ls_R_factor_gt                           ? 
_refine.ls_goodness_of_fit_gt                    ? 
_refine.ls_goodness_of_fit_ref                   ? 
_refine.ls_shift_over_su_max                     ? 
_refine.ls_shift_over_su_max_lt                  ? 
_refine.ls_shift_over_su_mean                    ? 
_refine.ls_shift_over_su_mean_lt                 ? 
_refine.pdbx_ls_sigma_I                          ? 
_refine.pdbx_ls_sigma_F                          1.390 
_refine.pdbx_ls_sigma_Fsqd                       ? 
_refine.pdbx_data_cutoff_high_absF               ? 
_refine.pdbx_data_cutoff_high_rms_absF           ? 
_refine.pdbx_data_cutoff_low_absF                ? 
_refine.pdbx_isotropic_thermal_model             ? 
_refine.pdbx_ls_cross_valid_method               THROUGHOUT 
_refine.pdbx_method_to_determine_struct          SAD 
_refine.pdbx_starting_model                      ? 
_refine.pdbx_stereochemistry_target_values       ? 
_refine.pdbx_R_Free_selection_details            ? 
_refine.pdbx_stereochem_target_val_spec_case     ? 
_refine.pdbx_overall_ESU_R                       ? 
_refine.pdbx_overall_ESU_R_Free                  ? 
_refine.pdbx_solvent_vdw_probe_radii             1.1100 
_refine.pdbx_solvent_ion_probe_radii             ? 
_refine.pdbx_solvent_shrinkage_radii             0.9000 
_refine.pdbx_real_space_R                        ? 
_refine.pdbx_density_correlation                 ? 
_refine.pdbx_pd_number_of_powder_patterns        ? 
_refine.pdbx_pd_number_of_points                 ? 
_refine.pdbx_pd_meas_number_of_points            ? 
_refine.pdbx_pd_proc_ls_prof_R_factor            ? 
_refine.pdbx_pd_proc_ls_prof_wR_factor           ? 
_refine.pdbx_pd_Marquardt_correlation_coeff      ? 
_refine.pdbx_pd_Fsqrd_R_factor                   ? 
_refine.pdbx_pd_ls_matrix_band_width             ? 
_refine.pdbx_overall_phase_error                 26.9400 
_refine.pdbx_overall_SU_R_free_Cruickshank_DPI   ? 
_refine.pdbx_overall_SU_R_free_Blow_DPI          ? 
_refine.pdbx_overall_SU_R_Blow_DPI               ? 
_refine.pdbx_TLS_residual_ADP_flag               ? 
_refine.pdbx_diffrn_id                           1 
_refine.overall_SU_B                             ? 
_refine.overall_SU_ML                            0.2300 
_refine.overall_SU_R_Cruickshank_DPI             ? 
_refine.overall_SU_R_free                        ? 
_refine.overall_FOM_free_R_set                   ? 
_refine.overall_FOM_work_R_set                   ? 
_refine.pdbx_average_fsc_overall                 ? 
_refine.pdbx_average_fsc_work                    ? 
_refine.pdbx_average_fsc_free                    ? 
# 
_refine_hist.cycle_id                         final 
_refine_hist.pdbx_refine_id                   'X-RAY DIFFRACTION' 
_refine_hist.d_res_high                       2.1420 
_refine_hist.d_res_low                        38.8820 
_refine_hist.pdbx_number_atoms_ligand         40 
_refine_hist.number_atoms_solvent             9 
_refine_hist.number_atoms_total               743 
_refine_hist.pdbx_number_residues_total       87 
_refine_hist.pdbx_B_iso_mean_ligand           73.76 
_refine_hist.pdbx_B_iso_mean_solvent          48.26 
_refine_hist.pdbx_number_atoms_protein        694 
_refine_hist.pdbx_number_atoms_nucleic_acid   0 
# 
loop_
_refine_ls_restr.pdbx_refine_id 
_refine_ls_restr.criterion 
_refine_ls_restr.dev_ideal 
_refine_ls_restr.dev_ideal_target 
_refine_ls_restr.number 
_refine_ls_restr.rejects 
_refine_ls_restr.type 
_refine_ls_restr.weight 
_refine_ls_restr.pdbx_restraint_function 
'X-RAY DIFFRACTION' ? 0.013 ? 746 ? f_bond_d           ? ? 
'X-RAY DIFFRACTION' ? 1.315 ? 998 ? f_angle_d          ? ? 
'X-RAY DIFFRACTION' ? 0.069 ? 111 ? f_chiral_restr     ? ? 
'X-RAY DIFFRACTION' ? 0.007 ? 124 ? f_plane_restr      ? ? 
'X-RAY DIFFRACTION' ? 8.402 ? 628 ? f_dihedral_angle_d ? ? 
# 
loop_
_refine_ls_shell.pdbx_refine_id 
_refine_ls_shell.d_res_high 
_refine_ls_shell.d_res_low 
_refine_ls_shell.number_reflns_all 
_refine_ls_shell.number_reflns_obs 
_refine_ls_shell.number_reflns_R_free 
_refine_ls_shell.number_reflns_R_work 
_refine_ls_shell.percent_reflns_obs 
_refine_ls_shell.percent_reflns_R_free 
_refine_ls_shell.R_factor_all 
_refine_ls_shell.R_factor_obs 
_refine_ls_shell.R_factor_R_free 
_refine_ls_shell.R_factor_R_free_error 
_refine_ls_shell.R_factor_R_work 
_refine_ls_shell.redundancy_reflns_all 
_refine_ls_shell.redundancy_reflns_obs 
_refine_ls_shell.wR_factor_all 
_refine_ls_shell.wR_factor_obs 
_refine_ls_shell.wR_factor_R_free 
_refine_ls_shell.wR_factor_R_work 
_refine_ls_shell.pdbx_total_number_of_bins_used 
_refine_ls_shell.pdbx_phase_error 
_refine_ls_shell.pdbx_fsc_work 
_refine_ls_shell.pdbx_fsc_free 
'X-RAY DIFFRACTION' 2.1425 2.6992  3364 . 168 3196 100.0000 . . . 0.2679 0.0000 0.2172 . . . . . . 2 . . . 
'X-RAY DIFFRACTION' 2.6992 38.8883 3511 . 176 3335 100.0000 . . . 0.2296 0.0000 0.1778 . . . . . . 2 . . . 
# 
_struct.entry_id                     6IIE 
_struct.title                        'Crystal structure of human diacylglycerol kinase alpha EF-hand domains bound to Ca2+' 
_struct.pdbx_model_details           ? 
_struct.pdbx_formula_weight          ? 
_struct.pdbx_formula_weight_method   ? 
_struct.pdbx_model_type_details      ? 
_struct.pdbx_CASP_flag               N 
# 
_struct_keywords.entry_id        6IIE 
_struct_keywords.text            
;Lipid kinase, diaclyglycerol, diacylglycerol kinase, EF-hand, calcium binding proteins, ligand mimic helix, dimer formation, TRANSFERASE
;
_struct_keywords.pdbx_keywords   TRANSFERASE 
# 
loop_
_struct_asym.id 
_struct_asym.pdbx_blank_PDB_chainid_flag 
_struct_asym.pdbx_modified 
_struct_asym.entity_id 
_struct_asym.details 
A N N 1 ? 
B N N 2 ? 
C N N 2 ? 
D N N 3 ? 
E N N 3 ? 
F N N 4 ? 
G N N 4 ? 
H N N 5 ? 
# 
_struct_ref.id                         1 
_struct_ref.db_name                    UNP 
_struct_ref.db_code                    DGKA_HUMAN 
_struct_ref.pdbx_db_accession          P23743 
_struct_ref.pdbx_db_isoform            ? 
_struct_ref.entity_id                  1 
_struct_ref.pdbx_seq_one_letter_code   
;EGGRPEDKLEFTFKLYDTDRNGILDSSEVDKIILQMMRVAEYLDWDVSELRPILQEMMKEIDYDGSGSVSQAEWVRAGAT
TVPLLVLLGLE
;
_struct_ref.pdbx_align_begin           107 
# 
_struct_ref_seq.align_id                      1 
_struct_ref_seq.ref_id                        1 
_struct_ref_seq.pdbx_PDB_id_code              6IIE 
_struct_ref_seq.pdbx_strand_id                A 
_struct_ref_seq.seq_align_beg                 3 
_struct_ref_seq.pdbx_seq_align_beg_ins_code   ? 
_struct_ref_seq.seq_align_end                 93 
_struct_ref_seq.pdbx_seq_align_end_ins_code   ? 
_struct_ref_seq.pdbx_db_accession             P23743 
_struct_ref_seq.db_align_beg                  107 
_struct_ref_seq.pdbx_db_align_beg_ins_code    ? 
_struct_ref_seq.db_align_end                  197 
_struct_ref_seq.pdbx_db_align_end_ins_code    ? 
_struct_ref_seq.pdbx_auth_seq_align_beg       107 
_struct_ref_seq.pdbx_auth_seq_align_end       197 
# 
loop_
_struct_ref_seq_dif.align_id 
_struct_ref_seq_dif.pdbx_pdb_id_code 
_struct_ref_seq_dif.mon_id 
_struct_ref_seq_dif.pdbx_pdb_strand_id 
_struct_ref_seq_dif.seq_num 
_struct_ref_seq_dif.pdbx_pdb_ins_code 
_struct_ref_seq_dif.pdbx_seq_db_name 
_struct_ref_seq_dif.pdbx_seq_db_accession_code 
_struct_ref_seq_dif.db_mon_id 
_struct_ref_seq_dif.pdbx_seq_db_seq_num 
_struct_ref_seq_dif.details 
_struct_ref_seq_dif.pdbx_auth_seq_num 
_struct_ref_seq_dif.pdbx_ordinal 
1 6IIE HIS A 1 ? UNP P23743 ? ? 'expression tag' 105 1 
1 6IIE MET A 2 ? UNP P23743 ? ? 'expression tag' 106 2 
# 
_pdbx_struct_assembly.id                   1 
_pdbx_struct_assembly.details              author_and_software_defined_assembly 
_pdbx_struct_assembly.method_details       PISA 
_pdbx_struct_assembly.oligomeric_details   monomeric 
_pdbx_struct_assembly.oligomeric_count     1 
# 
loop_
_pdbx_struct_assembly_prop.biol_id 
_pdbx_struct_assembly_prop.type 
_pdbx_struct_assembly_prop.value 
_pdbx_struct_assembly_prop.details 
1 'ABSA (A^2)' 90   ? 
1 MORE         -12  ? 
1 'SSA (A^2)'  5640 ? 
# 
_pdbx_struct_assembly_gen.assembly_id       1 
_pdbx_struct_assembly_gen.oper_expression   1 
_pdbx_struct_assembly_gen.asym_id_list      A,B,C,D,E,F,G,H 
# 
_pdbx_struct_assembly_auth_evidence.id                     1 
_pdbx_struct_assembly_auth_evidence.assembly_id            1 
_pdbx_struct_assembly_auth_evidence.experimental_support   'gel filtration' 
_pdbx_struct_assembly_auth_evidence.details                ? 
# 
_pdbx_struct_oper_list.id                   1 
_pdbx_struct_oper_list.type                 'identity operation' 
_pdbx_struct_oper_list.name                 1_555 
_pdbx_struct_oper_list.symmetry_operation   x,y,z 
_pdbx_struct_oper_list.matrix[1][1]         1.0000000000 
_pdbx_struct_oper_list.matrix[1][2]         0.0000000000 
_pdbx_struct_oper_list.matrix[1][3]         0.0000000000 
_pdbx_struct_oper_list.vector[1]            0.0000000000 
_pdbx_struct_oper_list.matrix[2][1]         0.0000000000 
_pdbx_struct_oper_list.matrix[2][2]         1.0000000000 
_pdbx_struct_oper_list.matrix[2][3]         0.0000000000 
_pdbx_struct_oper_list.vector[2]            0.0000000000 
_pdbx_struct_oper_list.matrix[3][1]         0.0000000000 
_pdbx_struct_oper_list.matrix[3][2]         0.0000000000 
_pdbx_struct_oper_list.matrix[3][3]         1.0000000000 
_pdbx_struct_oper_list.vector[3]            0.0000000000 
# 
loop_
_struct_conf.conf_type_id 
_struct_conf.id 
_struct_conf.pdbx_PDB_helix_id 
_struct_conf.beg_label_comp_id 
_struct_conf.beg_label_asym_id 
_struct_conf.beg_label_seq_id 
_struct_conf.pdbx_beg_PDB_ins_code 
_struct_conf.end_label_comp_id 
_struct_conf.end_label_asym_id 
_struct_conf.end_label_seq_id 
_struct_conf.pdbx_end_PDB_ins_code 
_struct_conf.beg_auth_comp_id 
_struct_conf.beg_auth_asym_id 
_struct_conf.beg_auth_seq_id 
_struct_conf.end_auth_comp_id 
_struct_conf.end_auth_asym_id 
_struct_conf.end_auth_seq_id 
_struct_conf.pdbx_PDB_helix_class 
_struct_conf.details 
_struct_conf.pdbx_PDB_helix_length 
HELX_P HELX_P1 AA1 PRO A 7  ? ASP A 19 ? PRO A 111 ASP A 123 1 ? 13 
HELX_P HELX_P2 AA2 ASP A 27 ? LEU A 45 ? ASP A 131 LEU A 149 1 ? 19 
HELX_P HELX_P3 AA3 LEU A 52 ? ASP A 64 ? LEU A 156 ASP A 168 1 ? 13 
HELX_P HELX_P4 AA4 GLN A 73 ? THR A 82 ? GLN A 177 THR A 186 1 ? 10 
HELX_P HELX_P5 AA5 PRO A 85 ? LEU A 90 ? PRO A 189 LEU A 194 1 ? 6  
# 
_struct_conf_type.id          HELX_P 
_struct_conf_type.criteria    ? 
_struct_conf_type.reference   ? 
# 
loop_
_struct_conn.id 
_struct_conn.conn_type_id 
_struct_conn.pdbx_leaving_atom_flag 
_struct_conn.pdbx_PDB_id 
_struct_conn.ptnr1_label_asym_id 
_struct_conn.ptnr1_label_comp_id 
_struct_conn.ptnr1_label_seq_id 
_struct_conn.ptnr1_label_atom_id 
_struct_conn.pdbx_ptnr1_label_alt_id 
_struct_conn.pdbx_ptnr1_PDB_ins_code 
_struct_conn.pdbx_ptnr1_standard_comp_id 
_struct_conn.ptnr1_symmetry 
_struct_conn.ptnr2_label_asym_id 
_struct_conn.ptnr2_label_comp_id 
_struct_conn.ptnr2_label_seq_id 
_struct_conn.ptnr2_label_atom_id 
_struct_conn.pdbx_ptnr2_label_alt_id 
_struct_conn.pdbx_ptnr2_PDB_ins_code 
_struct_conn.ptnr1_auth_asym_id 
_struct_conn.ptnr1_auth_comp_id 
_struct_conn.ptnr1_auth_seq_id 
_struct_conn.ptnr2_auth_asym_id 
_struct_conn.ptnr2_auth_comp_id 
_struct_conn.ptnr2_auth_seq_id 
_struct_conn.ptnr2_symmetry 
_struct_conn.pdbx_ptnr3_label_atom_id 
_struct_conn.pdbx_ptnr3_label_seq_id 
_struct_conn.pdbx_ptnr3_label_comp_id 
_struct_conn.pdbx_ptnr3_label_asym_id 
_struct_conn.pdbx_ptnr3_label_alt_id 
_struct_conn.pdbx_ptnr3_PDB_ins_code 
_struct_conn.details 
_struct_conn.pdbx_dist_value 
_struct_conn.pdbx_value_order 
_struct_conn.pdbx_role 
metalc1  metalc ? ? A ASP 19 OD1 ? ? ? 1_555 B CA  . CA ? ? A ASP 123 A CA  201 1_555 ? ? ? ? ? ? ? 2.212 ? ? 
metalc2  metalc ? ? A ASP 21 OD2 ? ? ? 1_555 B CA  . CA ? ? A ASP 125 A CA  201 1_555 ? ? ? ? ? ? ? 2.253 ? ? 
metalc3  metalc ? ? A ASN 23 OD1 ? ? ? 1_555 B CA  . CA ? ? A ASN 127 A CA  201 1_555 ? ? ? ? ? ? ? 2.302 ? ? 
metalc4  metalc ? ? A ILE 25 O   ? ? ? 1_555 B CA  . CA ? ? A ILE 129 A CA  201 1_555 ? ? ? ? ? ? ? 2.267 ? ? 
metalc5  metalc ? ? A GLU 30 OE1 ? ? ? 1_555 B CA  . CA ? ? A GLU 134 A CA  201 1_555 ? ? ? ? ? ? ? 2.559 ? ? 
metalc6  metalc ? ? A GLU 30 OE2 ? ? ? 1_555 B CA  . CA ? ? A GLU 134 A CA  201 1_555 ? ? ? ? ? ? ? 2.556 ? ? 
metalc7  metalc ? ? A ASP 64 OD2 ? ? ? 1_555 C CA  . CA ? ? A ASP 168 A CA  202 1_555 ? ? ? ? ? ? ? 2.422 ? ? 
metalc8  metalc ? ? A ASP 66 OD2 ? ? ? 1_555 C CA  . CA ? ? A ASP 170 A CA  202 1_555 ? ? ? ? ? ? ? 2.440 ? ? 
metalc9  metalc ? ? A SER 68 OG  ? ? ? 1_555 C CA  . CA ? ? A SER 172 A CA  202 1_555 ? ? ? ? ? ? ? 2.826 ? ? 
metalc10 metalc ? ? A SER 70 O   ? ? ? 1_555 C CA  . CA ? ? A SER 174 A CA  202 1_555 ? ? ? ? ? ? ? 2.587 ? ? 
metalc11 metalc ? ? A GLU 75 OE1 ? ? ? 1_555 C CA  . CA ? ? A GLU 179 A CA  202 1_555 ? ? ? ? ? ? ? 2.926 ? ? 
metalc12 metalc ? ? A GLU 75 OE2 ? ? ? 1_555 C CA  . CA ? ? A GLU 179 A CA  202 1_555 ? ? ? ? ? ? ? 2.567 ? ? 
metalc13 metalc ? ? B CA  .  CA  ? ? ? 1_555 H HOH . O  ? ? A CA  201 A HOH 301 1_555 ? ? ? ? ? ? ? 2.396 ? ? 
metalc14 metalc ? ? C CA  .  CA  ? ? ? 1_555 H HOH . O  ? ? A CA  202 A HOH 309 1_555 ? ? ? ? ? ? ? 2.525 ? ? 
# 
_struct_conn_type.id          metalc 
_struct_conn_type.criteria    ? 
_struct_conn_type.reference   ? 
# 
loop_
_pdbx_struct_conn_angle.id 
_pdbx_struct_conn_angle.ptnr1_label_atom_id 
_pdbx_struct_conn_angle.ptnr1_label_alt_id 
_pdbx_struct_conn_angle.ptnr1_label_asym_id 
_pdbx_struct_conn_angle.ptnr1_label_comp_id 
_pdbx_struct_conn_angle.ptnr1_label_seq_id 
_pdbx_struct_conn_angle.ptnr1_auth_atom_id 
_pdbx_struct_conn_angle.ptnr1_auth_asym_id 
_pdbx_struct_conn_angle.ptnr1_auth_comp_id 
_pdbx_struct_conn_angle.ptnr1_auth_seq_id 
_pdbx_struct_conn_angle.ptnr1_PDB_ins_code 
_pdbx_struct_conn_angle.ptnr1_symmetry 
_pdbx_struct_conn_angle.ptnr2_label_atom_id 
_pdbx_struct_conn_angle.ptnr2_label_alt_id 
_pdbx_struct_conn_angle.ptnr2_label_asym_id 
_pdbx_struct_conn_angle.ptnr2_label_comp_id 
_pdbx_struct_conn_angle.ptnr2_label_seq_id 
_pdbx_struct_conn_angle.ptnr2_auth_atom_id 
_pdbx_struct_conn_angle.ptnr2_auth_asym_id 
_pdbx_struct_conn_angle.ptnr2_auth_comp_id 
_pdbx_struct_conn_angle.ptnr2_auth_seq_id 
_pdbx_struct_conn_angle.ptnr2_PDB_ins_code 
_pdbx_struct_conn_angle.ptnr2_symmetry 
_pdbx_struct_conn_angle.ptnr3_label_atom_id 
_pdbx_struct_conn_angle.ptnr3_label_alt_id 
_pdbx_struct_conn_angle.ptnr3_label_asym_id 
_pdbx_struct_conn_angle.ptnr3_label_comp_id 
_pdbx_struct_conn_angle.ptnr3_label_seq_id 
_pdbx_struct_conn_angle.ptnr3_auth_atom_id 
_pdbx_struct_conn_angle.ptnr3_auth_asym_id 
_pdbx_struct_conn_angle.ptnr3_auth_comp_id 
_pdbx_struct_conn_angle.ptnr3_auth_seq_id 
_pdbx_struct_conn_angle.ptnr3_PDB_ins_code 
_pdbx_struct_conn_angle.ptnr3_symmetry 
_pdbx_struct_conn_angle.value 
_pdbx_struct_conn_angle.value_esd 
1  OD1 ? A ASP 19 ? A ASP 123 ? 1_555 CA ? B CA . ? A CA 201 ? 1_555 OD2 ? A ASP 21 ? A ASP 125 ? 1_555 82.4  ? 
2  OD1 ? A ASP 19 ? A ASP 123 ? 1_555 CA ? B CA . ? A CA 201 ? 1_555 OD1 ? A ASN 23 ? A ASN 127 ? 1_555 87.7  ? 
3  OD2 ? A ASP 21 ? A ASP 125 ? 1_555 CA ? B CA . ? A CA 201 ? 1_555 OD1 ? A ASN 23 ? A ASN 127 ? 1_555 80.0  ? 
4  OD1 ? A ASP 19 ? A ASP 123 ? 1_555 CA ? B CA . ? A CA 201 ? 1_555 O   ? A ILE 25 ? A ILE 129 ? 1_555 90.3  ? 
5  OD2 ? A ASP 21 ? A ASP 125 ? 1_555 CA ? B CA . ? A CA 201 ? 1_555 O   ? A ILE 25 ? A ILE 129 ? 1_555 165.7 ? 
6  OD1 ? A ASN 23 ? A ASN 127 ? 1_555 CA ? B CA . ? A CA 201 ? 1_555 O   ? A ILE 25 ? A ILE 129 ? 1_555 87.4  ? 
7  OD1 ? A ASP 19 ? A ASP 123 ? 1_555 CA ? B CA . ? A CA 201 ? 1_555 OE1 ? A GLU 30 ? A GLU 134 ? 1_555 110.9 ? 
8  OD2 ? A ASP 21 ? A ASP 125 ? 1_555 CA ? B CA . ? A CA 201 ? 1_555 OE1 ? A GLU 30 ? A GLU 134 ? 1_555 119.5 ? 
9  OD1 ? A ASN 23 ? A ASN 127 ? 1_555 CA ? B CA . ? A CA 201 ? 1_555 OE1 ? A GLU 30 ? A GLU 134 ? 1_555 153.7 ? 
10 O   ? A ILE 25 ? A ILE 129 ? 1_555 CA ? B CA . ? A CA 201 ? 1_555 OE1 ? A GLU 30 ? A GLU 134 ? 1_555 74.6  ? 
11 OD1 ? A ASP 19 ? A ASP 123 ? 1_555 CA ? B CA . ? A CA 201 ? 1_555 OE2 ? A GLU 30 ? A GLU 134 ? 1_555 85.4  ? 
12 OD2 ? A ASP 21 ? A ASP 125 ? 1_555 CA ? B CA . ? A CA 201 ? 1_555 OE2 ? A GLU 30 ? A GLU 134 ? 1_555 74.2  ? 
13 OD1 ? A ASN 23 ? A ASN 127 ? 1_555 CA ? B CA . ? A CA 201 ? 1_555 OE2 ? A GLU 30 ? A GLU 134 ? 1_555 154.0 ? 
14 O   ? A ILE 25 ? A ILE 129 ? 1_555 CA ? B CA . ? A CA 201 ? 1_555 OE2 ? A GLU 30 ? A GLU 134 ? 1_555 117.6 ? 
15 OE1 ? A GLU 30 ? A GLU 134 ? 1_555 CA ? B CA . ? A CA 201 ? 1_555 OE2 ? A GLU 30 ? A GLU 134 ? 1_555 50.3  ? 
16 OD1 ? A ASP 19 ? A ASP 123 ? 1_555 CA ? B CA . ? A CA 201 ? 1_555 O   ? H HOH .  ? A HOH 301 ? 1_555 163.3 ? 
17 OD2 ? A ASP 21 ? A ASP 125 ? 1_555 CA ? B CA . ? A CA 201 ? 1_555 O   ? H HOH .  ? A HOH 301 ? 1_555 82.6  ? 
18 OD1 ? A ASN 23 ? A ASN 127 ? 1_555 CA ? B CA . ? A CA 201 ? 1_555 O   ? H HOH .  ? A HOH 301 ? 1_555 82.5  ? 
19 O   ? A ILE 25 ? A ILE 129 ? 1_555 CA ? B CA . ? A CA 201 ? 1_555 O   ? H HOH .  ? A HOH 301 ? 1_555 102.7 ? 
20 OE1 ? A GLU 30 ? A GLU 134 ? 1_555 CA ? B CA . ? A CA 201 ? 1_555 O   ? H HOH .  ? A HOH 301 ? 1_555 83.0  ? 
21 OE2 ? A GLU 30 ? A GLU 134 ? 1_555 CA ? B CA . ? A CA 201 ? 1_555 O   ? H HOH .  ? A HOH 301 ? 1_555 97.5  ? 
22 OD2 ? A ASP 64 ? A ASP 168 ? 1_555 CA ? C CA . ? A CA 202 ? 1_555 OD2 ? A ASP 66 ? A ASP 170 ? 1_555 72.5  ? 
23 OD2 ? A ASP 64 ? A ASP 168 ? 1_555 CA ? C CA . ? A CA 202 ? 1_555 OG  ? A SER 68 ? A SER 172 ? 1_555 85.9  ? 
24 OD2 ? A ASP 66 ? A ASP 170 ? 1_555 CA ? C CA . ? A CA 202 ? 1_555 OG  ? A SER 68 ? A SER 172 ? 1_555 82.0  ? 
25 OD2 ? A ASP 64 ? A ASP 168 ? 1_555 CA ? C CA . ? A CA 202 ? 1_555 O   ? A SER 70 ? A SER 174 ? 1_555 66.7  ? 
26 OD2 ? A ASP 66 ? A ASP 170 ? 1_555 CA ? C CA . ? A CA 202 ? 1_555 O   ? A SER 70 ? A SER 174 ? 1_555 129.9 ? 
27 OG  ? A SER 68 ? A SER 172 ? 1_555 CA ? C CA . ? A CA 202 ? 1_555 O   ? A SER 70 ? A SER 174 ? 1_555 67.6  ? 
28 OD2 ? A ASP 64 ? A ASP 168 ? 1_555 CA ? C CA . ? A CA 202 ? 1_555 OE1 ? A GLU 75 ? A GLU 179 ? 1_555 83.5  ? 
29 OD2 ? A ASP 66 ? A ASP 170 ? 1_555 CA ? C CA . ? A CA 202 ? 1_555 OE1 ? A GLU 75 ? A GLU 179 ? 1_555 80.2  ? 
30 OG  ? A SER 68 ? A SER 172 ? 1_555 CA ? C CA . ? A CA 202 ? 1_555 OE1 ? A GLU 75 ? A GLU 179 ? 1_555 161.3 ? 
31 O   ? A SER 70 ? A SER 174 ? 1_555 CA ? C CA . ? A CA 202 ? 1_555 OE1 ? A GLU 75 ? A GLU 179 ? 1_555 121.1 ? 
32 OD2 ? A ASP 64 ? A ASP 168 ? 1_555 CA ? C CA . ? A CA 202 ? 1_555 OE2 ? A GLU 75 ? A GLU 179 ? 1_555 92.1  ? 
33 OD2 ? A ASP 66 ? A ASP 170 ? 1_555 CA ? C CA . ? A CA 202 ? 1_555 OE2 ? A GLU 75 ? A GLU 179 ? 1_555 126.9 ? 
34 OG  ? A SER 68 ? A SER 172 ? 1_555 CA ? C CA . ? A CA 202 ? 1_555 OE2 ? A GLU 75 ? A GLU 179 ? 1_555 148.9 ? 
35 O   ? A SER 70 ? A SER 174 ? 1_555 CA ? C CA . ? A CA 202 ? 1_555 OE2 ? A GLU 75 ? A GLU 179 ? 1_555 83.1  ? 
36 OE1 ? A GLU 75 ? A GLU 179 ? 1_555 CA ? C CA . ? A CA 202 ? 1_555 OE2 ? A GLU 75 ? A GLU 179 ? 1_555 47.1  ? 
37 OD2 ? A ASP 64 ? A ASP 168 ? 1_555 CA ? C CA . ? A CA 202 ? 1_555 O   ? H HOH .  ? A HOH 309 ? 1_555 162.9 ? 
38 OD2 ? A ASP 66 ? A ASP 170 ? 1_555 CA ? C CA . ? A CA 202 ? 1_555 O   ? H HOH .  ? A HOH 309 ? 1_555 97.3  ? 
39 OG  ? A SER 68 ? A SER 172 ? 1_555 CA ? C CA . ? A CA 202 ? 1_555 O   ? H HOH .  ? A HOH 309 ? 1_555 79.0  ? 
40 O   ? A SER 70 ? A SER 174 ? 1_555 CA ? C CA . ? A CA 202 ? 1_555 O   ? H HOH .  ? A HOH 309 ? 1_555 113.7 ? 
41 OE1 ? A GLU 75 ? A GLU 179 ? 1_555 CA ? C CA . ? A CA 202 ? 1_555 O   ? H HOH .  ? A HOH 309 ? 1_555 108.8 ? 
42 OE2 ? A GLU 75 ? A GLU 179 ? 1_555 CA ? C CA . ? A CA 202 ? 1_555 O   ? H HOH .  ? A HOH 309 ? 1_555 105.0 ? 
# 
_struct_sheet.id               AA1 
_struct_sheet.type             ? 
_struct_sheet.number_strands   2 
_struct_sheet.details          ? 
# 
_struct_sheet_order.sheet_id     AA1 
_struct_sheet_order.range_id_1   1 
_struct_sheet_order.range_id_2   2 
_struct_sheet_order.offset       ? 
_struct_sheet_order.sense        anti-parallel 
# 
loop_
_struct_sheet_range.sheet_id 
_struct_sheet_range.id 
_struct_sheet_range.beg_label_comp_id 
_struct_sheet_range.beg_label_asym_id 
_struct_sheet_range.beg_label_seq_id 
_struct_sheet_range.pdbx_beg_PDB_ins_code 
_struct_sheet_range.end_label_comp_id 
_struct_sheet_range.end_label_asym_id 
_struct_sheet_range.end_label_seq_id 
_struct_sheet_range.pdbx_end_PDB_ins_code 
_struct_sheet_range.beg_auth_comp_id 
_struct_sheet_range.beg_auth_asym_id 
_struct_sheet_range.beg_auth_seq_id 
_struct_sheet_range.end_auth_comp_id 
_struct_sheet_range.end_auth_asym_id 
_struct_sheet_range.end_auth_seq_id 
AA1 1 ILE A 25 ? LEU A 26 ? ILE A 129 LEU A 130 
AA1 2 VAL A 71 ? SER A 72 ? VAL A 175 SER A 176 
# 
_pdbx_struct_sheet_hbond.sheet_id                AA1 
_pdbx_struct_sheet_hbond.range_id_1              1 
_pdbx_struct_sheet_hbond.range_id_2              2 
_pdbx_struct_sheet_hbond.range_1_label_atom_id   N 
_pdbx_struct_sheet_hbond.range_1_label_comp_id   LEU 
_pdbx_struct_sheet_hbond.range_1_label_asym_id   A 
_pdbx_struct_sheet_hbond.range_1_label_seq_id    26 
_pdbx_struct_sheet_hbond.range_1_PDB_ins_code    ? 
_pdbx_struct_sheet_hbond.range_1_auth_atom_id    N 
_pdbx_struct_sheet_hbond.range_1_auth_comp_id    LEU 
_pdbx_struct_sheet_hbond.range_1_auth_asym_id    A 
_pdbx_struct_sheet_hbond.range_1_auth_seq_id     130 
_pdbx_struct_sheet_hbond.range_2_label_atom_id   O 
_pdbx_struct_sheet_hbond.range_2_label_comp_id   VAL 
_pdbx_struct_sheet_hbond.range_2_label_asym_id   A 
_pdbx_struct_sheet_hbond.range_2_label_seq_id    71 
_pdbx_struct_sheet_hbond.range_2_PDB_ins_code    ? 
_pdbx_struct_sheet_hbond.range_2_auth_atom_id    O 
_pdbx_struct_sheet_hbond.range_2_auth_comp_id    VAL 
_pdbx_struct_sheet_hbond.range_2_auth_asym_id    A 
_pdbx_struct_sheet_hbond.range_2_auth_seq_id     175 
# 
loop_
_struct_site.id 
_struct_site.pdbx_evidence_code 
_struct_site.pdbx_auth_asym_id 
_struct_site.pdbx_auth_comp_id 
_struct_site.pdbx_auth_seq_id 
_struct_site.pdbx_auth_ins_code 
_struct_site.pdbx_num_residues 
_struct_site.details 
AC1 Software A CA  201 ? 6 'binding site for residue CA A 201'  
AC2 Software A CA  202 ? 6 'binding site for residue CA A 202'  
AC3 Software A GOL 203 ? 5 'binding site for residue GOL A 203' 
AC4 Software A GOL 204 ? 3 'binding site for residue GOL A 204' 
AC5 Software A PG4 205 ? 1 'binding site for residue PG4 A 205' 
AC6 Software A PG4 206 ? 3 'binding site for residue PG4 A 206' 
# 
loop_
_struct_site_gen.id 
_struct_site_gen.site_id 
_struct_site_gen.pdbx_num_res 
_struct_site_gen.label_comp_id 
_struct_site_gen.label_asym_id 
_struct_site_gen.label_seq_id 
_struct_site_gen.pdbx_auth_ins_code 
_struct_site_gen.auth_comp_id 
_struct_site_gen.auth_asym_id 
_struct_site_gen.auth_seq_id 
_struct_site_gen.label_atom_id 
_struct_site_gen.label_alt_id 
_struct_site_gen.symmetry 
_struct_site_gen.details 
1  AC1 6 ASP A 19 ? ASP A 123 . ? 1_555 ? 
2  AC1 6 ASP A 21 ? ASP A 125 . ? 1_555 ? 
3  AC1 6 ASN A 23 ? ASN A 127 . ? 1_555 ? 
4  AC1 6 ILE A 25 ? ILE A 129 . ? 1_555 ? 
5  AC1 6 GLU A 30 ? GLU A 134 . ? 1_555 ? 
6  AC1 6 HOH H .  ? HOH A 301 . ? 1_555 ? 
7  AC2 6 ASP A 64 ? ASP A 168 . ? 1_555 ? 
8  AC2 6 ASP A 66 ? ASP A 170 . ? 1_555 ? 
9  AC2 6 SER A 68 ? SER A 172 . ? 1_555 ? 
10 AC2 6 SER A 70 ? SER A 174 . ? 1_555 ? 
11 AC2 6 GLU A 75 ? GLU A 179 . ? 1_555 ? 
12 AC2 6 HOH H .  ? HOH A 309 . ? 1_555 ? 
13 AC3 5 THR A 20 ? THR A 124 . ? 2_564 ? 
14 AC3 5 ARG A 22 ? ARG A 126 . ? 2_564 ? 
15 AC3 5 GLY A 80 ? GLY A 184 . ? 1_555 ? 
16 AC3 5 THR A 82 ? THR A 186 . ? 1_555 ? 
17 AC3 5 PRO A 85 ? PRO A 189 . ? 1_555 ? 
18 AC4 3 GLN A 37 ? GLN A 141 . ? 1_555 ? 
19 AC4 3 TYR A 44 ? TYR A 148 . ? 1_555 ? 
20 AC4 3 PG4 G .  ? PG4 A 206 . ? 1_555 ? 
21 AC5 1 TRP A 47 ? TRP A 151 . ? 1_555 ? 
22 AC6 3 GLY A 91 ? GLY A 195 . ? 1_555 ? 
23 AC6 3 GOL E .  ? GOL A 204 . ? 1_555 ? 
24 AC6 3 HOH H .  ? HOH A 302 . ? 1_555 ? 
# 
loop_
_pdbx_validate_torsion.id 
_pdbx_validate_torsion.PDB_model_num 
_pdbx_validate_torsion.auth_comp_id 
_pdbx_validate_torsion.auth_asym_id 
_pdbx_validate_torsion.auth_seq_id 
_pdbx_validate_torsion.PDB_ins_code 
_pdbx_validate_torsion.label_alt_id 
_pdbx_validate_torsion.phi 
_pdbx_validate_torsion.psi 
1 1 ASP A 168 ? ? -68.42  88.79  
2 1 THR A 186 ? ? -121.62 -66.59 
# 
loop_
_pdbx_refine_tls.pdbx_refine_id 
_pdbx_refine_tls.id 
_pdbx_refine_tls.details 
_pdbx_refine_tls.method 
_pdbx_refine_tls.origin_x 
_pdbx_refine_tls.origin_y 
_pdbx_refine_tls.origin_z 
_pdbx_refine_tls.T[1][1] 
_pdbx_refine_tls.T[2][2] 
_pdbx_refine_tls.T[3][3] 
_pdbx_refine_tls.T[1][2] 
_pdbx_refine_tls.T[1][3] 
_pdbx_refine_tls.T[2][3] 
_pdbx_refine_tls.L[1][1] 
_pdbx_refine_tls.L[2][2] 
_pdbx_refine_tls.L[3][3] 
_pdbx_refine_tls.L[1][2] 
_pdbx_refine_tls.L[1][3] 
_pdbx_refine_tls.L[2][3] 
_pdbx_refine_tls.S[1][1] 
_pdbx_refine_tls.S[2][2] 
_pdbx_refine_tls.S[3][3] 
_pdbx_refine_tls.S[1][2] 
_pdbx_refine_tls.S[1][3] 
_pdbx_refine_tls.S[2][3] 
_pdbx_refine_tls.S[2][1] 
_pdbx_refine_tls.S[3][1] 
_pdbx_refine_tls.S[3][2] 
'X-RAY DIFFRACTION' 1 ? refined 4.7680   6.5220  6.5372  0.4850 0.3812 0.4497 -0.0706 -0.0705 0.0312  2.8577  9.5248 1.7973  -3.2389 0.5326  -0.9191 -0.1833 0.1641  0.1069  0.2884  0.8587  -0.4620 -0.1762 -1.0097 -0.1353 
'X-RAY DIFFRACTION' 2 ? refined 9.6199   -5.0764 7.1801  0.3781 0.4583 0.5329 -0.0363 -0.0026 -0.0344 3.4640  9.3078 1.1242  -2.1041 0.0139  -3.0342 -0.3596 0.3062  -0.2503 0.0150  -0.5487 -0.9889 -0.0967 0.4194  0.3191  
'X-RAY DIFFRACTION' 3 ? refined -5.8342  -4.3319 3.0924  0.4035 0.4454 0.4593 -0.0934 -0.0781 0.0996  6.9581  8.7105 1.7514  -4.0715 0.2829  -0.7791 -0.6841 0.8037  -0.2622 0.0445  -0.7932 0.8918  -0.0301 0.3361  -0.6701 
'X-RAY DIFFRACTION' 4 ? refined -17.3962 -1.4940 -3.4114 0.9245 1.1202 1.0618 -0.1810 -0.1902 0.1862  5.4952  9.1707 3.4873  -1.0687 3.0660  0.7967  -0.3304 -0.2208 0.0650  0.6186  -1.2087 2.8546  -2.1542 0.4120  -2.7979 
'X-RAY DIFFRACTION' 5 ? refined -2.9287  -3.7267 -7.1154 0.9882 0.5928 0.4093 -0.0662 -0.1040 0.0176  11.9264 3.0980 -0.0015 -0.9711 -0.1533 0.0249  0.3368  -0.0507 -0.3346 1.2678  0.1112  0.3207  -1.5099 0.6677  -0.2042 
'X-RAY DIFFRACTION' 6 ? refined 10.2934  -3.2297 -6.1805 1.0008 0.8507 0.6399 0.1835  0.2651  0.0633  8.1676  1.7707 4.5704  3.1045  2.2918  -0.6721 0.6817  -0.3502 -0.1257 2.0901  0.1508  -1.5435 -2.0295 1.0650  1.9643  
'X-RAY DIFFRACTION' 7 ? refined 7.5997   4.9112  -1.9217 0.5135 0.4065 0.6250 -0.0875 0.1747  0.0440  14.3493 7.6857 2.9330  -6.8719 0.8818  -1.4507 -0.0608 -0.3954 0.8314  1.3535  0.4354  -2.0464 -1.2416 0.2159  0.1836  
'X-RAY DIFFRACTION' 8 ? refined 0.5620   8.9129  -5.9798 0.7006 0.5037 0.4247 -0.0446 0.0492  0.2228  13.4067 5.3152 0.0466  2.6481  0.1531  -0.4506 0.1630  0.4019  -0.3382 1.9287  1.3731  -1.7239 -1.0448 0.1927  -0.6723 
'X-RAY DIFFRACTION' 9 ? refined -4.9762  6.9445  2.6520  0.4093 0.5104 0.3257 -0.0663 -0.0031 0.1037  10.6873 6.5001 0.2409  -6.2969 0.7406  -0.5895 -0.3224 0.9471  -0.4234 -0.8543 0.8696  0.2156  -0.3687 -0.6046 -0.3850 
# 
loop_
_pdbx_refine_tls_group.pdbx_refine_id 
_pdbx_refine_tls_group.id 
_pdbx_refine_tls_group.refine_tls_id 
_pdbx_refine_tls_group.beg_auth_asym_id 
_pdbx_refine_tls_group.beg_auth_seq_id 
_pdbx_refine_tls_group.end_auth_asym_id 
_pdbx_refine_tls_group.end_auth_seq_id 
_pdbx_refine_tls_group.selection_details 
_pdbx_refine_tls_group.beg_label_asym_id 
_pdbx_refine_tls_group.beg_label_seq_id 
_pdbx_refine_tls_group.end_label_asym_id 
_pdbx_refine_tls_group.end_label_seq_id 
_pdbx_refine_tls_group.selection 
'X-RAY DIFFRACTION' 1 1 A 111 A 122 
;chain 'A' and (resid 111 through 122 )
;
? ? ? ? ? 
'X-RAY DIFFRACTION' 2 2 A 123 A 131 
;chain 'A' and (resid 123 through 131 )
;
? ? ? ? ? 
'X-RAY DIFFRACTION' 3 3 A 132 A 148 
;chain 'A' and (resid 132 through 148 )
;
? ? ? ? ? 
'X-RAY DIFFRACTION' 4 4 A 149 A 155 
;chain 'A' and (resid 149 through 155 )
;
? ? ? ? ? 
'X-RAY DIFFRACTION' 5 5 A 156 A 167 
;chain 'A' and (resid 156 through 167 )
;
? ? ? ? ? 
'X-RAY DIFFRACTION' 6 6 A 168 A 176 
;chain 'A' and (resid 168 through 176 )
;
? ? ? ? ? 
'X-RAY DIFFRACTION' 7 7 A 177 A 184 
;chain 'A' and (resid 177 through 184 )
;
? ? ? ? ? 
'X-RAY DIFFRACTION' 8 8 A 185 A 189 
;chain 'A' and (resid 185 through 189 )
;
? ? ? ? ? 
'X-RAY DIFFRACTION' 9 9 A 190 A 197 
;chain 'A' and (resid 190 through 197 )
;
? ? ? ? ? 
# 
_phasing.method   SAD 
# 
loop_
_pdbx_unobs_or_zero_occ_residues.id 
_pdbx_unobs_or_zero_occ_residues.PDB_model_num 
_pdbx_unobs_or_zero_occ_residues.polymer_flag 
_pdbx_unobs_or_zero_occ_residues.occupancy_flag 
_pdbx_unobs_or_zero_occ_residues.auth_asym_id 
_pdbx_unobs_or_zero_occ_residues.auth_comp_id 
_pdbx_unobs_or_zero_occ_residues.auth_seq_id 
_pdbx_unobs_or_zero_occ_residues.PDB_ins_code 
_pdbx_unobs_or_zero_occ_residues.label_asym_id 
_pdbx_unobs_or_zero_occ_residues.label_comp_id 
_pdbx_unobs_or_zero_occ_residues.label_seq_id 
1 1 Y 1 A HIS 105 ? A HIS 1 
2 1 Y 1 A MET 106 ? A MET 2 
3 1 Y 1 A GLU 107 ? A GLU 3 
4 1 Y 1 A GLY 108 ? A GLY 4 
5 1 Y 1 A GLY 109 ? A GLY 5 
6 1 Y 1 A ARG 110 ? A ARG 6 
# 
loop_
_chem_comp_atom.comp_id 
_chem_comp_atom.atom_id 
_chem_comp_atom.type_symbol 
_chem_comp_atom.pdbx_aromatic_flag 
_chem_comp_atom.pdbx_stereo_config 
_chem_comp_atom.pdbx_ordinal 
ALA N    N  N N 1   
ALA CA   C  N S 2   
ALA C    C  N N 3   
ALA O    O  N N 4   
ALA CB   C  N N 5   
ALA OXT  O  N N 6   
ALA H    H  N N 7   
ALA H2   H  N N 8   
ALA HA   H  N N 9   
ALA HB1  H  N N 10  
ALA HB2  H  N N 11  
ALA HB3  H  N N 12  
ALA HXT  H  N N 13  
ARG N    N  N N 14  
ARG CA   C  N S 15  
ARG C    C  N N 16  
ARG O    O  N N 17  
ARG CB   C  N N 18  
ARG CG   C  N N 19  
ARG CD   C  N N 20  
ARG NE   N  N N 21  
ARG CZ   C  N N 22  
ARG NH1  N  N N 23  
ARG NH2  N  N N 24  
ARG OXT  O  N N 25  
ARG H    H  N N 26  
ARG H2   H  N N 27  
ARG HA   H  N N 28  
ARG HB2  H  N N 29  
ARG HB3  H  N N 30  
ARG HG2  H  N N 31  
ARG HG3  H  N N 32  
ARG HD2  H  N N 33  
ARG HD3  H  N N 34  
ARG HE   H  N N 35  
ARG HH11 H  N N 36  
ARG HH12 H  N N 37  
ARG HH21 H  N N 38  
ARG HH22 H  N N 39  
ARG HXT  H  N N 40  
ASN N    N  N N 41  
ASN CA   C  N S 42  
ASN C    C  N N 43  
ASN O    O  N N 44  
ASN CB   C  N N 45  
ASN CG   C  N N 46  
ASN OD1  O  N N 47  
ASN ND2  N  N N 48  
ASN OXT  O  N N 49  
ASN H    H  N N 50  
ASN H2   H  N N 51  
ASN HA   H  N N 52  
ASN HB2  H  N N 53  
ASN HB3  H  N N 54  
ASN HD21 H  N N 55  
ASN HD22 H  N N 56  
ASN HXT  H  N N 57  
ASP N    N  N N 58  
ASP CA   C  N S 59  
ASP C    C  N N 60  
ASP O    O  N N 61  
ASP CB   C  N N 62  
ASP CG   C  N N 63  
ASP OD1  O  N N 64  
ASP OD2  O  N N 65  
ASP OXT  O  N N 66  
ASP H    H  N N 67  
ASP H2   H  N N 68  
ASP HA   H  N N 69  
ASP HB2  H  N N 70  
ASP HB3  H  N N 71  
ASP HD2  H  N N 72  
ASP HXT  H  N N 73  
CA  CA   CA N N 74  
GLN N    N  N N 75  
GLN CA   C  N S 76  
GLN C    C  N N 77  
GLN O    O  N N 78  
GLN CB   C  N N 79  
GLN CG   C  N N 80  
GLN CD   C  N N 81  
GLN OE1  O  N N 82  
GLN NE2  N  N N 83  
GLN OXT  O  N N 84  
GLN H    H  N N 85  
GLN H2   H  N N 86  
GLN HA   H  N N 87  
GLN HB2  H  N N 88  
GLN HB3  H  N N 89  
GLN HG2  H  N N 90  
GLN HG3  H  N N 91  
GLN HE21 H  N N 92  
GLN HE22 H  N N 93  
GLN HXT  H  N N 94  
GLU N    N  N N 95  
GLU CA   C  N S 96  
GLU C    C  N N 97  
GLU O    O  N N 98  
GLU CB   C  N N 99  
GLU CG   C  N N 100 
GLU CD   C  N N 101 
GLU OE1  O  N N 102 
GLU OE2  O  N N 103 
GLU OXT  O  N N 104 
GLU H    H  N N 105 
GLU H2   H  N N 106 
GLU HA   H  N N 107 
GLU HB2  H  N N 108 
GLU HB3  H  N N 109 
GLU HG2  H  N N 110 
GLU HG3  H  N N 111 
GLU HE2  H  N N 112 
GLU HXT  H  N N 113 
GLY N    N  N N 114 
GLY CA   C  N N 115 
GLY C    C  N N 116 
GLY O    O  N N 117 
GLY OXT  O  N N 118 
GLY H    H  N N 119 
GLY H2   H  N N 120 
GLY HA2  H  N N 121 
GLY HA3  H  N N 122 
GLY HXT  H  N N 123 
GOL C1   C  N N 124 
GOL O1   O  N N 125 
GOL C2   C  N N 126 
GOL O2   O  N N 127 
GOL C3   C  N N 128 
GOL O3   O  N N 129 
GOL H11  H  N N 130 
GOL H12  H  N N 131 
GOL HO1  H  N N 132 
GOL H2   H  N N 133 
GOL HO2  H  N N 134 
GOL H31  H  N N 135 
GOL H32  H  N N 136 
GOL HO3  H  N N 137 
HIS N    N  N N 138 
HIS CA   C  N S 139 
HIS C    C  N N 140 
HIS O    O  N N 141 
HIS CB   C  N N 142 
HIS CG   C  Y N 143 
HIS ND1  N  Y N 144 
HIS CD2  C  Y N 145 
HIS CE1  C  Y N 146 
HIS NE2  N  Y N 147 
HIS OXT  O  N N 148 
HIS H    H  N N 149 
HIS H2   H  N N 150 
HIS HA   H  N N 151 
HIS HB2  H  N N 152 
HIS HB3  H  N N 153 
HIS HD1  H  N N 154 
HIS HD2  H  N N 155 
HIS HE1  H  N N 156 
HIS HE2  H  N N 157 
HIS HXT  H  N N 158 
HOH O    O  N N 159 
HOH H1   H  N N 160 
HOH H2   H  N N 161 
ILE N    N  N N 162 
ILE CA   C  N S 163 
ILE C    C  N N 164 
ILE O    O  N N 165 
ILE CB   C  N S 166 
ILE CG1  C  N N 167 
ILE CG2  C  N N 168 
ILE CD1  C  N N 169 
ILE OXT  O  N N 170 
ILE H    H  N N 171 
ILE H2   H  N N 172 
ILE HA   H  N N 173 
ILE HB   H  N N 174 
ILE HG12 H  N N 175 
ILE HG13 H  N N 176 
ILE HG21 H  N N 177 
ILE HG22 H  N N 178 
ILE HG23 H  N N 179 
ILE HD11 H  N N 180 
ILE HD12 H  N N 181 
ILE HD13 H  N N 182 
ILE HXT  H  N N 183 
LEU N    N  N N 184 
LEU CA   C  N S 185 
LEU C    C  N N 186 
LEU O    O  N N 187 
LEU CB   C  N N 188 
LEU CG   C  N N 189 
LEU CD1  C  N N 190 
LEU CD2  C  N N 191 
LEU OXT  O  N N 192 
LEU H    H  N N 193 
LEU H2   H  N N 194 
LEU HA   H  N N 195 
LEU HB2  H  N N 196 
LEU HB3  H  N N 197 
LEU HG   H  N N 198 
LEU HD11 H  N N 199 
LEU HD12 H  N N 200 
LEU HD13 H  N N 201 
LEU HD21 H  N N 202 
LEU HD22 H  N N 203 
LEU HD23 H  N N 204 
LEU HXT  H  N N 205 
LYS N    N  N N 206 
LYS CA   C  N S 207 
LYS C    C  N N 208 
LYS O    O  N N 209 
LYS CB   C  N N 210 
LYS CG   C  N N 211 
LYS CD   C  N N 212 
LYS CE   C  N N 213 
LYS NZ   N  N N 214 
LYS OXT  O  N N 215 
LYS H    H  N N 216 
LYS H2   H  N N 217 
LYS HA   H  N N 218 
LYS HB2  H  N N 219 
LYS HB3  H  N N 220 
LYS HG2  H  N N 221 
LYS HG3  H  N N 222 
LYS HD2  H  N N 223 
LYS HD3  H  N N 224 
LYS HE2  H  N N 225 
LYS HE3  H  N N 226 
LYS HZ1  H  N N 227 
LYS HZ2  H  N N 228 
LYS HZ3  H  N N 229 
LYS HXT  H  N N 230 
MET N    N  N N 231 
MET CA   C  N S 232 
MET C    C  N N 233 
MET O    O  N N 234 
MET CB   C  N N 235 
MET CG   C  N N 236 
MET SD   S  N N 237 
MET CE   C  N N 238 
MET OXT  O  N N 239 
MET H    H  N N 240 
MET H2   H  N N 241 
MET HA   H  N N 242 
MET HB2  H  N N 243 
MET HB3  H  N N 244 
MET HG2  H  N N 245 
MET HG3  H  N N 246 
MET HE1  H  N N 247 
MET HE2  H  N N 248 
MET HE3  H  N N 249 
MET HXT  H  N N 250 
PG4 O1   O  N N 251 
PG4 C1   C  N N 252 
PG4 C2   C  N N 253 
PG4 O2   O  N N 254 
PG4 C3   C  N N 255 
PG4 C4   C  N N 256 
PG4 O3   O  N N 257 
PG4 C5   C  N N 258 
PG4 C6   C  N N 259 
PG4 O4   O  N N 260 
PG4 C7   C  N N 261 
PG4 C8   C  N N 262 
PG4 O5   O  N N 263 
PG4 HO1  H  N N 264 
PG4 H11  H  N N 265 
PG4 H12  H  N N 266 
PG4 H21  H  N N 267 
PG4 H22  H  N N 268 
PG4 H31  H  N N 269 
PG4 H32  H  N N 270 
PG4 H41  H  N N 271 
PG4 H42  H  N N 272 
PG4 H51  H  N N 273 
PG4 H52  H  N N 274 
PG4 H61  H  N N 275 
PG4 H62  H  N N 276 
PG4 H71  H  N N 277 
PG4 H72  H  N N 278 
PG4 H81  H  N N 279 
PG4 H82  H  N N 280 
PG4 HO5  H  N N 281 
PHE N    N  N N 282 
PHE CA   C  N S 283 
PHE C    C  N N 284 
PHE O    O  N N 285 
PHE CB   C  N N 286 
PHE CG   C  Y N 287 
PHE CD1  C  Y N 288 
PHE CD2  C  Y N 289 
PHE CE1  C  Y N 290 
PHE CE2  C  Y N 291 
PHE CZ   C  Y N 292 
PHE OXT  O  N N 293 
PHE H    H  N N 294 
PHE H2   H  N N 295 
PHE HA   H  N N 296 
PHE HB2  H  N N 297 
PHE HB3  H  N N 298 
PHE HD1  H  N N 299 
PHE HD2  H  N N 300 
PHE HE1  H  N N 301 
PHE HE2  H  N N 302 
PHE HZ   H  N N 303 
PHE HXT  H  N N 304 
PRO N    N  N N 305 
PRO CA   C  N S 306 
PRO C    C  N N 307 
PRO O    O  N N 308 
PRO CB   C  N N 309 
PRO CG   C  N N 310 
PRO CD   C  N N 311 
PRO OXT  O  N N 312 
PRO H    H  N N 313 
PRO HA   H  N N 314 
PRO HB2  H  N N 315 
PRO HB3  H  N N 316 
PRO HG2  H  N N 317 
PRO HG3  H  N N 318 
PRO HD2  H  N N 319 
PRO HD3  H  N N 320 
PRO HXT  H  N N 321 
SER N    N  N N 322 
SER CA   C  N S 323 
SER C    C  N N 324 
SER O    O  N N 325 
SER CB   C  N N 326 
SER OG   O  N N 327 
SER OXT  O  N N 328 
SER H    H  N N 329 
SER H2   H  N N 330 
SER HA   H  N N 331 
SER HB2  H  N N 332 
SER HB3  H  N N 333 
SER HG   H  N N 334 
SER HXT  H  N N 335 
THR N    N  N N 336 
THR CA   C  N S 337 
THR C    C  N N 338 
THR O    O  N N 339 
THR CB   C  N R 340 
THR OG1  O  N N 341 
THR CG2  C  N N 342 
THR OXT  O  N N 343 
THR H    H  N N 344 
THR H2   H  N N 345 
THR HA   H  N N 346 
THR HB   H  N N 347 
THR HG1  H  N N 348 
THR HG21 H  N N 349 
THR HG22 H  N N 350 
THR HG23 H  N N 351 
THR HXT  H  N N 352 
TRP N    N  N N 353 
TRP CA   C  N S 354 
TRP C    C  N N 355 
TRP O    O  N N 356 
TRP CB   C  N N 357 
TRP CG   C  Y N 358 
TRP CD1  C  Y N 359 
TRP CD2  C  Y N 360 
TRP NE1  N  Y N 361 
TRP CE2  C  Y N 362 
TRP CE3  C  Y N 363 
TRP CZ2  C  Y N 364 
TRP CZ3  C  Y N 365 
TRP CH2  C  Y N 366 
TRP OXT  O  N N 367 
TRP H    H  N N 368 
TRP H2   H  N N 369 
TRP HA   H  N N 370 
TRP HB2  H  N N 371 
TRP HB3  H  N N 372 
TRP HD1  H  N N 373 
TRP HE1  H  N N 374 
TRP HE3  H  N N 375 
TRP HZ2  H  N N 376 
TRP HZ3  H  N N 377 
TRP HH2  H  N N 378 
TRP HXT  H  N N 379 
TYR N    N  N N 380 
TYR CA   C  N S 381 
TYR C    C  N N 382 
TYR O    O  N N 383 
TYR CB   C  N N 384 
TYR CG   C  Y N 385 
TYR CD1  C  Y N 386 
TYR CD2  C  Y N 387 
TYR CE1  C  Y N 388 
TYR CE2  C  Y N 389 
TYR CZ   C  Y N 390 
TYR OH   O  N N 391 
TYR OXT  O  N N 392 
TYR H    H  N N 393 
TYR H2   H  N N 394 
TYR HA   H  N N 395 
TYR HB2  H  N N 396 
TYR HB3  H  N N 397 
TYR HD1  H  N N 398 
TYR HD2  H  N N 399 
TYR HE1  H  N N 400 
TYR HE2  H  N N 401 
TYR HH   H  N N 402 
TYR HXT  H  N N 403 
VAL N    N  N N 404 
VAL CA   C  N S 405 
VAL C    C  N N 406 
VAL O    O  N N 407 
VAL CB   C  N N 408 
VAL CG1  C  N N 409 
VAL CG2  C  N N 410 
VAL OXT  O  N N 411 
VAL H    H  N N 412 
VAL H2   H  N N 413 
VAL HA   H  N N 414 
VAL HB   H  N N 415 
VAL HG11 H  N N 416 
VAL HG12 H  N N 417 
VAL HG13 H  N N 418 
VAL HG21 H  N N 419 
VAL HG22 H  N N 420 
VAL HG23 H  N N 421 
VAL HXT  H  N N 422 
# 
loop_
_chem_comp_bond.comp_id 
_chem_comp_bond.atom_id_1 
_chem_comp_bond.atom_id_2 
_chem_comp_bond.value_order 
_chem_comp_bond.pdbx_aromatic_flag 
_chem_comp_bond.pdbx_stereo_config 
_chem_comp_bond.pdbx_ordinal 
ALA N   CA   sing N N 1   
ALA N   H    sing N N 2   
ALA N   H2   sing N N 3   
ALA CA  C    sing N N 4   
ALA CA  CB   sing N N 5   
ALA CA  HA   sing N N 6   
ALA C   O    doub N N 7   
ALA C   OXT  sing N N 8   
ALA CB  HB1  sing N N 9   
ALA CB  HB2  sing N N 10  
ALA CB  HB3  sing N N 11  
ALA OXT HXT  sing N N 12  
ARG N   CA   sing N N 13  
ARG N   H    sing N N 14  
ARG N   H2   sing N N 15  
ARG CA  C    sing N N 16  
ARG CA  CB   sing N N 17  
ARG CA  HA   sing N N 18  
ARG C   O    doub N N 19  
ARG C   OXT  sing N N 20  
ARG CB  CG   sing N N 21  
ARG CB  HB2  sing N N 22  
ARG CB  HB3  sing N N 23  
ARG CG  CD   sing N N 24  
ARG CG  HG2  sing N N 25  
ARG CG  HG3  sing N N 26  
ARG CD  NE   sing N N 27  
ARG CD  HD2  sing N N 28  
ARG CD  HD3  sing N N 29  
ARG NE  CZ   sing N N 30  
ARG NE  HE   sing N N 31  
ARG CZ  NH1  sing N N 32  
ARG CZ  NH2  doub N N 33  
ARG NH1 HH11 sing N N 34  
ARG NH1 HH12 sing N N 35  
ARG NH2 HH21 sing N N 36  
ARG NH2 HH22 sing N N 37  
ARG OXT HXT  sing N N 38  
ASN N   CA   sing N N 39  
ASN N   H    sing N N 40  
ASN N   H2   sing N N 41  
ASN CA  C    sing N N 42  
ASN CA  CB   sing N N 43  
ASN CA  HA   sing N N 44  
ASN C   O    doub N N 45  
ASN C   OXT  sing N N 46  
ASN CB  CG   sing N N 47  
ASN CB  HB2  sing N N 48  
ASN CB  HB3  sing N N 49  
ASN CG  OD1  doub N N 50  
ASN CG  ND2  sing N N 51  
ASN ND2 HD21 sing N N 52  
ASN ND2 HD22 sing N N 53  
ASN OXT HXT  sing N N 54  
ASP N   CA   sing N N 55  
ASP N   H    sing N N 56  
ASP N   H2   sing N N 57  
ASP CA  C    sing N N 58  
ASP CA  CB   sing N N 59  
ASP CA  HA   sing N N 60  
ASP C   O    doub N N 61  
ASP C   OXT  sing N N 62  
ASP CB  CG   sing N N 63  
ASP CB  HB2  sing N N 64  
ASP CB  HB3  sing N N 65  
ASP CG  OD1  doub N N 66  
ASP CG  OD2  sing N N 67  
ASP OD2 HD2  sing N N 68  
ASP OXT HXT  sing N N 69  
GLN N   CA   sing N N 70  
GLN N   H    sing N N 71  
GLN N   H2   sing N N 72  
GLN CA  C    sing N N 73  
GLN CA  CB   sing N N 74  
GLN CA  HA   sing N N 75  
GLN C   O    doub N N 76  
GLN C   OXT  sing N N 77  
GLN CB  CG   sing N N 78  
GLN CB  HB2  sing N N 79  
GLN CB  HB3  sing N N 80  
GLN CG  CD   sing N N 81  
GLN CG  HG2  sing N N 82  
GLN CG  HG3  sing N N 83  
GLN CD  OE1  doub N N 84  
GLN CD  NE2  sing N N 85  
GLN NE2 HE21 sing N N 86  
GLN NE2 HE22 sing N N 87  
GLN OXT HXT  sing N N 88  
GLU N   CA   sing N N 89  
GLU N   H    sing N N 90  
GLU N   H2   sing N N 91  
GLU CA  C    sing N N 92  
GLU CA  CB   sing N N 93  
GLU CA  HA   sing N N 94  
GLU C   O    doub N N 95  
GLU C   OXT  sing N N 96  
GLU CB  CG   sing N N 97  
GLU CB  HB2  sing N N 98  
GLU CB  HB3  sing N N 99  
GLU CG  CD   sing N N 100 
GLU CG  HG2  sing N N 101 
GLU CG  HG3  sing N N 102 
GLU CD  OE1  doub N N 103 
GLU CD  OE2  sing N N 104 
GLU OE2 HE2  sing N N 105 
GLU OXT HXT  sing N N 106 
GLY N   CA   sing N N 107 
GLY N   H    sing N N 108 
GLY N   H2   sing N N 109 
GLY CA  C    sing N N 110 
GLY CA  HA2  sing N N 111 
GLY CA  HA3  sing N N 112 
GLY C   O    doub N N 113 
GLY C   OXT  sing N N 114 
GLY OXT HXT  sing N N 115 
GOL C1  O1   sing N N 116 
GOL C1  C2   sing N N 117 
GOL C1  H11  sing N N 118 
GOL C1  H12  sing N N 119 
GOL O1  HO1  sing N N 120 
GOL C2  O2   sing N N 121 
GOL C2  C3   sing N N 122 
GOL C2  H2   sing N N 123 
GOL O2  HO2  sing N N 124 
GOL C3  O3   sing N N 125 
GOL C3  H31  sing N N 126 
GOL C3  H32  sing N N 127 
GOL O3  HO3  sing N N 128 
HIS N   CA   sing N N 129 
HIS N   H    sing N N 130 
HIS N   H2   sing N N 131 
HIS CA  C    sing N N 132 
HIS CA  CB   sing N N 133 
HIS CA  HA   sing N N 134 
HIS C   O    doub N N 135 
HIS C   OXT  sing N N 136 
HIS CB  CG   sing N N 137 
HIS CB  HB2  sing N N 138 
HIS CB  HB3  sing N N 139 
HIS CG  ND1  sing Y N 140 
HIS CG  CD2  doub Y N 141 
HIS ND1 CE1  doub Y N 142 
HIS ND1 HD1  sing N N 143 
HIS CD2 NE2  sing Y N 144 
HIS CD2 HD2  sing N N 145 
HIS CE1 NE2  sing Y N 146 
HIS CE1 HE1  sing N N 147 
HIS NE2 HE2  sing N N 148 
HIS OXT HXT  sing N N 149 
HOH O   H1   sing N N 150 
HOH O   H2   sing N N 151 
ILE N   CA   sing N N 152 
ILE N   H    sing N N 153 
ILE N   H2   sing N N 154 
ILE CA  C    sing N N 155 
ILE CA  CB   sing N N 156 
ILE CA  HA   sing N N 157 
ILE C   O    doub N N 158 
ILE C   OXT  sing N N 159 
ILE CB  CG1  sing N N 160 
ILE CB  CG2  sing N N 161 
ILE CB  HB   sing N N 162 
ILE CG1 CD1  sing N N 163 
ILE CG1 HG12 sing N N 164 
ILE CG1 HG13 sing N N 165 
ILE CG2 HG21 sing N N 166 
ILE CG2 HG22 sing N N 167 
ILE CG2 HG23 sing N N 168 
ILE CD1 HD11 sing N N 169 
ILE CD1 HD12 sing N N 170 
ILE CD1 HD13 sing N N 171 
ILE OXT HXT  sing N N 172 
LEU N   CA   sing N N 173 
LEU N   H    sing N N 174 
LEU N   H2   sing N N 175 
LEU CA  C    sing N N 176 
LEU CA  CB   sing N N 177 
LEU CA  HA   sing N N 178 
LEU C   O    doub N N 179 
LEU C   OXT  sing N N 180 
LEU CB  CG   sing N N 181 
LEU CB  HB2  sing N N 182 
LEU CB  HB3  sing N N 183 
LEU CG  CD1  sing N N 184 
LEU CG  CD2  sing N N 185 
LEU CG  HG   sing N N 186 
LEU CD1 HD11 sing N N 187 
LEU CD1 HD12 sing N N 188 
LEU CD1 HD13 sing N N 189 
LEU CD2 HD21 sing N N 190 
LEU CD2 HD22 sing N N 191 
LEU CD2 HD23 sing N N 192 
LEU OXT HXT  sing N N 193 
LYS N   CA   sing N N 194 
LYS N   H    sing N N 195 
LYS N   H2   sing N N 196 
LYS CA  C    sing N N 197 
LYS CA  CB   sing N N 198 
LYS CA  HA   sing N N 199 
LYS C   O    doub N N 200 
LYS C   OXT  sing N N 201 
LYS CB  CG   sing N N 202 
LYS CB  HB2  sing N N 203 
LYS CB  HB3  sing N N 204 
LYS CG  CD   sing N N 205 
LYS CG  HG2  sing N N 206 
LYS CG  HG3  sing N N 207 
LYS CD  CE   sing N N 208 
LYS CD  HD2  sing N N 209 
LYS CD  HD3  sing N N 210 
LYS CE  NZ   sing N N 211 
LYS CE  HE2  sing N N 212 
LYS CE  HE3  sing N N 213 
LYS NZ  HZ1  sing N N 214 
LYS NZ  HZ2  sing N N 215 
LYS NZ  HZ3  sing N N 216 
LYS OXT HXT  sing N N 217 
MET N   CA   sing N N 218 
MET N   H    sing N N 219 
MET N   H2   sing N N 220 
MET CA  C    sing N N 221 
MET CA  CB   sing N N 222 
MET CA  HA   sing N N 223 
MET C   O    doub N N 224 
MET C   OXT  sing N N 225 
MET CB  CG   sing N N 226 
MET CB  HB2  sing N N 227 
MET CB  HB3  sing N N 228 
MET CG  SD   sing N N 229 
MET CG  HG2  sing N N 230 
MET CG  HG3  sing N N 231 
MET SD  CE   sing N N 232 
MET CE  HE1  sing N N 233 
MET CE  HE2  sing N N 234 
MET CE  HE3  sing N N 235 
MET OXT HXT  sing N N 236 
PG4 O1  C1   sing N N 237 
PG4 O1  HO1  sing N N 238 
PG4 C1  C2   sing N N 239 
PG4 C1  H11  sing N N 240 
PG4 C1  H12  sing N N 241 
PG4 C2  O2   sing N N 242 
PG4 C2  H21  sing N N 243 
PG4 C2  H22  sing N N 244 
PG4 O2  C3   sing N N 245 
PG4 C3  C4   sing N N 246 
PG4 C3  H31  sing N N 247 
PG4 C3  H32  sing N N 248 
PG4 C4  O3   sing N N 249 
PG4 C4  H41  sing N N 250 
PG4 C4  H42  sing N N 251 
PG4 O3  C5   sing N N 252 
PG4 C5  C6   sing N N 253 
PG4 C5  H51  sing N N 254 
PG4 C5  H52  sing N N 255 
PG4 C6  O4   sing N N 256 
PG4 C6  H61  sing N N 257 
PG4 C6  H62  sing N N 258 
PG4 O4  C7   sing N N 259 
PG4 C7  C8   sing N N 260 
PG4 C7  H71  sing N N 261 
PG4 C7  H72  sing N N 262 
PG4 C8  O5   sing N N 263 
PG4 C8  H81  sing N N 264 
PG4 C8  H82  sing N N 265 
PG4 O5  HO5  sing N N 266 
PHE N   CA   sing N N 267 
PHE N   H    sing N N 268 
PHE N   H2   sing N N 269 
PHE CA  C    sing N N 270 
PHE CA  CB   sing N N 271 
PHE CA  HA   sing N N 272 
PHE C   O    doub N N 273 
PHE C   OXT  sing N N 274 
PHE CB  CG   sing N N 275 
PHE CB  HB2  sing N N 276 
PHE CB  HB3  sing N N 277 
PHE CG  CD1  doub Y N 278 
PHE CG  CD2  sing Y N 279 
PHE CD1 CE1  sing Y N 280 
PHE CD1 HD1  sing N N 281 
PHE CD2 CE2  doub Y N 282 
PHE CD2 HD2  sing N N 283 
PHE CE1 CZ   doub Y N 284 
PHE CE1 HE1  sing N N 285 
PHE CE2 CZ   sing Y N 286 
PHE CE2 HE2  sing N N 287 
PHE CZ  HZ   sing N N 288 
PHE OXT HXT  sing N N 289 
PRO N   CA   sing N N 290 
PRO N   CD   sing N N 291 
PRO N   H    sing N N 292 
PRO CA  C    sing N N 293 
PRO CA  CB   sing N N 294 
PRO CA  HA   sing N N 295 
PRO C   O    doub N N 296 
PRO C   OXT  sing N N 297 
PRO CB  CG   sing N N 298 
PRO CB  HB2  sing N N 299 
PRO CB  HB3  sing N N 300 
PRO CG  CD   sing N N 301 
PRO CG  HG2  sing N N 302 
PRO CG  HG3  sing N N 303 
PRO CD  HD2  sing N N 304 
PRO CD  HD3  sing N N 305 
PRO OXT HXT  sing N N 306 
SER N   CA   sing N N 307 
SER N   H    sing N N 308 
SER N   H2   sing N N 309 
SER CA  C    sing N N 310 
SER CA  CB   sing N N 311 
SER CA  HA   sing N N 312 
SER C   O    doub N N 313 
SER C   OXT  sing N N 314 
SER CB  OG   sing N N 315 
SER CB  HB2  sing N N 316 
SER CB  HB3  sing N N 317 
SER OG  HG   sing N N 318 
SER OXT HXT  sing N N 319 
THR N   CA   sing N N 320 
THR N   H    sing N N 321 
THR N   H2   sing N N 322 
THR CA  C    sing N N 323 
THR CA  CB   sing N N 324 
THR CA  HA   sing N N 325 
THR C   O    doub N N 326 
THR C   OXT  sing N N 327 
THR CB  OG1  sing N N 328 
THR CB  CG2  sing N N 329 
THR CB  HB   sing N N 330 
THR OG1 HG1  sing N N 331 
THR CG2 HG21 sing N N 332 
THR CG2 HG22 sing N N 333 
THR CG2 HG23 sing N N 334 
THR OXT HXT  sing N N 335 
TRP N   CA   sing N N 336 
TRP N   H    sing N N 337 
TRP N   H2   sing N N 338 
TRP CA  C    sing N N 339 
TRP CA  CB   sing N N 340 
TRP CA  HA   sing N N 341 
TRP C   O    doub N N 342 
TRP C   OXT  sing N N 343 
TRP CB  CG   sing N N 344 
TRP CB  HB2  sing N N 345 
TRP CB  HB3  sing N N 346 
TRP CG  CD1  doub Y N 347 
TRP CG  CD2  sing Y N 348 
TRP CD1 NE1  sing Y N 349 
TRP CD1 HD1  sing N N 350 
TRP CD2 CE2  doub Y N 351 
TRP CD2 CE3  sing Y N 352 
TRP NE1 CE2  sing Y N 353 
TRP NE1 HE1  sing N N 354 
TRP CE2 CZ2  sing Y N 355 
TRP CE3 CZ3  doub Y N 356 
TRP CE3 HE3  sing N N 357 
TRP CZ2 CH2  doub Y N 358 
TRP CZ2 HZ2  sing N N 359 
TRP CZ3 CH2  sing Y N 360 
TRP CZ3 HZ3  sing N N 361 
TRP CH2 HH2  sing N N 362 
TRP OXT HXT  sing N N 363 
TYR N   CA   sing N N 364 
TYR N   H    sing N N 365 
TYR N   H2   sing N N 366 
TYR CA  C    sing N N 367 
TYR CA  CB   sing N N 368 
TYR CA  HA   sing N N 369 
TYR C   O    doub N N 370 
TYR C   OXT  sing N N 371 
TYR CB  CG   sing N N 372 
TYR CB  HB2  sing N N 373 
TYR CB  HB3  sing N N 374 
TYR CG  CD1  doub Y N 375 
TYR CG  CD2  sing Y N 376 
TYR CD1 CE1  sing Y N 377 
TYR CD1 HD1  sing N N 378 
TYR CD2 CE2  doub Y N 379 
TYR CD2 HD2  sing N N 380 
TYR CE1 CZ   doub Y N 381 
TYR CE1 HE1  sing N N 382 
TYR CE2 CZ   sing Y N 383 
TYR CE2 HE2  sing N N 384 
TYR CZ  OH   sing N N 385 
TYR OH  HH   sing N N 386 
TYR OXT HXT  sing N N 387 
VAL N   CA   sing N N 388 
VAL N   H    sing N N 389 
VAL N   H2   sing N N 390 
VAL CA  C    sing N N 391 
VAL CA  CB   sing N N 392 
VAL CA  HA   sing N N 393 
VAL C   O    doub N N 394 
VAL C   OXT  sing N N 395 
VAL CB  CG1  sing N N 396 
VAL CB  CG2  sing N N 397 
VAL CB  HB   sing N N 398 
VAL CG1 HG11 sing N N 399 
VAL CG1 HG12 sing N N 400 
VAL CG1 HG13 sing N N 401 
VAL CG2 HG21 sing N N 402 
VAL CG2 HG22 sing N N 403 
VAL CG2 HG23 sing N N 404 
VAL OXT HXT  sing N N 405 
# 
_pdbx_serial_crystallography_data_reduction.diffrn_id             2 
_pdbx_serial_crystallography_data_reduction.frames_total          14400 
_pdbx_serial_crystallography_data_reduction.xfel_pulse_events     ? 
_pdbx_serial_crystallography_data_reduction.frame_hits            ? 
_pdbx_serial_crystallography_data_reduction.crystal_hits          ? 
_pdbx_serial_crystallography_data_reduction.droplet_hits          ? 
_pdbx_serial_crystallography_data_reduction.frames_failed_index   ? 
_pdbx_serial_crystallography_data_reduction.frames_indexed        14400 
_pdbx_serial_crystallography_data_reduction.lattices_indexed      ? 
_pdbx_serial_crystallography_data_reduction.xfel_run_numbers      ? 
# 
_pdbx_serial_crystallography_sample_delivery.diffrn_id     2 
_pdbx_serial_crystallography_sample_delivery.description   ? 
_pdbx_serial_crystallography_sample_delivery.method        'fixed target' 
# 
_pdbx_serial_crystallography_sample_delivery_fixed_target.diffrn_id                       2 
_pdbx_serial_crystallography_sample_delivery_fixed_target.description                     ? 
_pdbx_serial_crystallography_sample_delivery_fixed_target.sample_holding                  'cryo loop' 
_pdbx_serial_crystallography_sample_delivery_fixed_target.support_base                    goniometer 
_pdbx_serial_crystallography_sample_delivery_fixed_target.sample_unit_size                ? 
_pdbx_serial_crystallography_sample_delivery_fixed_target.crystals_per_unit               ? 
_pdbx_serial_crystallography_sample_delivery_fixed_target.sample_solvent                  ? 
_pdbx_serial_crystallography_sample_delivery_fixed_target.sample_dehydration_prevention   ? 
_pdbx_serial_crystallography_sample_delivery_fixed_target.motion_control                  ? 
_pdbx_serial_crystallography_sample_delivery_fixed_target.velocity_horizontal             ? 
_pdbx_serial_crystallography_sample_delivery_fixed_target.velocity_vertical               ? 
_pdbx_serial_crystallography_sample_delivery_fixed_target.details                         ? 
# 
_atom_sites.entry_id                    6IIE 
_atom_sites.fract_transf_matrix[1][1]   0.01256159 
_atom_sites.fract_transf_matrix[1][2]   0.00789628 
_atom_sites.fract_transf_matrix[1][3]   -0.01317671 
_atom_sites.fract_transf_matrix[2][1]   0.00158007 
_atom_sites.fract_transf_matrix[2][2]   0.01971437 
_atom_sites.fract_transf_matrix[2][3]   -0.00162208 
_atom_sites.fract_transf_matrix[3][1]   0.01184845 
_atom_sites.fract_transf_matrix[3][2]   -0.00002131 
_atom_sites.fract_transf_matrix[3][3]   0.01128256 
_atom_sites.fract_transf_vector[1]      -0.265361 
_atom_sites.fract_transf_vector[2]      0.215629 
_atom_sites.fract_transf_vector[3]      0.043005 
# 
loop_
_atom_type.symbol 
C  
CA 
N  
O  
S  
# 
loop_
_atom_site.group_PDB 
_atom_site.id 
_atom_site.type_symbol 
_atom_site.label_atom_id 
_atom_site.label_alt_id 
_atom_site.label_comp_id 
_atom_site.label_asym_id 
_atom_site.label_entity_id 
_atom_site.label_seq_id 
_atom_site.pdbx_PDB_ins_code 
_atom_site.Cartn_x 
_atom_site.Cartn_y 
_atom_site.Cartn_z 
_atom_site.occupancy 
_atom_site.B_iso_or_equiv 
_atom_site.pdbx_formal_charge 
_atom_site.auth_seq_id 
_atom_site.auth_comp_id 
_atom_site.auth_asym_id 
_atom_site.auth_atom_id 
_atom_site.pdbx_PDB_model_num 
ATOM   1   N  N   . PRO A 1 7  ? 3.356   15.228  2.186   1.00 68.51  ? 111 PRO A N   1 
ATOM   2   C  CA  . PRO A 1 7  ? 2.906   13.854  2.506   1.00 71.24  ? 111 PRO A CA  1 
ATOM   3   C  C   . PRO A 1 7  ? 4.025   12.837  2.718   1.00 66.89  ? 111 PRO A C   1 
ATOM   4   O  O   . PRO A 1 7  ? 3.736   11.714  3.156   1.00 58.54  ? 111 PRO A O   1 
ATOM   5   C  CB  . PRO A 1 7  ? 2.068   13.453  1.278   1.00 69.78  ? 111 PRO A CB  1 
ATOM   6   C  CG  . PRO A 1 7  ? 2.615   14.307  0.162   1.00 71.76  ? 111 PRO A CG  1 
ATOM   7   C  CD  . PRO A 1 7  ? 3.011   15.626  0.812   1.00 72.10  ? 111 PRO A CD  1 
ATOM   8   N  N   . GLU A 1 8  ? 5.273   13.203  2.395   1.00 64.58  ? 112 GLU A N   1 
ATOM   9   C  CA  . GLU A 1 8  ? 6.344   12.207  2.410   1.00 49.93  ? 112 GLU A CA  1 
ATOM   10  C  C   . GLU A 1 8  ? 6.594   11.700  3.813   1.00 47.60  ? 112 GLU A C   1 
ATOM   11  O  O   . GLU A 1 8  ? 6.835   10.502  4.011   1.00 48.57  ? 112 GLU A O   1 
ATOM   12  C  CB  . GLU A 1 8  ? 7.636   12.766  1.806   1.00 53.27  ? 112 GLU A CB  1 
ATOM   13  C  CG  . GLU A 1 8  ? 7.513   13.144  0.351   1.00 81.03  ? 112 GLU A CG  1 
ATOM   14  C  CD  . GLU A 1 8  ? 6.806   14.456  0.172   1.00 88.76  ? 112 GLU A CD  1 
ATOM   15  O  OE1 . GLU A 1 8  ? 6.780   15.237  1.164   1.00 94.07  ? 112 GLU A OE1 1 
ATOM   16  O  OE2 . GLU A 1 8  ? 6.261   14.699  -0.930  1.00 94.01  ? 112 GLU A OE2 1 
ATOM   17  N  N   . ASP A 1 9  ? 6.530   12.581  4.807   1.00 55.69  ? 113 ASP A N   1 
ATOM   18  C  CA  . ASP A 1 9  ? 6.710   12.115  6.180   1.00 49.54  ? 113 ASP A CA  1 
ATOM   19  C  C   . ASP A 1 9  ? 5.532   11.260  6.640   1.00 54.61  ? 113 ASP A C   1 
ATOM   20  O  O   . ASP A 1 9  ? 5.727   10.321  7.425   1.00 49.31  ? 113 ASP A O   1 
ATOM   21  C  CB  . ASP A 1 9  ? 6.931   13.299  7.134   1.00 51.06  ? 113 ASP A CB  1 
ATOM   22  C  CG  . ASP A 1 9  ? 8.054   14.205  6.696   1.00 64.30  ? 113 ASP A CG  1 
ATOM   23  O  OD1 . ASP A 1 9  ? 9.121   13.691  6.308   1.00 70.51  ? 113 ASP A OD1 1 
ATOM   24  O  OD2 . ASP A 1 9  ? 7.852   15.436  6.732   1.00 72.32  ? 113 ASP A OD2 1 
ATOM   25  N  N   . LYS A 1 10 ? 4.315   11.548  6.160   1.00 49.66  ? 114 LYS A N   1 
ATOM   26  C  CA  . LYS A 1 10 ? 3.178   10.685  6.482   1.00 46.36  ? 114 LYS A CA  1 
ATOM   27  C  C   . LYS A 1 10 ? 3.330   9.297   5.853   1.00 44.47  ? 114 LYS A C   1 
ATOM   28  O  O   . LYS A 1 10 ? 2.986   8.270   6.459   1.00 43.37  ? 114 LYS A O   1 
ATOM   29  C  CB  . LYS A 1 10 ? 1.897   11.355  5.994   1.00 50.84  ? 114 LYS A CB  1 
ATOM   30  C  CG  . LYS A 1 10 ? 1.134   12.061  7.082   1.00 58.67  ? 114 LYS A CG  1 
ATOM   31  C  CD  . LYS A 1 10 ? -0.168  12.710  6.586   1.00 64.87  ? 114 LYS A CD  1 
ATOM   32  C  CE  . LYS A 1 10 ? 0.137   13.976  5.806   1.00 75.73  ? 114 LYS A CE  1 
ATOM   33  N  NZ  . LYS A 1 10 ? -1.087  14.778  5.527   1.00 80.26  ? 114 LYS A NZ  1 
ATOM   34  N  N   . LEU A 1 11 ? 3.815   9.253   4.624   1.00 44.75  ? 115 LEU A N   1 
ATOM   35  C  CA  . LEU A 1 11 ? 3.974   7.989   3.946   1.00 39.65  ? 115 LEU A CA  1 
ATOM   36  C  C   . LEU A 1 11 ? 5.055   7.150   4.632   1.00 42.26  ? 115 LEU A C   1 
ATOM   37  O  O   . LEU A 1 11 ? 4.892   5.941   4.800   1.00 48.51  ? 115 LEU A O   1 
ATOM   38  C  CB  . LEU A 1 11 ? 4.277   8.245   2.452   1.00 40.81  ? 115 LEU A CB  1 
ATOM   39  C  CG  . LEU A 1 11 ? 3.090   8.773   1.645   1.00 52.12  ? 115 LEU A CG  1 
ATOM   40  C  CD1 . LEU A 1 11 ? 3.598   9.455   0.435   1.00 45.56  ? 115 LEU A CD1 1 
ATOM   41  C  CD2 . LEU A 1 11 ? 2.243   7.594   1.224   1.00 41.07  ? 115 LEU A CD2 1 
ATOM   42  N  N   . GLU A 1 12 ? 6.140   7.792   5.077   1.00 48.64  ? 116 GLU A N   1 
ATOM   43  C  CA  . GLU A 1 12 ? 7.210   7.105   5.804   1.00 45.13  ? 116 GLU A CA  1 
ATOM   44  C  C   . GLU A 1 12 ? 6.729   6.552   7.137   1.00 45.91  ? 116 GLU A C   1 
ATOM   45  O  O   . GLU A 1 12 ? 7.078   5.427   7.499   1.00 40.80  ? 116 GLU A O   1 
ATOM   46  C  CB  . GLU A 1 12 ? 8.376   8.093   6.009   1.00 50.50  ? 116 GLU A CB  1 
ATOM   47  C  CG  . GLU A 1 12 ? 9.603   7.542   6.634   1.00 66.19  ? 116 GLU A CG  1 
ATOM   48  C  CD  . GLU A 1 12 ? 10.724  8.598   6.732   1.00 81.11  ? 116 GLU A CD  1 
ATOM   49  O  OE1 . GLU A 1 12 ? 10.823  9.466   5.815   1.00 73.04  ? 116 GLU A OE1 1 
ATOM   50  O  OE2 . GLU A 1 12 ? 11.499  8.536   7.729   1.00 86.86  ? 116 GLU A OE2 1 
ATOM   51  N  N   . PHE A 1 13 ? 5.960   7.345   7.894   1.00 52.72  ? 117 PHE A N   1 
ATOM   52  C  CA  . PHE A 1 13 ? 5.331   6.891   9.135   1.00 44.03  ? 117 PHE A CA  1 
ATOM   53  C  C   . PHE A 1 13 ? 4.465   5.659   8.896   1.00 46.60  ? 117 PHE A C   1 
ATOM   54  O  O   . PHE A 1 13 ? 4.560   4.664   9.635   1.00 40.12  ? 117 PHE A O   1 
ATOM   55  C  CB  . PHE A 1 13 ? 4.508   8.043   9.745   1.00 40.46  ? 117 PHE A CB  1 
ATOM   56  C  CG  . PHE A 1 13 ? 3.835   7.714   11.058  1.00 47.89  ? 117 PHE A CG  1 
ATOM   57  C  CD1 . PHE A 1 13 ? 2.577   7.143   11.077  1.00 41.39  ? 117 PHE A CD1 1 
ATOM   58  C  CD2 . PHE A 1 13 ? 4.443   8.027   12.279  1.00 54.93  ? 117 PHE A CD2 1 
ATOM   59  C  CE1 . PHE A 1 13 ? 1.959   6.818   12.292  1.00 36.60  ? 117 PHE A CE1 1 
ATOM   60  C  CE2 . PHE A 1 13 ? 3.820   7.733   13.515  1.00 45.74  ? 117 PHE A CE2 1 
ATOM   61  C  CZ  . PHE A 1 13 ? 2.590   7.111   13.524  1.00 48.63  ? 117 PHE A CZ  1 
ATOM   62  N  N   . THR A 1 14 ? 3.631   5.699   7.852   1.00 44.78  ? 118 THR A N   1 
ATOM   63  C  CA  . THR A 1 14 ? 2.704   4.594   7.588   1.00 40.90  ? 118 THR A CA  1 
ATOM   64  C  C   . THR A 1 14 ? 3.447   3.329   7.141   1.00 36.88  ? 118 THR A C   1 
ATOM   65  O  O   . THR A 1 14 ? 3.078   2.218   7.538   1.00 30.72  ? 118 THR A O   1 
ATOM   66  C  CB  . THR A 1 14 ? 1.672   4.993   6.504   1.00 39.40  ? 118 THR A CB  1 
ATOM   67  O  OG1 . THR A 1 14 ? 1.029   6.220   6.845   1.00 34.21  ? 118 THR A OG1 1 
ATOM   68  C  CG2 . THR A 1 14 ? 0.634   3.943   6.399   1.00 40.62  ? 118 THR A CG2 1 
ATOM   69  N  N   . PHE A 1 15 ? 4.482   3.481   6.309   1.00 38.02  ? 119 PHE A N   1 
ATOM   70  C  CA  . PHE A 1 15 ? 5.364   2.377   5.937   1.00 40.39  ? 119 PHE A CA  1 
ATOM   71  C  C   . PHE A 1 15 ? 5.851   1.634   7.149   1.00 36.60  ? 119 PHE A C   1 
ATOM   72  O  O   . PHE A 1 15 ? 5.809   0.407   7.196   1.00 40.12  ? 119 PHE A O   1 
ATOM   73  C  CB  . PHE A 1 15 ? 6.571   2.922   5.154   1.00 39.22  ? 119 PHE A CB  1 
ATOM   74  C  CG  . PHE A 1 15 ? 7.515   1.863   4.686   1.00 46.69  ? 119 PHE A CG  1 
ATOM   75  C  CD1 . PHE A 1 15 ? 8.553   1.417   5.504   1.00 48.40  ? 119 PHE A CD1 1 
ATOM   76  C  CD2 . PHE A 1 15 ? 7.350   1.295   3.448   1.00 41.63  ? 119 PHE A CD2 1 
ATOM   77  C  CE1 . PHE A 1 15 ? 9.406   0.425   5.066   1.00 49.99  ? 119 PHE A CE1 1 
ATOM   78  C  CE2 . PHE A 1 15 ? 8.214   0.320   3.001   1.00 45.92  ? 119 PHE A CE2 1 
ATOM   79  C  CZ  . PHE A 1 15 ? 9.240   -0.118  3.799   1.00 48.32  ? 119 PHE A CZ  1 
ATOM   80  N  N   . LYS A 1 16 ? 6.313   2.369   8.148   1.00 36.51  ? 120 LYS A N   1 
ATOM   81  C  CA  . LYS A 1 16 ? 6.906   1.728   9.303   1.00 38.29  ? 120 LYS A CA  1 
ATOM   82  C  C   . LYS A 1 16 ? 5.866   0.952   10.095  1.00 39.67  ? 120 LYS A C   1 
ATOM   83  O  O   . LYS A 1 16 ? 6.191   -0.068  10.704  1.00 41.46  ? 120 LYS A O   1 
ATOM   84  C  CB  . LYS A 1 16 ? 7.611   2.791   10.170  1.00 36.43  ? 120 LYS A CB  1 
ATOM   85  C  CG  . LYS A 1 16 ? 8.824   3.484   9.478   1.00 36.00  ? 120 LYS A CG  1 
ATOM   86  C  CD  . LYS A 1 16 ? 9.193   4.791   10.238  1.00 39.99  ? 120 LYS A CD  1 
ATOM   87  C  CE  . LYS A 1 16 ? 10.409  5.488   9.688   1.00 41.72  ? 120 LYS A CE  1 
ATOM   88  N  NZ  . LYS A 1 16 ? 10.586  6.867   10.244  1.00 41.56  ? 120 LYS A NZ  1 
ATOM   89  N  N   . LEU A 1 17 ? 4.597   1.343   10.013  1.00 39.39  ? 121 LEU A N   1 
ATOM   90  C  CA  . LEU A 1 17 ? 3.559   0.575   10.703  1.00 36.57  ? 121 LEU A CA  1 
ATOM   91  C  C   . LEU A 1 17 ? 3.311   -0.771  10.045  1.00 36.54  ? 121 LEU A C   1 
ATOM   92  O  O   . LEU A 1 17 ? 2.980   -1.721  10.740  1.00 38.31  ? 121 LEU A O   1 
ATOM   93  C  CB  . LEU A 1 17 ? 2.261   1.368   10.741  1.00 37.48  ? 121 LEU A CB  1 
ATOM   94  C  CG  . LEU A 1 17 ? 2.368   2.763   11.280  1.00 45.44  ? 121 LEU A CG  1 
ATOM   95  C  CD1 . LEU A 1 17 ? 1.018   3.451   11.057  1.00 48.63  ? 121 LEU A CD1 1 
ATOM   96  C  CD2 . LEU A 1 17 ? 2.730   2.680   12.754  1.00 40.81  ? 121 LEU A CD2 1 
ATOM   97  N  N   . TYR A 1 18 ? 3.461   -0.890  8.717   1.00 32.94  ? 122 TYR A N   1 
ATOM   98  C  CA  . TYR A 1 18 ? 3.177   -2.151  8.044   1.00 36.84  ? 122 TYR A CA  1 
ATOM   99  C  C   . TYR A 1 18 ? 4.400   -3.033  7.867   1.00 39.39  ? 122 TYR A C   1 
ATOM   100 O  O   . TYR A 1 18 ? 4.253   -4.198  7.455   1.00 40.44  ? 122 TYR A O   1 
ATOM   101 C  CB  . TYR A 1 18 ? 2.569   -1.910  6.659   1.00 33.75  ? 122 TYR A CB  1 
ATOM   102 C  CG  . TYR A 1 18 ? 1.148   -1.481  6.777   1.00 35.87  ? 122 TYR A CG  1 
ATOM   103 C  CD1 . TYR A 1 18 ? 0.147   -2.415  7.018   1.00 36.60  ? 122 TYR A CD1 1 
ATOM   104 C  CD2 . TYR A 1 18 ? 0.811   -0.146  6.744   1.00 35.89  ? 122 TYR A CD2 1 
ATOM   105 C  CE1 . TYR A 1 18 ? -1.155  -2.050  7.181   1.00 36.95  ? 122 TYR A CE1 1 
ATOM   106 C  CE2 . TYR A 1 18 ? -0.527  0.252   6.876   1.00 34.19  ? 122 TYR A CE2 1 
ATOM   107 C  CZ  . TYR A 1 18 ? -1.491  -0.712  7.109   1.00 39.67  ? 122 TYR A CZ  1 
ATOM   108 O  OH  . TYR A 1 18 ? -2.772  -0.357  7.258   1.00 44.58  ? 122 TYR A OH  1 
ATOM   109 N  N   . ASP A 1 19 ? 5.590   -2.481  8.080   1.00 36.03  ? 123 ASP A N   1 
ATOM   110 C  CA  . ASP A 1 19 ? 6.839   -3.229  8.049   1.00 37.68  ? 123 ASP A CA  1 
ATOM   111 C  C   . ASP A 1 19 ? 7.015   -3.905  9.406   1.00 39.41  ? 123 ASP A C   1 
ATOM   112 O  O   . ASP A 1 19 ? 7.841   -3.514  10.227  1.00 43.62  ? 123 ASP A O   1 
ATOM   113 C  CB  . ASP A 1 19 ? 7.991   -2.287  7.734   1.00 36.20  ? 123 ASP A CB  1 
ATOM   114 C  CG  . ASP A 1 19 ? 9.290   -3.002  7.675   1.00 39.09  ? 123 ASP A CG  1 
ATOM   115 O  OD1 . ASP A 1 19 ? 9.271   -4.254  7.501   1.00 40.95  ? 123 ASP A OD1 1 
ATOM   116 O  OD2 . ASP A 1 19 ? 10.334  -2.339  7.847   1.00 45.31  ? 123 ASP A OD2 1 
ATOM   117 N  N   . THR A 1 20 ? 6.167   -4.915  9.662   1.00 33.23  ? 124 THR A N   1 
ATOM   118 C  CA  . THR A 1 20 ? 6.095   -5.471  11.010  1.00 37.86  ? 124 THR A CA  1 
ATOM   119 C  C   . THR A 1 20 ? 7.386   -6.149  11.444  1.00 38.38  ? 124 THR A C   1 
ATOM   120 O  O   . THR A 1 20 ? 7.624   -6.309  12.640  1.00 41.02  ? 124 THR A O   1 
ATOM   121 C  CB  . THR A 1 20 ? 4.951   -6.450  11.077  1.00 40.23  ? 124 THR A CB  1 
ATOM   122 O  OG1 . THR A 1 20 ? 5.075   -7.365  9.998   1.00 35.79  ? 124 THR A OG1 1 
ATOM   123 C  CG2 . THR A 1 20 ? 3.612   -5.660  10.902  1.00 39.87  ? 124 THR A CG2 1 
ATOM   124 N  N   . ASP A 1 21 ? 8.229   -6.595  10.514  1.00 37.91  ? 125 ASP A N   1 
ATOM   125 C  CA  . ASP A 1 21 ? 9.452   -7.256  10.936  1.00 47.33  ? 125 ASP A CA  1 
ATOM   126 C  C   . ASP A 1 21 ? 10.624  -6.303  10.897  1.00 47.75  ? 125 ASP A C   1 
ATOM   127 O  O   . ASP A 1 21 ? 11.757  -6.731  11.138  1.00 42.20  ? 125 ASP A O   1 
ATOM   128 C  CB  . ASP A 1 21 ? 9.720   -8.508  10.085  1.00 51.04  ? 125 ASP A CB  1 
ATOM   129 C  CG  . ASP A 1 21 ? 10.050  -8.186  8.648   1.00 42.48  ? 125 ASP A CG  1 
ATOM   130 O  OD1 . ASP A 1 21 ? 10.719  -9.028  8.024   1.00 50.35  ? 125 ASP A OD1 1 
ATOM   131 O  OD2 . ASP A 1 21 ? 9.654   -7.099  8.142   1.00 42.73  ? 125 ASP A OD2 1 
ATOM   132 N  N   . ARG A 1 22 ? 10.355  -5.023  10.596  1.00 42.19  ? 126 ARG A N   1 
ATOM   133 C  CA  . ARG A 1 22 ? 11.317  -3.945  10.735  1.00 42.31  ? 126 ARG A CA  1 
ATOM   134 C  C   . ARG A 1 22 ? 12.560  -4.206  9.919   1.00 53.06  ? 126 ARG A C   1 
ATOM   135 O  O   . ARG A 1 22 ? 13.646  -3.820  10.331  1.00 51.24  ? 126 ARG A O   1 
ATOM   136 C  CB  . ARG A 1 22 ? 11.701  -3.725  12.203  1.00 44.05  ? 126 ARG A CB  1 
ATOM   137 C  CG  . ARG A 1 22 ? 10.498  -3.360  13.114  1.00 42.98  ? 126 ARG A CG  1 
ATOM   138 C  CD  . ARG A 1 22 ? 10.862  -3.682  14.562  1.00 51.63  ? 126 ARG A CD  1 
ATOM   139 N  NE  . ARG A 1 22 ? 12.247  -3.277  14.899  1.00 68.29  ? 126 ARG A NE  1 
ATOM   140 C  CZ  . ARG A 1 22 ? 12.584  -2.114  15.475  1.00 72.06  ? 126 ARG A CZ  1 
ATOM   141 N  NH1 . ARG A 1 22 ? 11.644  -1.233  15.794  1.00 60.97  ? 126 ARG A NH1 1 
ATOM   142 N  NH2 . ARG A 1 22 ? 13.853  -1.828  15.759  1.00 78.93  ? 126 ARG A NH2 1 
ATOM   143 N  N   . ASN A 1 23 ? 12.432  -4.867  8.764   1.00 50.02  ? 127 ASN A N   1 
ATOM   144 C  CA  . ASN A 1 23 ? 13.609  -5.024  7.897   1.00 51.46  ? 127 ASN A CA  1 
ATOM   145 C  C   . ASN A 1 23 ? 13.658  -3.991  6.765   1.00 49.47  ? 127 ASN A C   1 
ATOM   146 O  O   . ASN A 1 23 ? 14.517  -4.095  5.892   1.00 49.33  ? 127 ASN A O   1 
ATOM   147 C  CB  . ASN A 1 23 ? 13.686  -6.439  7.312   1.00 43.38  ? 127 ASN A CB  1 
ATOM   148 C  CG  . ASN A 1 23 ? 12.539  -6.700  6.301   1.00 45.12  ? 127 ASN A CG  1 
ATOM   149 O  OD1 . ASN A 1 23 ? 11.596  -5.951  6.275   1.00 41.45  ? 127 ASN A OD1 1 
ATOM   150 N  ND2 . ASN A 1 23 ? 12.602  -7.802  5.532   1.00 43.45  ? 127 ASN A ND2 1 
ATOM   151 N  N   . GLY A 1 24 ? 12.775  -2.989  6.755   1.00 49.10  ? 128 GLY A N   1 
ATOM   152 C  CA  . GLY A 1 24 ? 12.918  -1.898  5.794   1.00 50.44  ? 128 GLY A CA  1 
ATOM   153 C  C   . GLY A 1 24 ? 12.346  -2.150  4.412   1.00 55.43  ? 128 GLY A C   1 
ATOM   154 O  O   . GLY A 1 24 ? 12.540  -1.327  3.505   1.00 55.42  ? 128 GLY A O   1 
ATOM   155 N  N   . ILE A 1 25 ? 11.614  -3.235  4.223   1.00 45.45  ? 129 ILE A N   1 
ATOM   156 C  CA  . ILE A 1 25 ? 10.967  -3.518  2.955   1.00 44.23  ? 129 ILE A CA  1 
ATOM   157 C  C   . ILE A 1 25 ? 9.621   -4.103  3.289   1.00 44.64  ? 129 ILE A C   1 
ATOM   158 O  O   . ILE A 1 25 ? 9.418   -4.698  4.361   1.00 42.46  ? 129 ILE A O   1 
ATOM   159 C  CB  . ILE A 1 25 ? 11.751  -4.504  2.076   1.00 45.60  ? 129 ILE A CB  1 
ATOM   160 C  CG1 . ILE A 1 25 ? 11.917  -5.811  2.834   1.00 55.05  ? 129 ILE A CG1 1 
ATOM   161 C  CG2 . ILE A 1 25 ? 13.104  -3.915  1.645   1.00 43.79  ? 129 ILE A CG2 1 
ATOM   162 C  CD1 . ILE A 1 25 ? 12.002  -7.065  1.934   1.00 67.45  ? 129 ILE A CD1 1 
ATOM   163 N  N   . LEU A 1 26 ? 8.694   -3.924  2.365   1.00 39.16  ? 130 LEU A N   1 
ATOM   164 C  CA  . LEU A 1 26 ? 7.383   -4.523  2.500   1.00 44.09  ? 130 LEU A CA  1 
ATOM   165 C  C   . LEU A 1 26 ? 7.413   -5.777  1.630   1.00 42.75  ? 130 LEU A C   1 
ATOM   166 O  O   . LEU A 1 26 ? 7.399   -5.689  0.399   1.00 48.47  ? 130 LEU A O   1 
ATOM   167 C  CB  . LEU A 1 26 ? 6.303   -3.539  2.065   1.00 46.80  ? 130 LEU A CB  1 
ATOM   168 C  CG  . LEU A 1 26 ? 6.199   -2.322  2.971   1.00 40.62  ? 130 LEU A CG  1 
ATOM   169 C  CD1 . LEU A 1 26 ? 5.401   -1.346  2.207   1.00 41.81  ? 130 LEU A CD1 1 
ATOM   170 C  CD2 . LEU A 1 26 ? 5.517   -2.607  4.315   1.00 43.03  ? 130 LEU A CD2 1 
ATOM   171 N  N   . ASP A 1 27 ? 7.494   -6.959  2.246   1.00 40.62  ? 131 ASP A N   1 
ATOM   172 C  CA  . ASP A 1 27 ? 7.433   -8.125  1.382   1.00 42.86  ? 131 ASP A CA  1 
ATOM   173 C  C   . ASP A 1 27 ? 5.972   -8.463  1.042   1.00 42.11  ? 131 ASP A C   1 
ATOM   174 O  O   . ASP A 1 27 ? 5.033   -7.785  1.456   1.00 40.07  ? 131 ASP A O   1 
ATOM   175 C  CB  . ASP A 1 27 ? 8.142   -9.293  2.024   1.00 49.37  ? 131 ASP A CB  1 
ATOM   176 C  CG  . ASP A 1 27 ? 7.561   -9.632  3.329   1.00 61.92  ? 131 ASP A CG  1 
ATOM   177 O  OD1 . ASP A 1 27 ? 6.319   -9.804  3.397   1.00 64.15  ? 131 ASP A OD1 1 
ATOM   178 O  OD2 . ASP A 1 27 ? 8.340   -9.664  4.297   1.00 77.71  ? 131 ASP A OD2 1 
ATOM   179 N  N   A SER A 1 28 ? 5.787   -9.535  0.283   0.58 41.85  ? 132 SER A N   1 
ATOM   180 N  N   B SER A 1 28 ? 5.802   -9.550  0.297   0.42 43.06  ? 132 SER A N   1 
ATOM   181 C  CA  A SER A 1 28 ? 4.459   -9.910  -0.200  0.58 46.60  ? 132 SER A CA  1 
ATOM   182 C  CA  B SER A 1 28 ? 4.485   -9.947  -0.198  0.42 46.21  ? 132 SER A CA  1 
ATOM   183 C  C   A SER A 1 28 ? 3.412   -9.984  0.914   0.58 48.63  ? 132 SER A C   1 
ATOM   184 C  C   B SER A 1 28 ? 3.425   -10.004 0.904   0.42 47.86  ? 132 SER A C   1 
ATOM   185 O  O   A SER A 1 28 ? 2.299   -9.483  0.740   0.58 46.32  ? 132 SER A O   1 
ATOM   186 O  O   B SER A 1 28 ? 2.308   -9.516  0.706   0.42 46.50  ? 132 SER A O   1 
ATOM   187 C  CB  A SER A 1 28 ? 4.541   -11.244 -0.925  0.58 42.84  ? 132 SER A CB  1 
ATOM   188 C  CB  B SER A 1 28 ? 4.585   -11.300 -0.890  0.42 44.45  ? 132 SER A CB  1 
ATOM   189 O  OG  A SER A 1 28 ? 5.442   -11.103 -1.999  0.58 52.22  ? 132 SER A OG  1 
ATOM   190 O  OG  B SER A 1 28 ? 3.294   -11.796 -1.152  0.42 49.88  ? 132 SER A OG  1 
ATOM   191 N  N   . SER A 1 29 ? 3.739   -10.607 2.067   1.00 43.68  ? 133 SER A N   1 
ATOM   192 C  CA  . SER A 1 29 ? 2.681   -10.798 3.072   1.00 46.02  ? 133 SER A CA  1 
ATOM   193 C  C   . SER A 1 29 ? 2.318   -9.488  3.745   1.00 34.88  ? 133 SER A C   1 
ATOM   194 O  O   . SER A 1 29 ? 1.165   -9.304  4.156   1.00 41.71  ? 133 SER A O   1 
ATOM   195 C  CB  . SER A 1 29 ? 3.017   -11.839 4.142   1.00 39.30  ? 133 SER A CB  1 
ATOM   196 O  OG  . SER A 1 29 ? 3.950   -11.277 5.032   1.00 53.85  ? 133 SER A OG  1 
ATOM   197 N  N   . GLU A 1 30 ? 3.242   -8.539  3.787   1.00 41.75  ? 134 GLU A N   1 
ATOM   198 C  CA  . GLU A 1 30 ? 2.958   -7.231  4.367   1.00 34.93  ? 134 GLU A CA  1 
ATOM   199 C  C   . GLU A 1 30 ? 2.174   -6.334  3.387   1.00 40.18  ? 134 GLU A C   1 
ATOM   200 O  O   . GLU A 1 30 ? 1.284   -5.593  3.799   1.00 36.38  ? 134 GLU A O   1 
ATOM   201 C  CB  . GLU A 1 30 ? 4.271   -6.560  4.753   1.00 36.51  ? 134 GLU A CB  1 
ATOM   202 C  CG  . GLU A 1 30 ? 5.041   -7.256  5.914   1.00 40.26  ? 134 GLU A CG  1 
ATOM   203 C  CD  . GLU A 1 30 ? 6.458   -6.665  6.037   1.00 45.54  ? 134 GLU A CD  1 
ATOM   204 O  OE1 . GLU A 1 30 ? 7.054   -6.318  4.989   1.00 50.10  ? 134 GLU A OE1 1 
ATOM   205 O  OE2 . GLU A 1 30 ? 6.979   -6.520  7.151   1.00 41.85  ? 134 GLU A OE2 1 
ATOM   206 N  N   . VAL A 1 31 ? 2.551   -6.319  2.102   1.00 35.65  ? 135 VAL A N   1 
ATOM   207 C  CA  . VAL A 1 31 ? 1.719   -5.700  1.067   1.00 41.17  ? 135 VAL A CA  1 
ATOM   208 C  C   . VAL A 1 31 ? 0.299   -6.250  1.112   1.00 38.95  ? 135 VAL A C   1 
ATOM   209 O  O   . VAL A 1 31 ? -0.679  -5.513  0.944   1.00 44.81  ? 135 VAL A O   1 
ATOM   210 C  CB  . VAL A 1 31 ? 2.342   -5.939  -0.310  1.00 37.71  ? 135 VAL A CB  1 
ATOM   211 C  CG1 . VAL A 1 31 ? 1.358   -5.494  -1.431  1.00 42.62  ? 135 VAL A CG1 1 
ATOM   212 C  CG2 . VAL A 1 31 ? 3.648   -5.236  -0.382  1.00 35.62  ? 135 VAL A CG2 1 
ATOM   213 N  N   . ASP A 1 32 ? 0.166   -7.558  1.309   1.00 35.91  ? 136 ASP A N   1 
ATOM   214 C  CA  . ASP A 1 32 ? -1.145  -8.161  1.413   1.00 40.80  ? 136 ASP A CA  1 
ATOM   215 C  C   . ASP A 1 32 ? -1.961  -7.539  2.545   1.00 44.82  ? 136 ASP A C   1 
ATOM   216 O  O   . ASP A 1 32 ? -3.161  -7.293  2.378   1.00 35.67  ? 136 ASP A O   1 
ATOM   217 C  CB  . ASP A 1 32 ? -1.002  -9.646  1.622   1.00 35.77  ? 136 ASP A CB  1 
ATOM   218 C  CG  . ASP A 1 32 ? -2.339  -10.356 1.646   1.00 51.18  ? 136 ASP A CG  1 
ATOM   219 O  OD1 . ASP A 1 32 ? -2.999  -10.454 0.575   1.00 54.95  ? 136 ASP A OD1 1 
ATOM   220 O  OD2 . ASP A 1 32 ? -2.716  -10.856 2.743   1.00 53.48  ? 136 ASP A OD2 1 
ATOM   221 N  N   . LYS A 1 33 ? -1.315  -7.249  3.690   1.00 39.94  ? 137 LYS A N   1 
ATOM   222 C  CA  . LYS A 1 33 ? -2.005  -6.573  4.791   1.00 40.71  ? 137 LYS A CA  1 
ATOM   223 C  C   . LYS A 1 33 ? -2.462  -5.178  4.383   1.00 38.19  ? 137 LYS A C   1 
ATOM   224 O  O   . LYS A 1 33 ? -3.490  -4.697  4.862   1.00 39.30  ? 137 LYS A O   1 
ATOM   225 C  CB  . LYS A 1 33 ? -1.085  -6.454  6.021   1.00 33.77  ? 137 LYS A CB  1 
ATOM   226 C  CG  . LYS A 1 33 ? -0.640  -7.823  6.602   1.00 44.78  ? 137 LYS A CG  1 
ATOM   227 C  CD  . LYS A 1 33 ? -1.827  -8.547  7.035   1.00 51.55  ? 137 LYS A CD  1 
ATOM   228 C  CE  . LYS A 1 33 ? -1.478  -9.903  7.565   1.00 67.13  ? 137 LYS A CE  1 
ATOM   229 N  NZ  . LYS A 1 33 ? -2.788  -10.513 7.977   1.00 71.20  ? 137 LYS A NZ  1 
ATOM   230 N  N   . ILE A 1 34 ? -1.643  -4.469  3.603   1.00 35.92  ? 138 ILE A N   1 
ATOM   231 C  CA  . ILE A 1 34 ? -1.996  -3.117  3.184   1.00 38.13  ? 138 ILE A CA  1 
ATOM   232 C  C   . ILE A 1 34 ? -3.200  -3.180  2.302   1.00 34.84  ? 138 ILE A C   1 
ATOM   233 O  O   . ILE A 1 34 ? -4.165  -2.417  2.481   1.00 40.40  ? 138 ILE A O   1 
ATOM   234 C  CB  . ILE A 1 34 ? -0.802  -2.440  2.471   1.00 44.21  ? 138 ILE A CB  1 
ATOM   235 C  CG1 . ILE A 1 34 ? 0.300   -2.130  3.484   1.00 41.62  ? 138 ILE A CG1 1 
ATOM   236 C  CG2 . ILE A 1 34 ? -1.206  -1.153  1.761   1.00 39.33  ? 138 ILE A CG2 1 
ATOM   237 C  CD1 . ILE A 1 34 ? 1.631   -1.842  2.836   1.00 37.45  ? 138 ILE A CD1 1 
ATOM   238 N  N   . ILE A 1 35 ? -3.217  -4.162  1.393   1.00 35.75  ? 139 ILE A N   1 
ATOM   239 C  CA  . ILE A 1 35 ? -4.364  -4.329  0.509   1.00 38.68  ? 139 ILE A CA  1 
ATOM   240 C  C   . ILE A 1 35 ? -5.630  -4.618  1.299   1.00 47.92  ? 139 ILE A C   1 
ATOM   241 O  O   . ILE A 1 35 ? -6.697  -4.039  1.034   1.00 42.09  ? 139 ILE A O   1 
ATOM   242 C  CB  . ILE A 1 35 ? -4.079  -5.436  -0.498  1.00 42.19  ? 139 ILE A CB  1 
ATOM   243 C  CG1 . ILE A 1 35 ? -2.923  -4.956  -1.377  1.00 39.84  ? 139 ILE A CG1 1 
ATOM   244 C  CG2 . ILE A 1 35 ? -5.354  -5.757  -1.246  1.00 41.18  ? 139 ILE A CG2 1 
ATOM   245 C  CD1 . ILE A 1 35 ? -2.494  -5.954  -2.358  1.00 41.66  ? 139 ILE A CD1 1 
ATOM   246 N  N   . LEU A 1 36 ? -5.543  -5.499  2.292   1.00 42.94  ? 140 LEU A N   1 
ATOM   247 C  CA  . LEU A 1 36 ? -6.728  -5.800  3.078   1.00 49.33  ? 140 LEU A CA  1 
ATOM   248 C  C   . LEU A 1 36 ? -7.241  -4.561  3.817   1.00 36.90  ? 140 LEU A C   1 
ATOM   249 O  O   . LEU A 1 36 ? -8.444  -4.366  3.931   1.00 42.22  ? 140 LEU A O   1 
ATOM   250 C  CB  . LEU A 1 36 ? -6.443  -6.962  4.044   1.00 45.89  ? 140 LEU A CB  1 
ATOM   251 C  CG  . LEU A 1 36 ? -6.271  -8.323  3.316   1.00 63.27  ? 140 LEU A CG  1 
ATOM   252 C  CD1 . LEU A 1 36 ? -5.812  -9.510  4.211   1.00 59.79  ? 140 LEU A CD1 1 
ATOM   253 C  CD2 . LEU A 1 36 ? -7.540  -8.713  2.569   1.00 70.13  ? 140 LEU A CD2 1 
ATOM   254 N  N   . GLN A 1 37 ? -6.354  -3.710  4.337   1.00 43.19  ? 141 GLN A N   1 
ATOM   255 C  CA  . GLN A 1 37 ? -6.843  -2.474  4.954   1.00 44.27  ? 141 GLN A CA  1 
ATOM   256 C  C   . GLN A 1 37 ? -7.536  -1.575  3.917   1.00 49.72  ? 141 GLN A C   1 
ATOM   257 O  O   . GLN A 1 37 ? -8.563  -0.943  4.208   1.00 46.39  ? 141 GLN A O   1 
ATOM   258 C  CB  . GLN A 1 37 ? -5.689  -1.743  5.642   1.00 43.27  ? 141 GLN A CB  1 
ATOM   259 C  CG  . GLN A 1 37 ? -6.071  -0.363  6.188   1.00 48.17  ? 141 GLN A CG  1 
ATOM   260 C  CD  . GLN A 1 37 ? -7.063  -0.388  7.367   1.00 58.12  ? 141 GLN A CD  1 
ATOM   261 O  OE1 . GLN A 1 37 ? -7.233  -1.425  8.053   1.00 50.43  ? 141 GLN A OE1 1 
ATOM   262 N  NE2 . GLN A 1 37 ? -7.730  0.772   7.608   1.00 61.11  ? 141 GLN A NE2 1 
ATOM   263 N  N   . MET A 1 38 ? -7.034  -1.545  2.682   1.00 45.75  ? 142 MET A N   1 
ATOM   264 C  CA  . MET A 1 38 ? -7.710  -0.727  1.673   1.00 46.32  ? 142 MET A CA  1 
ATOM   265 C  C   . MET A 1 38 ? -9.073  -1.335  1.343   1.00 43.29  ? 142 MET A C   1 
ATOM   266 O  O   . MET A 1 38 ? -10.065 -0.623  1.192   1.00 47.14  ? 142 MET A O   1 
ATOM   267 C  CB  . MET A 1 38 ? -6.830  -0.586  0.416   1.00 39.54  ? 142 MET A CB  1 
ATOM   268 C  CG  . MET A 1 38 ? -5.460  0.121   0.686   1.00 38.71  ? 142 MET A CG  1 
ATOM   269 S  SD  . MET A 1 38 ? -4.521  0.122   -0.839  1.00 42.42  ? 142 MET A SD  1 
ATOM   270 C  CE  . MET A 1 38 ? -3.161  1.127   -0.338  1.00 40.47  ? 142 MET A CE  1 
ATOM   271 N  N   . MET A 1 39 ? -9.156  -2.659  1.317   1.00 45.12  ? 143 MET A N   1 
ATOM   272 C  CA  . MET A 1 39 ? -10.457 -3.276  1.167   1.00 47.16  ? 143 MET A CA  1 
ATOM   273 C  C   . MET A 1 39 ? -11.369 -2.904  2.320   1.00 47.33  ? 143 MET A C   1 
ATOM   274 O  O   . MET A 1 39 ? -12.547 -2.612  2.108   1.00 48.66  ? 143 MET A O   1 
ATOM   275 C  CB  . MET A 1 39 ? -10.335 -4.798  1.060   1.00 47.48  ? 143 MET A CB  1 
ATOM   276 C  CG  . MET A 1 39 ? -9.470  -5.303  -0.102  1.00 50.54  ? 143 MET A CG  1 
ATOM   277 S  SD  . MET A 1 39 ? -10.337 -5.151  -1.679  1.00 70.14  ? 143 MET A SD  1 
ATOM   278 C  CE  . MET A 1 39 ? -11.558 -6.471  -1.594  1.00 81.11  ? 143 MET A CE  1 
ATOM   279 N  N   . ARG A 1 40 ? -10.873 -2.958  3.558   1.00 45.49  ? 144 ARG A N   1 
ATOM   280 C  CA  . ARG A 1 40 ? -11.768 -2.684  4.685   1.00 49.21  ? 144 ARG A CA  1 
ATOM   281 C  C   . ARG A 1 40 ? -12.286 -1.250  4.615   1.00 50.40  ? 144 ARG A C   1 
ATOM   282 O  O   . ARG A 1 40 ? -13.472 -0.993  4.890   1.00 52.72  ? 144 ARG A O   1 
ATOM   283 C  CB  . ARG A 1 40 ? -11.078 -2.930  6.033   1.00 43.92  ? 144 ARG A CB  1 
ATOM   284 C  CG  . ARG A 1 40 ? -10.728 -4.370  6.353   1.00 59.88  ? 144 ARG A CG  1 
ATOM   285 C  CD  . ARG A 1 40 ? -10.398 -4.502  7.834   1.00 66.94  ? 144 ARG A CD  1 
ATOM   286 N  NE  . ARG A 1 40 ? -9.341  -5.451  8.085   1.00 77.84  ? 144 ARG A NE  1 
ATOM   287 C  CZ  . ARG A 1 40 ? -9.540  -6.657  8.616   1.00 88.57  ? 144 ARG A CZ  1 
ATOM   288 N  NH1 . ARG A 1 40 ? -10.758 -7.069  8.977   1.00 91.14  ? 144 ARG A NH1 1 
ATOM   289 N  NH2 . ARG A 1 40 ? -8.504  -7.450  8.806   1.00 90.33  ? 144 ARG A NH2 1 
ATOM   290 N  N   . VAL A 1 41 ? -11.419 -0.307  4.219   1.00 44.26  ? 145 VAL A N   1 
ATOM   291 C  CA  . VAL A 1 41 ? -11.860 1.080   4.035   1.00 50.72  ? 145 VAL A CA  1 
ATOM   292 C  C   . VAL A 1 41 ? -12.951 1.173   2.986   1.00 53.10  ? 145 VAL A C   1 
ATOM   293 O  O   . VAL A 1 41 ? -13.964 1.846   3.191   1.00 64.10  ? 145 VAL A O   1 
ATOM   294 C  CB  . VAL A 1 41 ? -10.679 1.989   3.667   1.00 43.87  ? 145 VAL A CB  1 
ATOM   295 C  CG1 . VAL A 1 41 ? -11.205 3.331   3.222   1.00 49.38  ? 145 VAL A CG1 1 
ATOM   296 C  CG2 . VAL A 1 41 ? -9.785  2.117   4.862   1.00 47.60  ? 145 VAL A CG2 1 
ATOM   297 N  N   . ALA A 1 42 ? -12.777 0.504   1.849   1.00 51.96  ? 146 ALA A N   1 
ATOM   298 C  CA  . ALA A 1 42 ? -13.796 0.566   0.796   1.00 49.89  ? 146 ALA A CA  1 
ATOM   299 C  C   . ALA A 1 42 ? -15.133 -0.018  1.245   1.00 59.89  ? 146 ALA A C   1 
ATOM   300 O  O   . ALA A 1 42 ? -16.219 0.560   0.985   1.00 58.61  ? 146 ALA A O   1 
ATOM   301 C  CB  . ALA A 1 42 ? -13.277 -0.185  -0.418  1.00 54.93  ? 146 ALA A CB  1 
ATOM   302 N  N   . GLU A 1 43 ? -15.079 -1.188  1.877   1.00 53.65  ? 147 GLU A N   1 
ATOM   303 C  CA  . GLU A 1 43 ? -16.302 -1.811  2.379   1.00 62.99  ? 147 GLU A CA  1 
ATOM   304 C  C   . GLU A 1 43 ? -16.988 -0.916  3.402   1.00 58.70  ? 147 GLU A C   1 
ATOM   305 O  O   . GLU A 1 43 ? -18.214 -0.801  3.402   1.00 64.92  ? 147 GLU A O   1 
ATOM   306 C  CB  . GLU A 1 43 ? -15.986 -3.174  3.011   1.00 67.85  ? 147 GLU A CB  1 
ATOM   307 C  CG  . GLU A 1 43 ? -16.028 -4.326  2.032   1.00 85.63  ? 147 GLU A CG  1 
ATOM   308 C  CD  . GLU A 1 43 ? -16.306 -5.664  2.705   1.00 101.72 ? 147 GLU A CD  1 
ATOM   309 O  OE1 . GLU A 1 43 ? -17.365 -6.268  2.404   1.00 107.36 ? 147 GLU A OE1 1 
ATOM   310 O  OE2 . GLU A 1 43 ? -15.448 -6.107  3.523   1.00 105.20 ? 147 GLU A OE2 1 
ATOM   311 N  N   . TYR A 1 44 ? -16.204 -0.297  4.296   1.00 59.99  ? 148 TYR A N   1 
ATOM   312 C  CA  . TYR A 1 44 ? -16.772 0.583   5.305   1.00 61.36  ? 148 TYR A CA  1 
ATOM   313 C  C   . TYR A 1 44 ? -17.539 1.730   4.648   1.00 62.64  ? 148 TYR A C   1 
ATOM   314 O  O   . TYR A 1 44 ? -18.660 2.049   5.052   1.00 70.04  ? 148 TYR A O   1 
ATOM   315 C  CB  . TYR A 1 44 ? -15.666 1.093   6.232   1.00 60.93  ? 148 TYR A CB  1 
ATOM   316 C  CG  . TYR A 1 44 ? -16.116 2.255   7.090   1.00 77.68  ? 148 TYR A CG  1 
ATOM   317 C  CD1 . TYR A 1 44 ? -16.948 2.057   8.194   1.00 83.65  ? 148 TYR A CD1 1 
ATOM   318 C  CD2 . TYR A 1 44 ? -15.727 3.556   6.785   1.00 84.68  ? 148 TYR A CD2 1 
ATOM   319 C  CE1 . TYR A 1 44 ? -17.379 3.133   8.972   1.00 91.78  ? 148 TYR A CE1 1 
ATOM   320 C  CE2 . TYR A 1 44 ? -16.143 4.631   7.548   1.00 94.34  ? 148 TYR A CE2 1 
ATOM   321 C  CZ  . TYR A 1 44 ? -16.971 4.417   8.641   1.00 99.22  ? 148 TYR A CZ  1 
ATOM   322 O  OH  . TYR A 1 44 ? -17.389 5.499   9.389   1.00 104.09 ? 148 TYR A OH  1 
ATOM   323 N  N   . LEU A 1 45 ? -16.999 2.291   3.575   1.00 64.63  ? 149 LEU A N   1 
ATOM   324 C  CA  . LEU A 1 45 ? -17.718 3.305   2.827   1.00 70.77  ? 149 LEU A CA  1 
ATOM   325 C  C   . LEU A 1 45 ? -18.916 2.746   2.032   1.00 84.40  ? 149 LEU A C   1 
ATOM   326 O  O   . LEU A 1 45 ? -19.574 3.525   1.332   1.00 96.46  ? 149 LEU A O   1 
ATOM   327 C  CB  . LEU A 1 45 ? -16.744 4.030   1.888   1.00 64.14  ? 149 LEU A CB  1 
ATOM   328 C  CG  . LEU A 1 45 ? -15.658 4.836   2.628   1.00 60.06  ? 149 LEU A CG  1 
ATOM   329 C  CD1 . LEU A 1 45 ? -14.429 4.992   1.770   1.00 54.91  ? 149 LEU A CD1 1 
ATOM   330 C  CD2 . LEU A 1 45 ? -16.177 6.216   2.952   1.00 58.09  ? 149 LEU A CD2 1 
ATOM   331 N  N   . ASP A 1 46 ? -19.223 1.444   2.141   1.00 83.35  ? 150 ASP A N   1 
ATOM   332 C  CA  . ASP A 1 46 ? -20.237 0.749   1.314   1.00 92.18  ? 150 ASP A CA  1 
ATOM   333 C  C   . ASP A 1 46 ? -20.022 0.995   -0.187  1.00 91.17  ? 150 ASP A C   1 
ATOM   334 O  O   . ASP A 1 46 ? -20.955 1.297   -0.939  1.00 93.86  ? 150 ASP A O   1 
ATOM   335 C  CB  . ASP A 1 46 ? -21.672 1.126   1.726   1.00 93.15  ? 150 ASP A CB  1 
ATOM   336 C  CG  . ASP A 1 46 ? -22.721 0.128   1.204   1.00 111.97 ? 150 ASP A CG  1 
ATOM   337 O  OD1 . ASP A 1 46 ? -22.650 -0.333  0.039   1.00 117.36 ? 150 ASP A OD1 1 
ATOM   338 O  OD2 . ASP A 1 46 ? -23.640 -0.213  1.975   1.00 124.51 ? 150 ASP A OD2 1 
ATOM   339 N  N   . TRP A 1 47 ? -18.769 0.897   -0.618  1.00 79.78  ? 151 TRP A N   1 
ATOM   340 C  CA  . TRP A 1 47 ? -18.505 0.710   -2.033  1.00 81.42  ? 151 TRP A CA  1 
ATOM   341 C  C   . TRP A 1 47 ? -18.835 -0.722  -2.395  1.00 85.91  ? 151 TRP A C   1 
ATOM   342 O  O   . TRP A 1 47 ? -18.983 -1.592  -1.533  1.00 86.19  ? 151 TRP A O   1 
ATOM   343 C  CB  . TRP A 1 47 ? -17.036 0.947   -2.406  1.00 81.63  ? 151 TRP A CB  1 
ATOM   344 C  CG  . TRP A 1 47 ? -16.542 2.374   -2.449  1.00 78.52  ? 151 TRP A CG  1 
ATOM   345 C  CD1 . TRP A 1 47 ? -15.461 2.891   -1.774  1.00 68.27  ? 151 TRP A CD1 1 
ATOM   346 C  CD2 . TRP A 1 47 ? -17.077 3.454   -3.222  1.00 86.98  ? 151 TRP A CD2 1 
ATOM   347 N  NE1 . TRP A 1 47 ? -15.303 4.226   -2.070  1.00 67.77  ? 151 TRP A NE1 1 
ATOM   348 C  CE2 . TRP A 1 47 ? -16.283 4.596   -2.952  1.00 68.62  ? 151 TRP A CE2 1 
ATOM   349 C  CE3 . TRP A 1 47 ? -18.151 3.572   -4.098  1.00 81.81  ? 151 TRP A CE3 1 
ATOM   350 C  CZ2 . TRP A 1 47 ? -16.536 5.815   -3.522  1.00 70.74  ? 151 TRP A CZ2 1 
ATOM   351 C  CZ3 . TRP A 1 47 ? -18.403 4.781   -4.644  1.00 83.84  ? 151 TRP A CZ3 1 
ATOM   352 C  CH2 . TRP A 1 47 ? -17.605 5.893   -4.372  1.00 78.39  ? 151 TRP A CH2 1 
ATOM   353 N  N   . ASP A 1 48 ? -18.917 -0.962  -3.688  1.00 94.55  ? 152 ASP A N   1 
ATOM   354 C  CA  . ASP A 1 48 ? -18.991 -2.310  -4.219  1.00 100.71 ? 152 ASP A CA  1 
ATOM   355 C  C   . ASP A 1 48 ? -17.557 -2.805  -4.419  1.00 98.01  ? 152 ASP A C   1 
ATOM   356 O  O   . ASP A 1 48 ? -16.850 -2.332  -5.316  1.00 101.24 ? 152 ASP A O   1 
ATOM   357 C  CB  . ASP A 1 48 ? -19.811 -2.299  -5.508  1.00 109.88 ? 152 ASP A CB  1 
ATOM   358 C  CG  . ASP A 1 48 ? -19.799 -3.618  -6.209  1.00 113.70 ? 152 ASP A CG  1 
ATOM   359 O  OD1 . ASP A 1 48 ? -19.611 -3.627  -7.447  1.00 114.18 ? 152 ASP A OD1 1 
ATOM   360 O  OD2 . ASP A 1 48 ? -19.922 -4.642  -5.504  1.00 115.03 ? 152 ASP A OD2 1 
ATOM   361 N  N   . VAL A 1 49 ? -17.117 -3.734  -3.559  1.00 91.82  ? 153 VAL A N   1 
ATOM   362 C  CA  . VAL A 1 49 ? -15.733 -4.227  -3.559  1.00 83.98  ? 153 VAL A CA  1 
ATOM   363 C  C   . VAL A 1 49 ? -15.559 -5.529  -4.337  1.00 92.39  ? 153 VAL A C   1 
ATOM   364 O  O   . VAL A 1 49 ? -14.512 -6.185  -4.191  1.00 85.41  ? 153 VAL A O   1 
ATOM   365 C  CB  . VAL A 1 49 ? -15.209 -4.425  -2.122  1.00 74.56  ? 153 VAL A CB  1 
ATOM   366 C  CG1 . VAL A 1 49 ? -15.217 -3.117  -1.368  1.00 71.15  ? 153 VAL A CG1 1 
ATOM   367 C  CG2 . VAL A 1 49 ? -16.090 -5.434  -1.402  1.00 77.38  ? 153 VAL A CG2 1 
ATOM   368 N  N   . SER A 1 50 ? -16.531 -5.900  -5.187  1.00 97.59  ? 154 SER A N   1 
ATOM   369 C  CA  . SER A 1 50 ? -16.556 -7.212  -5.837  1.00 100.75 ? 154 SER A CA  1 
ATOM   370 C  C   . SER A 1 50 ? -15.291 -7.496  -6.626  1.00 92.09  ? 154 SER A C   1 
ATOM   371 O  O   . SER A 1 50 ? -14.726 -8.591  -6.549  1.00 91.77  ? 154 SER A O   1 
ATOM   372 C  CB  . SER A 1 50 ? -17.770 -7.316  -6.762  1.00 104.41 ? 154 SER A CB  1 
ATOM   373 O  OG  . SER A 1 50 ? -18.940 -6.996  -6.052  1.00 107.71 ? 154 SER A OG  1 
ATOM   374 N  N   . GLU A 1 51 ? -14.836 -6.536  -7.411  1.00 90.57  ? 155 GLU A N   1 
ATOM   375 C  CA  . GLU A 1 51 ? -13.639 -6.764  -8.199  1.00 93.04  ? 155 GLU A CA  1 
ATOM   376 C  C   . GLU A 1 51 ? -12.616 -5.673  -7.958  1.00 81.87  ? 155 GLU A C   1 
ATOM   377 O  O   . GLU A 1 51 ? -11.832 -5.319  -8.832  1.00 86.64  ? 155 GLU A O   1 
ATOM   378 C  CB  . GLU A 1 51 ? -13.974 -6.906  -9.680  1.00 107.41 ? 155 GLU A CB  1 
ATOM   379 C  CG  . GLU A 1 51 ? -15.197 -6.149  -10.173 1.00 117.26 ? 155 GLU A CG  1 
ATOM   380 C  CD  . GLU A 1 51 ? -15.580 -6.555  -11.613 1.00 134.08 ? 155 GLU A CD  1 
ATOM   381 O  OE1 . GLU A 1 51 ? -14.731 -7.154  -12.323 1.00 135.71 ? 155 GLU A OE1 1 
ATOM   382 O  OE2 . GLU A 1 51 ? -16.726 -6.275  -12.047 1.00 143.60 ? 155 GLU A OE2 1 
ATOM   383 N  N   . LEU A 1 52 ? -12.613 -5.153  -6.762  1.00 62.42  ? 156 LEU A N   1 
ATOM   384 C  CA  . LEU A 1 52 ? -11.618 -4.160  -6.387  1.00 67.01  ? 156 LEU A CA  1 
ATOM   385 C  C   . LEU A 1 52 ? -10.259 -4.765  -6.046  1.00 62.37  ? 156 LEU A C   1 
ATOM   386 O  O   . LEU A 1 52 ? -9.229  -4.122  -6.294  1.00 67.36  ? 156 LEU A O   1 
ATOM   387 C  CB  . LEU A 1 52 ? -12.105 -3.376  -5.181  1.00 67.74  ? 156 LEU A CB  1 
ATOM   388 C  CG  . LEU A 1 52 ? -11.122 -2.368  -4.617  1.00 66.19  ? 156 LEU A CG  1 
ATOM   389 C  CD1 . LEU A 1 52 ? -10.796 -1.357  -5.678  1.00 63.48  ? 156 LEU A CD1 1 
ATOM   390 C  CD2 . LEU A 1 52 ? -11.730 -1.730  -3.439  1.00 60.87  ? 156 LEU A CD2 1 
ATOM   391 N  N   . ARG A 1 53 ? -10.232 -5.980  -5.490  1.00 64.01  ? 157 ARG A N   1 
ATOM   392 C  CA  . ARG A 1 53 ? -8.977  -6.541  -4.987  1.00 66.03  ? 157 ARG A CA  1 
ATOM   393 C  C   . ARG A 1 53 ? -7.958  -6.820  -6.088  1.00 67.96  ? 157 ARG A C   1 
ATOM   394 O  O   . ARG A 1 53 ? -6.769  -6.503  -5.880  1.00 68.97  ? 157 ARG A O   1 
ATOM   395 C  CB  . ARG A 1 53 ? -9.246  -7.802  -4.149  1.00 71.57  ? 157 ARG A CB  1 
ATOM   396 C  CG  . ARG A 1 53 ? -8.346  -7.877  -2.893  1.00 76.72  ? 157 ARG A CG  1 
ATOM   397 C  CD  . ARG A 1 53 ? -8.218  -9.254  -2.222  1.00 87.34  ? 157 ARG A CD  1 
ATOM   398 N  NE  . ARG A 1 53 ? -6.963  -9.294  -1.454  1.00 92.47  ? 157 ARG A NE  1 
ATOM   399 C  CZ  . ARG A 1 53 ? -5.779  -9.561  -2.017  1.00 94.12  ? 157 ARG A CZ  1 
ATOM   400 N  NH1 . ARG A 1 53 ? -5.754  -9.829  -3.309  1.00 102.65 ? 157 ARG A NH1 1 
ATOM   401 N  NH2 . ARG A 1 53 ? -4.638  -9.571  -1.323  1.00 83.75  ? 157 ARG A NH2 1 
ATOM   402 N  N   . PRO A 1 54 ? -8.332  -7.381  -7.248  1.00 69.78  ? 158 PRO A N   1 
ATOM   403 C  CA  . PRO A 1 54 ? -7.349  -7.516  -8.342  1.00 72.06  ? 158 PRO A CA  1 
ATOM   404 C  C   . PRO A 1 54 ? -6.767  -6.190  -8.774  1.00 71.46  ? 158 PRO A C   1 
ATOM   405 O  O   . PRO A 1 54 ? -5.655  -6.140  -9.321  1.00 66.36  ? 158 PRO A O   1 
ATOM   406 C  CB  . PRO A 1 54 ? -8.175  -8.141  -9.479  1.00 75.31  ? 158 PRO A CB  1 
ATOM   407 C  CG  . PRO A 1 54 ? -9.314  -8.814  -8.801  1.00 75.40  ? 158 PRO A CG  1 
ATOM   408 C  CD  . PRO A 1 54 ? -9.643  -7.961  -7.626  1.00 72.04  ? 158 PRO A CD  1 
ATOM   409 N  N   . ILE A 1 55 ? -7.539  -5.117  -8.607  1.00 71.63  ? 159 ILE A N   1 
ATOM   410 C  CA  . ILE A 1 55 ? -7.084  -3.787  -8.965  1.00 65.30  ? 159 ILE A CA  1 
ATOM   411 C  C   . ILE A 1 55 ? -6.040  -3.318  -7.966  1.00 66.29  ? 159 ILE A C   1 
ATOM   412 O  O   . ILE A 1 55 ? -5.001  -2.760  -8.339  1.00 56.36  ? 159 ILE A O   1 
ATOM   413 C  CB  . ILE A 1 55 ? -8.301  -2.851  -9.036  1.00 63.07  ? 159 ILE A CB  1 
ATOM   414 C  CG1 . ILE A 1 55 ? -9.187  -3.306  -10.191 1.00 74.71  ? 159 ILE A CG1 1 
ATOM   415 C  CG2 . ILE A 1 55 ? -7.911  -1.424  -9.165  1.00 60.32  ? 159 ILE A CG2 1 
ATOM   416 C  CD1 . ILE A 1 55 ? -10.574 -2.740  -10.205 1.00 78.36  ? 159 ILE A CD1 1 
ATOM   417 N  N   . LEU A 1 56 ? -6.271  -3.582  -6.689  1.00 60.73  ? 160 LEU A N   1 
ATOM   418 C  CA  . LEU A 1 56 ? -5.293  -3.142  -5.705  1.00 57.64  ? 160 LEU A CA  1 
ATOM   419 C  C   . LEU A 1 56 ? -3.998  -3.927  -5.842  1.00 52.69  ? 160 LEU A C   1 
ATOM   420 O  O   . LEU A 1 56 ? -2.907  -3.358  -5.738  1.00 49.28  ? 160 LEU A O   1 
ATOM   421 C  CB  . LEU A 1 56 ? -5.883  -3.261  -4.310  1.00 47.62  ? 160 LEU A CB  1 
ATOM   422 C  CG  . LEU A 1 56 ? -7.030  -2.271  -4.060  1.00 51.44  ? 160 LEU A CG  1 
ATOM   423 C  CD1 . LEU A 1 56 ? -7.559  -2.399  -2.646  1.00 48.08  ? 160 LEU A CD1 1 
ATOM   424 C  CD2 . LEU A 1 56 ? -6.604  -0.857  -4.332  1.00 53.47  ? 160 LEU A CD2 1 
ATOM   425 N  N   . GLN A 1 57 ? -4.093  -5.219  -6.166  1.00 56.12  ? 161 GLN A N   1 
ATOM   426 C  CA  . GLN A 1 57 ? -2.877  -6.003  -6.355  1.00 57.62  ? 161 GLN A CA  1 
ATOM   427 C  C   . GLN A 1 57 ? -2.025  -5.469  -7.500  1.00 58.22  ? 161 GLN A C   1 
ATOM   428 O  O   . GLN A 1 57 ? -0.803  -5.321  -7.355  1.00 59.93  ? 161 GLN A O   1 
ATOM   429 C  CB  . GLN A 1 57 ? -3.225  -7.465  -6.574  1.00 64.31  ? 161 GLN A CB  1 
ATOM   430 C  CG  . GLN A 1 57 ? -4.039  -7.988  -5.473  1.00 78.85  ? 161 GLN A CG  1 
ATOM   431 C  CD  . GLN A 1 57 ? -3.785  -9.439  -5.228  1.00 93.69  ? 161 GLN A CD  1 
ATOM   432 O  OE1 . GLN A 1 57 ? -3.019  -9.784  -4.322  1.00 104.00 ? 161 GLN A OE1 1 
ATOM   433 N  NE2 . GLN A 1 57 ? -4.456  -10.308 -5.985  1.00 89.93  ? 161 GLN A NE2 1 
ATOM   434 N  N   . GLU A 1 58 ? -2.644  -5.128  -8.623  1.00 57.27  ? 162 GLU A N   1 
ATOM   435 C  CA  . GLU A 1 58 ? -1.845  -4.683  -9.744  1.00 64.50  ? 162 GLU A CA  1 
ATOM   436 C  C   . GLU A 1 58 ? -1.229  -3.326  -9.447  1.00 64.65  ? 162 GLU A C   1 
ATOM   437 O  O   . GLU A 1 58 ? -0.081  -3.064  -9.817  1.00 66.77  ? 162 GLU A O   1 
ATOM   438 C  CB  . GLU A 1 58 ? -2.696  -4.640  -11.008 1.00 76.89  ? 162 GLU A CB  1 
ATOM   439 C  CG  . GLU A 1 58 ? -1.927  -4.233  -12.255 1.00 90.06  ? 162 GLU A CG  1 
ATOM   440 C  CD  . GLU A 1 58 ? -0.881  -5.264  -12.672 1.00 102.40 ? 162 GLU A CD  1 
ATOM   441 O  OE1 . GLU A 1 58 ? -1.147  -6.494  -12.531 1.00 102.77 ? 162 GLU A OE1 1 
ATOM   442 O  OE2 . GLU A 1 58 ? 0.208   -4.837  -13.138 1.00 105.59 ? 162 GLU A OE2 1 
ATOM   443 N  N   . MET A 1 59 ? -1.972  -2.456  -8.769  1.00 62.36  ? 163 MET A N   1 
ATOM   444 C  CA  . MET A 1 59 ? -1.422  -1.173  -8.321  1.00 59.82  ? 163 MET A CA  1 
ATOM   445 C  C   . MET A 1 59 ? -0.135  -1.370  -7.508  1.00 51.68  ? 163 MET A C   1 
ATOM   446 O  O   . MET A 1 59 ? 0.882   -0.744  -7.793  1.00 52.19  ? 163 MET A O   1 
ATOM   447 C  CB  . MET A 1 59 ? -2.461  -0.455  -7.470  1.00 52.70  ? 163 MET A CB  1 
ATOM   448 C  CG  . MET A 1 59 ? -1.985  0.827   -6.839  1.00 55.53  ? 163 MET A CG  1 
ATOM   449 S  SD  . MET A 1 59 ? -3.176  1.434   -5.658  1.00 56.19  ? 163 MET A SD  1 
ATOM   450 C  CE  . MET A 1 59 ? -2.639  0.390   -4.254  1.00 45.46  ? 163 MET A CE  1 
ATOM   451 N  N   . MET A 1 60 ? -0.170  -2.252  -6.497  1.00 49.64  ? 164 MET A N   1 
ATOM   452 C  CA  . MET A 1 60 ? 1.015   -2.554  -5.689  1.00 47.69  ? 164 MET A CA  1 
ATOM   453 C  C   . MET A 1 60 ? 2.136   -3.248  -6.477  1.00 52.33  ? 164 MET A C   1 
ATOM   454 O  O   . MET A 1 60 ? 3.313   -3.099  -6.139  1.00 49.21  ? 164 MET A O   1 
ATOM   455 C  CB  . MET A 1 60 ? 0.638   -3.415  -4.471  1.00 44.96  ? 164 MET A CB  1 
ATOM   456 C  CG  . MET A 1 60 ? -0.375  -2.849  -3.471  1.00 43.29  ? 164 MET A CG  1 
ATOM   457 S  SD  . MET A 1 60 ? 0.185   -1.259  -2.808  1.00 52.44  ? 164 MET A SD  1 
ATOM   458 C  CE  . MET A 1 60 ? 1.806   -1.716  -2.236  1.00 48.32  ? 164 MET A CE  1 
ATOM   459 N  N   . LYS A 1 61 ? 1.806   -4.072  -7.463  1.00 59.46  ? 165 LYS A N   1 
ATOM   460 C  CA  . LYS A 1 61 ? 2.856   -4.643  -8.301  1.00 62.18  ? 165 LYS A CA  1 
ATOM   461 C  C   . LYS A 1 61 ? 3.639   -3.540  -8.990  1.00 65.71  ? 165 LYS A C   1 
ATOM   462 O  O   . LYS A 1 61 ? 4.874   -3.546  -8.987  1.00 67.10  ? 165 LYS A O   1 
ATOM   463 C  CB  . LYS A 1 61 ? 2.244   -5.608  -9.330  1.00 66.60  ? 165 LYS A CB  1 
ATOM   464 C  CG  . LYS A 1 61 ? 3.265   -6.328  -10.174 1.00 74.91  ? 165 LYS A CG  1 
ATOM   465 N  N   . GLU A 1 62 ? 2.925   -2.559  -9.547  1.00 67.94  ? 166 GLU A N   1 
ATOM   466 C  CA  . GLU A 1 62 ? 3.558   -1.444  -10.242 1.00 69.32  ? 166 GLU A CA  1 
ATOM   467 C  C   . GLU A 1 62 ? 4.470   -0.637  -9.316  1.00 67.04  ? 166 GLU A C   1 
ATOM   468 O  O   . GLU A 1 62 ? 5.530   -0.171  -9.748  1.00 68.08  ? 166 GLU A O   1 
ATOM   469 C  CB  . GLU A 1 62 ? 2.484   -0.530  -10.857 1.00 77.27  ? 166 GLU A CB  1 
ATOM   470 C  CG  . GLU A 1 62 ? 1.540   -1.177  -11.914 1.00 91.96  ? 166 GLU A CG  1 
ATOM   471 C  CD  . GLU A 1 62 ? 0.530   -0.184  -12.552 1.00 105.88 ? 166 GLU A CD  1 
ATOM   472 O  OE1 . GLU A 1 62 ? 0.696   1.061   -12.440 1.00 108.87 ? 166 GLU A OE1 1 
ATOM   473 O  OE2 . GLU A 1 62 ? -0.437  -0.660  -13.184 1.00 111.43 ? 166 GLU A OE2 1 
ATOM   474 N  N   . ILE A 1 63 ? 4.073   -0.456  -8.049  1.00 52.68  ? 167 ILE A N   1 
ATOM   475 C  CA  . ILE A 1 63 ? 4.835   0.365   -7.106  1.00 51.38  ? 167 ILE A CA  1 
ATOM   476 C  C   . ILE A 1 63 ? 6.200   -0.245  -6.836  1.00 49.22  ? 167 ILE A C   1 
ATOM   477 O  O   . ILE A 1 63 ? 7.160   0.467   -6.533  1.00 65.85  ? 167 ILE A O   1 
ATOM   478 C  CB  . ILE A 1 63 ? 4.009   0.508   -5.823  1.00 50.46  ? 167 ILE A CB  1 
ATOM   479 C  CG1 . ILE A 1 63 ? 2.820   1.413   -6.083  1.00 50.74  ? 167 ILE A CG1 1 
ATOM   480 C  CG2 . ILE A 1 63 ? 4.839   0.916   -4.668  1.00 45.95  ? 167 ILE A CG2 1 
ATOM   481 C  CD1 . ILE A 1 63 ? 1.948   1.657   -4.844  1.00 52.95  ? 167 ILE A CD1 1 
ATOM   482 N  N   . ASP A 1 64 ? 6.297   -1.565  -6.884  1.00 59.68  ? 168 ASP A N   1 
ATOM   483 C  CA  . ASP A 1 64 ? 7.579   -2.253  -6.895  1.00 65.66  ? 168 ASP A CA  1 
ATOM   484 C  C   . ASP A 1 64 ? 8.221   -1.931  -8.236  1.00 75.36  ? 168 ASP A C   1 
ATOM   485 O  O   . ASP A 1 64 ? 7.983   -2.625  -9.234  1.00 80.23  ? 168 ASP A O   1 
ATOM   486 C  CB  . ASP A 1 64 ? 7.367   -3.755  -6.664  1.00 58.77  ? 168 ASP A CB  1 
ATOM   487 C  CG  . ASP A 1 64 ? 8.668   -4.569  -6.650  1.00 78.35  ? 168 ASP A CG  1 
ATOM   488 O  OD1 . ASP A 1 64 ? 8.575   -5.798  -6.890  1.00 70.54  ? 168 ASP A OD1 1 
ATOM   489 O  OD2 . ASP A 1 64 ? 9.765   -4.013  -6.390  1.00 65.38  ? 168 ASP A OD2 1 
ATOM   490 N  N   . TYR A 1 65 ? 8.975   -0.822  -8.278  1.00 80.17  ? 169 TYR A N   1 
ATOM   491 C  CA  . TYR A 1 65 ? 9.579   -0.375  -9.527  1.00 84.24  ? 169 TYR A CA  1 
ATOM   492 C  C   . TYR A 1 65 ? 10.633  -1.362  -10.014 1.00 89.88  ? 169 TYR A C   1 
ATOM   493 O  O   . TYR A 1 65 ? 10.668  -1.696  -11.200 1.00 101.17 ? 169 TYR A O   1 
ATOM   494 C  CB  . TYR A 1 65 ? 10.191  1.017   -9.365  1.00 84.23  ? 169 TYR A CB  1 
ATOM   495 C  CG  . TYR A 1 65 ? 10.566  1.666   -10.702 1.00 94.70  ? 169 TYR A CG  1 
ATOM   496 C  CD1 . TYR A 1 65 ? 11.899  1.997   -11.007 1.00 100.97 ? 169 TYR A CD1 1 
ATOM   497 C  CD2 . TYR A 1 65 ? 9.590   1.962   -11.656 1.00 93.96  ? 169 TYR A CD2 1 
ATOM   498 C  CE1 . TYR A 1 65 ? 12.235  2.593   -12.228 1.00 101.11 ? 169 TYR A CE1 1 
ATOM   499 C  CE2 . TYR A 1 65 ? 9.919   2.565   -12.876 1.00 98.34  ? 169 TYR A CE2 1 
ATOM   500 C  CZ  . TYR A 1 65 ? 11.234  2.875   -13.154 1.00 100.82 ? 169 TYR A CZ  1 
ATOM   501 O  OH  . TYR A 1 65 ? 11.531  3.467   -14.364 1.00 104.99 ? 169 TYR A OH  1 
ATOM   502 N  N   . ASP A 1 66 ? 11.488  -1.857  -9.115  1.00 84.88  ? 170 ASP A N   1 
ATOM   503 C  CA  . ASP A 1 66 ? 12.613  -2.673  -9.548  1.00 91.37  ? 170 ASP A CA  1 
ATOM   504 C  C   . ASP A 1 66 ? 12.287  -4.162  -9.668  1.00 93.87  ? 170 ASP A C   1 
ATOM   505 O  O   . ASP A 1 66 ? 13.194  -4.955  -9.949  1.00 99.44  ? 170 ASP A O   1 
ATOM   506 C  CB  . ASP A 1 66 ? 13.811  -2.486  -8.615  1.00 94.97  ? 170 ASP A CB  1 
ATOM   507 C  CG  . ASP A 1 66 ? 13.509  -2.846  -7.185  1.00 100.45 ? 170 ASP A CG  1 
ATOM   508 O  OD1 . ASP A 1 66 ? 14.225  -2.344  -6.289  1.00 105.39 ? 170 ASP A OD1 1 
ATOM   509 O  OD2 . ASP A 1 66 ? 12.558  -3.618  -6.951  1.00 102.63 ? 170 ASP A OD2 1 
ATOM   510 N  N   . GLY A 1 67 ? 11.038  -4.566  -9.471  1.00 91.40  ? 171 GLY A N   1 
ATOM   511 C  CA  . GLY A 1 67 ? 10.685  -5.970  -9.654  1.00 97.56  ? 171 GLY A CA  1 
ATOM   512 C  C   . GLY A 1 67 ? 11.327  -6.936  -8.680  1.00 102.29 ? 171 GLY A C   1 
ATOM   513 O  O   . GLY A 1 67 ? 11.630  -8.079  -9.052  1.00 106.48 ? 171 GLY A O   1 
ATOM   514 N  N   . SER A 1 68 ? 11.527  -6.514  -7.427  1.00 102.82 ? 172 SER A N   1 
ATOM   515 C  CA  . SER A 1 68 ? 12.188  -7.295  -6.387  1.00 98.05  ? 172 SER A CA  1 
ATOM   516 C  C   . SER A 1 68 ? 11.238  -8.193  -5.588  1.00 94.72  ? 172 SER A C   1 
ATOM   517 O  O   . SER A 1 68 ? 11.684  -8.865  -4.657  1.00 98.47  ? 172 SER A O   1 
ATOM   518 C  CB  . SER A 1 68 ? 12.926  -6.347  -5.443  1.00 88.02  ? 172 SER A CB  1 
ATOM   519 O  OG  . SER A 1 68 ? 12.068  -5.915  -4.402  1.00 72.94  ? 172 SER A OG  1 
ATOM   520 N  N   . GLY A 1 69 ? 9.945   -8.211  -5.916  1.00 86.66  ? 173 GLY A N   1 
ATOM   521 C  CA  . GLY A 1 69 ? 8.974   -8.949  -5.131  1.00 74.75  ? 173 GLY A CA  1 
ATOM   522 C  C   . GLY A 1 69 ? 8.671   -8.327  -3.795  1.00 70.08  ? 173 GLY A C   1 
ATOM   523 O  O   . GLY A 1 69 ? 7.887   -8.896  -3.018  1.00 72.63  ? 173 GLY A O   1 
ATOM   524 N  N   . SER A 1 70 ? 9.261   -7.169  -3.516  1.00 67.78  ? 174 SER A N   1 
ATOM   525 C  CA  . SER A 1 70 ? 9.042   -6.411  -2.298  1.00 61.16  ? 174 SER A CA  1 
ATOM   526 C  C   . SER A 1 70 ? 9.026   -4.920  -2.634  1.00 56.05  ? 174 SER A C   1 
ATOM   527 O  O   . SER A 1 70 ? 9.504   -4.495  -3.687  1.00 61.16  ? 174 SER A O   1 
ATOM   528 C  CB  . SER A 1 70 ? 10.135  -6.695  -1.286  1.00 60.40  ? 174 SER A CB  1 
ATOM   529 O  OG  . SER A 1 70 ? 11.362  -6.218  -1.826  1.00 68.90  ? 174 SER A OG  1 
ATOM   530 N  N   . VAL A 1 71 ? 8.460   -4.122  -1.735  1.00 49.23  ? 175 VAL A N   1 
ATOM   531 C  CA  . VAL A 1 71 ? 8.347   -2.673  -1.920  1.00 52.19  ? 175 VAL A CA  1 
ATOM   532 C  C   . VAL A 1 71 ? 9.214   -2.009  -0.873  1.00 48.26  ? 175 VAL A C   1 
ATOM   533 O  O   . VAL A 1 71 ? 8.994   -2.189  0.326   1.00 46.57  ? 175 VAL A O   1 
ATOM   534 C  CB  . VAL A 1 71 ? 6.904   -2.174  -1.778  1.00 50.06  ? 175 VAL A CB  1 
ATOM   535 C  CG1 . VAL A 1 71 ? 6.914   -0.663  -1.753  1.00 44.60  ? 175 VAL A CG1 1 
ATOM   536 C  CG2 . VAL A 1 71 ? 6.064   -2.660  -2.933  1.00 47.41  ? 175 VAL A CG2 1 
ATOM   537 N  N   . SER A 1 72 ? 10.193  -1.249  -1.312  1.00 57.33  ? 176 SER A N   1 
ATOM   538 C  CA  . SER A 1 72 ? 11.079  -0.610  -0.359  1.00 51.57  ? 176 SER A CA  1 
ATOM   539 C  C   . SER A 1 72 ? 10.457  0.689   0.098   1.00 53.76  ? 176 SER A C   1 
ATOM   540 O  O   . SER A 1 72 ? 9.445   1.148   -0.457  1.00 55.64  ? 176 SER A O   1 
ATOM   541 C  CB  . SER A 1 72 ? 12.437  -0.343  -1.009  1.00 53.14  ? 176 SER A CB  1 
ATOM   542 O  OG  . SER A 1 72 ? 12.251  0.694   -1.927  1.00 55.18  ? 176 SER A OG  1 
ATOM   543 N  N   . GLN A 1 73 ? 11.090  1.324   1.089   1.00 48.87  ? 177 GLN A N   1 
ATOM   544 C  CA  . GLN A 1 73 ? 10.517  2.571   1.579   1.00 55.74  ? 177 GLN A CA  1 
ATOM   545 C  C   . GLN A 1 73 ? 10.506  3.623   0.482   1.00 58.17  ? 177 GLN A C   1 
ATOM   546 O  O   . GLN A 1 73 ? 9.539   4.373   0.336   1.00 57.53  ? 177 GLN A O   1 
ATOM   547 C  CB  . GLN A 1 73 ? 11.280  3.070   2.809   1.00 57.41  ? 177 GLN A CB  1 
ATOM   548 C  CG  . GLN A 1 73 ? 10.576  4.264   3.442   1.00 61.10  ? 177 GLN A CG  1 
ATOM   549 C  CD  . GLN A 1 73 ? 11.063  4.619   4.830   1.00 72.65  ? 177 GLN A CD  1 
ATOM   550 O  OE1 . GLN A 1 73 ? 10.513  4.150   5.828   1.00 83.20  ? 177 GLN A OE1 1 
ATOM   551 N  NE2 . GLN A 1 73 ? 12.093  5.456   4.906   1.00 65.45  ? 177 GLN A NE2 1 
ATOM   552 N  N   . ALA A 1 74 ? 11.558  3.667   -0.326  1.00 61.94  ? 178 ALA A N   1 
ATOM   553 C  CA  . ALA A 1 74 ? 11.661  4.711   -1.336  1.00 65.88  ? 178 ALA A CA  1 
ATOM   554 C  C   . ALA A 1 74 ? 10.630  4.534   -2.442  1.00 63.12  ? 178 ALA A C   1 
ATOM   555 O  O   . ALA A 1 74 ? 10.115  5.524   -2.976  1.00 64.61  ? 178 ALA A O   1 
ATOM   556 C  CB  . ALA A 1 74 ? 13.052  4.711   -1.928  1.00 54.22  ? 178 ALA A CB  1 
ATOM   557 N  N   . GLU A 1 75 ? 10.353  3.292   -2.831  1.00 50.21  ? 179 GLU A N   1 
ATOM   558 C  CA  . GLU A 1 75 ? 9.250   3.051   -3.744  1.00 55.07  ? 179 GLU A CA  1 
ATOM   559 C  C   . GLU A 1 75 ? 7.925   3.483   -3.140  1.00 59.82  ? 179 GLU A C   1 
ATOM   560 O  O   . GLU A 1 75 ? 7.105   4.106   -3.817  1.00 51.03  ? 179 GLU A O   1 
ATOM   561 C  CB  . GLU A 1 75 ? 9.183   1.578   -4.099  1.00 50.65  ? 179 GLU A CB  1 
ATOM   562 C  CG  . GLU A 1 75 ? 10.511  1.103   -4.600  1.00 66.22  ? 179 GLU A CG  1 
ATOM   563 C  CD  . GLU A 1 75 ? 10.491  -0.339  -5.028  1.00 75.04  ? 179 GLU A CD  1 
ATOM   564 O  OE1 . GLU A 1 75 ? 10.942  -0.640  -6.168  1.00 88.90  ? 179 GLU A OE1 1 
ATOM   565 O  OE2 . GLU A 1 75 ? 9.994   -1.153  -4.228  1.00 71.55  ? 179 GLU A OE2 1 
ATOM   566 N  N   . TRP A 1 76 ? 7.683   3.114   -1.880  1.00 56.64  ? 180 TRP A N   1 
ATOM   567 C  CA  . TRP A 1 76 ? 6.430   3.449   -1.242  1.00 46.61  ? 180 TRP A CA  1 
ATOM   568 C  C   . TRP A 1 76 ? 6.230   4.954   -1.220  1.00 51.58  ? 180 TRP A C   1 
ATOM   569 O  O   . TRP A 1 76 ? 5.180   5.461   -1.626  1.00 43.40  ? 180 TRP A O   1 
ATOM   570 C  CB  . TRP A 1 76 ? 6.405   2.864   0.164   1.00 43.66  ? 180 TRP A CB  1 
ATOM   571 C  CG  . TRP A 1 76 ? 5.223   3.288   0.988   1.00 42.22  ? 180 TRP A CG  1 
ATOM   572 C  CD1 . TRP A 1 76 ? 5.189   4.319   1.874   1.00 41.51  ? 180 TRP A CD1 1 
ATOM   573 C  CD2 . TRP A 1 76 ? 3.908   2.679   1.029   1.00 37.86  ? 180 TRP A CD2 1 
ATOM   574 N  NE1 . TRP A 1 76 ? 3.945   4.416   2.449   1.00 40.57  ? 180 TRP A NE1 1 
ATOM   575 C  CE2 . TRP A 1 76 ? 3.145   3.411   1.968   1.00 41.01  ? 180 TRP A CE2 1 
ATOM   576 C  CE3 . TRP A 1 76 ? 3.309   1.605   0.356   1.00 38.11  ? 180 TRP A CE3 1 
ATOM   577 C  CZ2 . TRP A 1 76 ? 1.800   3.122   2.239   1.00 38.69  ? 180 TRP A CZ2 1 
ATOM   578 C  CZ3 . TRP A 1 76 ? 1.985   1.306   0.628   1.00 41.51  ? 180 TRP A CZ3 1 
ATOM   579 C  CH2 . TRP A 1 76 ? 1.238   2.065   1.570   1.00 41.23  ? 180 TRP A CH2 1 
ATOM   580 N  N   . VAL A 1 77 ? 7.244   5.690   -0.779  1.00 46.48  ? 181 VAL A N   1 
ATOM   581 C  CA  . VAL A 1 77 ? 7.110   7.136   -0.682  1.00 47.46  ? 181 VAL A CA  1 
ATOM   582 C  C   . VAL A 1 77 ? 6.978   7.767   -2.075  1.00 60.11  ? 181 VAL A C   1 
ATOM   583 O  O   . VAL A 1 77 ? 6.182   8.689   -2.286  1.00 62.44  ? 181 VAL A O   1 
ATOM   584 C  CB  . VAL A 1 77 ? 8.316   7.712   0.090   1.00 53.72  ? 181 VAL A CB  1 
ATOM   585 C  CG1 . VAL A 1 77 ? 8.292   9.196   0.052   1.00 60.01  ? 181 VAL A CG1 1 
ATOM   586 C  CG2 . VAL A 1 77 ? 8.278   7.253   1.530   1.00 53.10  ? 181 VAL A CG2 1 
ATOM   587 N  N   . ARG A 1 78 ? 7.760   7.287   -3.039  1.00 58.84  ? 182 ARG A N   1 
ATOM   588 C  CA  . ARG A 1 78 ? 7.738   7.882   -4.366  1.00 55.97  ? 182 ARG A CA  1 
ATOM   589 C  C   . ARG A 1 78 ? 6.357   7.743   -4.995  1.00 58.00  ? 182 ARG A C   1 
ATOM   590 O  O   . ARG A 1 78 ? 5.806   8.713   -5.537  1.00 58.13  ? 182 ARG A O   1 
ATOM   591 C  CB  . ARG A 1 78 ? 8.815   7.249   -5.239  1.00 55.71  ? 182 ARG A CB  1 
ATOM   592 C  CG  . ARG A 1 78 ? 8.684   7.610   -6.714  1.00 67.71  ? 182 ARG A CG  1 
ATOM   593 C  CD  . ARG A 1 78 ? 10.005  7.480   -7.501  1.00 79.01  ? 182 ARG A CD  1 
ATOM   594 N  NE  . ARG A 1 78 ? 11.093  6.848   -6.747  1.00 88.49  ? 182 ARG A NE  1 
ATOM   595 C  CZ  . ARG A 1 78 ? 11.464  5.569   -6.881  1.00 99.26  ? 182 ARG A CZ  1 
ATOM   596 N  NH1 . ARG A 1 78 ? 12.468  5.071   -6.159  1.00 98.18  ? 182 ARG A NH1 1 
ATOM   597 N  NH2 . ARG A 1 78 ? 10.817  4.767   -7.724  1.00 106.10 ? 182 ARG A NH2 1 
ATOM   598 N  N   . ALA A 1 79 ? 5.784   6.548   -4.906  1.00 51.50  ? 183 ALA A N   1 
ATOM   599 C  CA  . ALA A 1 79 ? 4.462   6.304   -5.449  1.00 54.53  ? 183 ALA A CA  1 
ATOM   600 C  C   . ALA A 1 79 ? 3.403   7.104   -4.693  1.00 53.83  ? 183 ALA A C   1 
ATOM   601 O  O   . ALA A 1 79 ? 2.560   7.762   -5.304  1.00 52.00  ? 183 ALA A O   1 
ATOM   602 C  CB  . ALA A 1 79 ? 4.159   4.805   -5.394  1.00 44.89  ? 183 ALA A CB  1 
ATOM   603 N  N   . GLY A 1 80 ? 3.437   7.079   -3.361  1.00 42.36  ? 184 GLY A N   1 
ATOM   604 C  CA  . GLY A 1 80 ? 2.382   7.734   -2.611  1.00 44.93  ? 184 GLY A CA  1 
ATOM   605 C  C   . GLY A 1 80 ? 2.403   9.234   -2.728  1.00 51.71  ? 184 GLY A C   1 
ATOM   606 O  O   . GLY A 1 80 ? 1.422   9.884   -2.375  1.00 44.31  ? 184 GLY A O   1 
ATOM   607 N  N   . ALA A 1 81 ? 3.515   9.802   -3.170  1.00 59.85  ? 185 ALA A N   1 
ATOM   608 C  CA  . ALA A 1 81 ? 3.645   11.242  -3.270  1.00 57.61  ? 185 ALA A CA  1 
ATOM   609 C  C   . ALA A 1 81 ? 3.523   11.732  -4.709  1.00 58.31  ? 185 ALA A C   1 
ATOM   610 O  O   . ALA A 1 81 ? 3.503   12.941  -4.949  1.00 61.62  ? 185 ALA A O   1 
ATOM   611 C  CB  . ALA A 1 81 ? 4.981   11.678  -2.651  1.00 61.17  ? 185 ALA A CB  1 
ATOM   612 N  N   . THR A 1 82 ? 3.432   10.835  -5.678  1.00 61.12  ? 186 THR A N   1 
ATOM   613 C  CA  . THR A 1 82 ? 3.291   11.293  -7.054  1.00 66.39  ? 186 THR A CA  1 
ATOM   614 C  C   . THR A 1 82 ? 2.023   10.768  -7.717  1.00 61.36  ? 186 THR A C   1 
ATOM   615 O  O   . THR A 1 82 ? 1.109   11.534  -7.982  1.00 67.41  ? 186 THR A O   1 
ATOM   616 C  CB  . THR A 1 82 ? 4.532   10.905  -7.845  1.00 67.22  ? 186 THR A CB  1 
ATOM   617 O  OG1 . THR A 1 82 ? 4.628   9.477   -7.884  1.00 60.82  ? 186 THR A OG1 1 
ATOM   618 C  CG2 . THR A 1 82 ? 5.773   11.482  -7.216  1.00 55.61  ? 186 THR A CG2 1 
ATOM   619 N  N   . THR A 1 83 ? 1.915   9.478   -7.945  1.00 57.10  ? 187 THR A N   1 
ATOM   620 C  CA  . THR A 1 83 ? 0.830   9.011   -8.790  1.00 62.91  ? 187 THR A CA  1 
ATOM   621 C  C   . THR A 1 83 ? -0.346  8.377   -8.027  1.00 61.63  ? 187 THR A C   1 
ATOM   622 O  O   . THR A 1 83 ? -1.464  8.365   -8.540  1.00 68.89  ? 187 THR A O   1 
ATOM   623 C  CB  . THR A 1 83 ? 1.399   8.043   -9.842  1.00 71.92  ? 187 THR A CB  1 
ATOM   624 O  OG1 . THR A 1 83 ? 1.719   6.787   -9.248  1.00 77.56  ? 187 THR A OG1 1 
ATOM   625 C  CG2 . THR A 1 83 ? 2.676   8.603   -10.470 1.00 82.13  ? 187 THR A CG2 1 
ATOM   626 N  N   . VAL A 1 84 ? -0.161  7.868   -6.818  1.00 56.85  ? 188 VAL A N   1 
ATOM   627 C  CA  . VAL A 1 84 ? -1.206  7.064   -6.178  1.00 55.48  ? 188 VAL A CA  1 
ATOM   628 C  C   . VAL A 1 84 ? -1.537  7.574   -4.781  1.00 53.03  ? 188 VAL A C   1 
ATOM   629 O  O   . VAL A 1 84 ? -0.642  7.734   -3.923  1.00 47.84  ? 188 VAL A O   1 
ATOM   630 C  CB  . VAL A 1 84 ? -0.793  5.583   -6.140  1.00 61.27  ? 188 VAL A CB  1 
ATOM   631 C  CG1 . VAL A 1 84 ? 0.580   5.456   -5.605  1.00 62.12  ? 188 VAL A CG1 1 
ATOM   632 C  CG2 . VAL A 1 84 ? -1.734  4.764   -5.325  1.00 52.33  ? 188 VAL A CG2 1 
ATOM   633 N  N   . PRO A 1 85 ? -2.796  7.817   -4.506  1.00 49.05  ? 189 PRO A N   1 
ATOM   634 C  CA  . PRO A 1 85 ? -3.219  8.360   -3.194  1.00 44.89  ? 189 PRO A CA  1 
ATOM   635 C  C   . PRO A 1 85 ? -3.321  7.266   -2.145  1.00 48.03  ? 189 PRO A C   1 
ATOM   636 O  O   . PRO A 1 85 ? -4.410  6.885   -1.643  1.00 42.32  ? 189 PRO A O   1 
ATOM   637 C  CB  . PRO A 1 85 ? -4.561  9.007   -3.532  1.00 52.07  ? 189 PRO A CB  1 
ATOM   638 C  CG  . PRO A 1 85 ? -5.103  8.121   -4.653  1.00 41.94  ? 189 PRO A CG  1 
ATOM   639 C  CD  . PRO A 1 85 ? -3.918  7.626   -5.431  1.00 46.92  ? 189 PRO A CD  1 
ATOM   640 N  N   . LEU A 1 86 ? -2.143  6.753   -1.767  1.00 35.42  ? 190 LEU A N   1 
ATOM   641 C  CA  . LEU A 1 86 ? -2.098  5.598   -0.891  1.00 43.32  ? 190 LEU A CA  1 
ATOM   642 C  C   . LEU A 1 86 ? -2.758  5.889   0.456   1.00 44.98  ? 190 LEU A C   1 
ATOM   643 O  O   . LEU A 1 86 ? -3.489  5.055   1.000   1.00 36.40  ? 190 LEU A O   1 
ATOM   644 C  CB  . LEU A 1 86 ? -0.651  5.161   -0.705  1.00 41.29  ? 190 LEU A CB  1 
ATOM   645 C  CG  . LEU A 1 86 ? -0.020  4.543   -1.935  1.00 44.59  ? 190 LEU A CG  1 
ATOM   646 C  CD1 . LEU A 1 86 ? 1.480   4.455   -1.659  1.00 37.27  ? 190 LEU A CD1 1 
ATOM   647 C  CD2 . LEU A 1 86 ? -0.619  3.164   -2.203  1.00 35.29  ? 190 LEU A CD2 1 
ATOM   648 N  N   . LEU A 1 87 ? -2.546  7.083   0.986   1.00 40.83  ? 191 LEU A N   1 
ATOM   649 C  CA  . LEU A 1 87 ? -3.091  7.412   2.293   1.00 46.68  ? 191 LEU A CA  1 
ATOM   650 C  C   . LEU A 1 87 ? -4.621  7.523   2.242   1.00 36.37  ? 191 LEU A C   1 
ATOM   651 O  O   . LEU A 1 87 ? -5.311  7.141   3.191   1.00 36.87  ? 191 LEU A O   1 
ATOM   652 C  CB  . LEU A 1 87 ? -2.443  8.714   2.781   1.00 50.35  ? 191 LEU A CB  1 
ATOM   653 C  CG  . LEU A 1 87 ? -1.132  8.775   3.601   1.00 56.05  ? 191 LEU A CG  1 
ATOM   654 C  CD1 . LEU A 1 87 ? -0.445  7.478   3.773   1.00 44.86  ? 191 LEU A CD1 1 
ATOM   655 C  CD2 . LEU A 1 87 ? -0.186  9.794   3.018   1.00 57.25  ? 191 LEU A CD2 1 
ATOM   656 N  N   . VAL A 1 88 ? -5.159  8.067   1.156   1.00 39.74  ? 192 VAL A N   1 
ATOM   657 C  CA  . VAL A 1 88 ? -6.615  8.160   0.982   1.00 41.02  ? 192 VAL A CA  1 
ATOM   658 C  C   . VAL A 1 88 ? -7.244  6.768   0.988   1.00 43.39  ? 192 VAL A C   1 
ATOM   659 O  O   . VAL A 1 88 ? -8.252  6.519   1.662   1.00 42.36  ? 192 VAL A O   1 
ATOM   660 C  CB  . VAL A 1 88 ? -6.941  8.913   -0.318  1.00 36.45  ? 192 VAL A CB  1 
ATOM   661 C  CG1 . VAL A 1 88 ? -8.429  8.842   -0.649  1.00 41.87  ? 192 VAL A CG1 1 
ATOM   662 C  CG2 . VAL A 1 88 ? -6.498  10.343  -0.247  1.00 38.55  ? 192 VAL A CG2 1 
ATOM   663 N  N   . LEU A 1 89 ? -6.649  5.847   0.215   1.00 40.45  ? 193 LEU A N   1 
ATOM   664 C  CA  . LEU A 1 89 ? -7.127  4.478   0.068   1.00 43.96  ? 193 LEU A CA  1 
ATOM   665 C  C   . LEU A 1 89 ? -7.111  3.732   1.387   1.00 45.85  ? 193 LEU A C   1 
ATOM   666 O  O   . LEU A 1 89 ? -7.994  2.917   1.643   1.00 47.33  ? 193 LEU A O   1 
ATOM   667 C  CB  . LEU A 1 89 ? -6.248  3.738   -0.960  1.00 44.20  ? 193 LEU A CB  1 
ATOM   668 C  CG  . LEU A 1 89 ? -6.284  4.271   -2.411  1.00 51.26  ? 193 LEU A CG  1 
ATOM   669 C  CD1 . LEU A 1 89 ? -5.424  3.388   -3.318  1.00 50.31  ? 193 LEU A CD1 1 
ATOM   670 C  CD2 . LEU A 1 89 ? -7.739  4.443   -3.021  1.00 43.32  ? 193 LEU A CD2 1 
ATOM   671 N  N   . LEU A 1 90 ? -6.107  3.988   2.224   1.00 41.14  ? 194 LEU A N   1 
ATOM   672 C  CA  . LEU A 1 90 ? -5.998  3.404   3.549   1.00 43.19  ? 194 LEU A CA  1 
ATOM   673 C  C   . LEU A 1 90 ? -6.876  4.144   4.531   1.00 42.14  ? 194 LEU A C   1 
ATOM   674 O  O   . LEU A 1 90 ? -6.871  3.812   5.697   1.00 45.36  ? 194 LEU A O   1 
ATOM   675 C  CB  . LEU A 1 90 ? -4.523  3.421   4.015   1.00 45.00  ? 194 LEU A CB  1 
ATOM   676 C  CG  . LEU A 1 90 ? -3.636  2.448   3.241   1.00 39.63  ? 194 LEU A CG  1 
ATOM   677 C  CD1 . LEU A 1 90 ? -2.223  2.758   3.463   1.00 38.95  ? 194 LEU A CD1 1 
ATOM   678 C  CD2 . LEU A 1 90 ? -3.946  1.055   3.775   1.00 44.90  ? 194 LEU A CD2 1 
ATOM   679 N  N   . GLY A 1 91 ? -7.627  5.149   4.087   1.00 44.71  ? 195 GLY A N   1 
ATOM   680 C  CA  . GLY A 1 91 ? -8.451  5.865   5.046   1.00 47.03  ? 195 GLY A CA  1 
ATOM   681 C  C   . GLY A 1 91 ? -7.658  6.698   6.026   1.00 48.48  ? 195 GLY A C   1 
ATOM   682 O  O   . GLY A 1 91 ? -8.197  7.080   7.050   1.00 53.14  ? 195 GLY A O   1 
ATOM   683 N  N   . LEU A 1 92 ? -6.382  7.004   5.742   1.00 47.34  ? 196 LEU A N   1 
ATOM   684 C  CA  . LEU A 1 92 ? -5.584  7.806   6.671   1.00 47.82  ? 196 LEU A CA  1 
ATOM   685 C  C   . LEU A 1 92 ? -5.670  9.292   6.387   1.00 54.39  ? 196 LEU A C   1 
ATOM   686 O  O   . LEU A 1 92 ? -5.304  10.099  7.250   1.00 54.69  ? 196 LEU A O   1 
ATOM   687 C  CB  . LEU A 1 92 ? -4.118  7.381   6.644   1.00 41.79  ? 196 LEU A CB  1 
ATOM   688 C  CG  . LEU A 1 92 ? -4.036  5.933   7.096   1.00 49.38  ? 196 LEU A CG  1 
ATOM   689 C  CD1 . LEU A 1 92 ? -2.699  5.348   6.680   1.00 44.80  ? 196 LEU A CD1 1 
ATOM   690 C  CD2 . LEU A 1 92 ? -4.193  5.872   8.597   1.00 50.08  ? 196 LEU A CD2 1 
ATOM   691 N  N   . GLU A 1 93 ? -6.167  9.656   5.215   1.00 51.25  ? 197 GLU A N   1 
ATOM   692 C  CA  . GLU A 1 93 ? -6.367  11.034  4.815   1.00 52.18  ? 197 GLU A CA  1 
ATOM   693 C  C   . GLU A 1 93 ? -7.712  11.173  4.174   1.00 47.58  ? 197 GLU A C   1 
ATOM   694 O  O   . GLU A 1 93 ? -8.224  10.137  3.738   1.00 45.32  ? 197 GLU A O   1 
ATOM   695 C  CB  . GLU A 1 93 ? -5.330  11.453  3.797   1.00 57.29  ? 197 GLU A CB  1 
ATOM   696 C  CG  . GLU A 1 93 ? -4.036  11.933  4.389   1.00 67.50  ? 197 GLU A CG  1 
ATOM   697 C  CD  . GLU A 1 93 ? -3.159  12.529  3.321   1.00 66.83  ? 197 GLU A CD  1 
ATOM   698 O  OE1 . GLU A 1 93 ? -3.431  12.196  2.152   1.00 66.67  ? 197 GLU A OE1 1 
ATOM   699 O  OE2 . GLU A 1 93 ? -2.236  13.325  3.638   1.00 78.00  ? 197 GLU A OE2 1 
ATOM   700 O  OXT . GLU A 1 93 ? -8.247  12.286  4.018   1.00 53.84  ? 197 GLU A OXT 1 
HETATM 701 CA CA  . CA  B 2 .  ? 9.297   -6.034  6.189   1.00 39.58  ? 201 CA  A CA  1 
HETATM 702 CA CA  . CA  C 2 .  ? 11.428  -3.196  -4.830  1.00 73.92  ? 202 CA  A CA  1 
HETATM 703 C  C1  . GOL D 3 .  ? -2.075  11.067  -6.026  1.00 74.21  ? 203 GOL A C1  1 
HETATM 704 O  O1  . GOL D 3 .  ? -3.023  11.472  -6.939  1.00 81.05  ? 203 GOL A O1  1 
HETATM 705 C  C2  . GOL D 3 .  ? -1.355  12.342  -5.495  1.00 75.65  ? 203 GOL A C2  1 
HETATM 706 O  O2  . GOL D 3 .  ? -2.231  13.245  -4.880  1.00 76.64  ? 203 GOL A O2  1 
HETATM 707 C  C3  . GOL D 3 .  ? -0.240  11.794  -4.497  1.00 71.12  ? 203 GOL A C3  1 
HETATM 708 O  O3  . GOL D 3 .  ? -0.783  11.780  -3.209  1.00 66.66  ? 203 GOL A O3  1 
HETATM 709 C  C1  . GOL E 3 .  ? -13.346 1.091   9.050   1.00 87.00  ? 204 GOL A C1  1 
HETATM 710 O  O1  . GOL E 3 .  ? -13.738 2.272   9.686   1.00 88.30  ? 204 GOL A O1  1 
HETATM 711 C  C2  . GOL E 3 .  ? -11.828 1.023   9.268   1.00 90.83  ? 204 GOL A C2  1 
HETATM 712 O  O2  . GOL E 3 .  ? -11.506 1.183   10.611  1.00 97.67  ? 204 GOL A O2  1 
HETATM 713 C  C3  . GOL E 3 .  ? -11.378 -0.334  8.717   1.00 87.43  ? 204 GOL A C3  1 
HETATM 714 O  O3  . GOL E 3 .  ? -10.067 -0.483  9.127   1.00 86.84  ? 204 GOL A O3  1 
HETATM 715 O  O1  . PG4 F 4 .  ? -14.130 1.066   -6.229  1.00 63.56  ? 205 PG4 A O1  1 
HETATM 716 C  C1  . PG4 F 4 .  ? -14.882 2.033   -5.531  1.00 67.97  ? 205 PG4 A C1  1 
HETATM 717 C  C2  . PG4 F 4 .  ? -14.238 3.383   -5.596  1.00 72.11  ? 205 PG4 A C2  1 
HETATM 718 O  O2  . PG4 F 4 .  ? -12.888 3.288   -5.148  1.00 71.30  ? 205 PG4 A O2  1 
HETATM 719 C  C3  . PG4 F 4 .  ? -11.935 3.387   -6.197  1.00 63.44  ? 205 PG4 A C3  1 
HETATM 720 C  C4  . PG4 F 4 .  ? -10.653 2.824   -5.708  1.00 61.36  ? 205 PG4 A C4  1 
HETATM 721 O  O3  . PG4 F 4 .  ? -9.684  2.907   -6.746  1.00 69.53  ? 205 PG4 A O3  1 
HETATM 722 C  C5  . PG4 F 4 .  ? -8.599  1.999   -6.570  1.00 67.27  ? 205 PG4 A C5  1 
HETATM 723 C  C6  . PG4 F 4 .  ? -7.519  2.313   -7.551  1.00 72.25  ? 205 PG4 A C6  1 
HETATM 724 O  O4  . PG4 F 4 .  ? -7.328  3.720   -7.502  1.00 77.94  ? 205 PG4 A O4  1 
HETATM 725 C  C7  . PG4 F 4 .  ? -6.349  4.221   -8.404  1.00 77.21  ? 205 PG4 A C7  1 
HETATM 726 C  C8  . PG4 F 4 .  ? -6.389  5.713   -8.324  1.00 75.24  ? 205 PG4 A C8  1 
HETATM 727 O  O5  . PG4 F 4 .  ? -5.484  6.310   -9.216  1.00 78.94  ? 205 PG4 A O5  1 
HETATM 728 O  O1  . PG4 G 4 .  ? -9.319  5.491   9.922   1.00 77.18  ? 206 PG4 A O1  1 
HETATM 729 C  C1  . PG4 G 4 .  ? -9.578  4.371   9.090   1.00 75.79  ? 206 PG4 A C1  1 
HETATM 730 C  C2  . PG4 G 4 .  ? -10.968 4.403   8.510   1.00 81.72  ? 206 PG4 A C2  1 
HETATM 731 O  O2  . PG4 G 4 .  ? -11.168 5.569   7.717   1.00 82.49  ? 206 PG4 A O2  1 
HETATM 732 C  C3  . PG4 G 4 .  ? -12.396 5.545   6.993   1.00 75.58  ? 206 PG4 A C3  1 
HETATM 733 C  C4  . PG4 G 4 .  ? -12.407 6.665   5.996   1.00 71.24  ? 206 PG4 A C4  1 
HETATM 734 O  O3  . PG4 G 4 .  ? -11.989 7.859   6.647   1.00 67.51  ? 206 PG4 A O3  1 
HETATM 735 C  C5  . PG4 G 4 .  ? -11.824 8.955   5.757   1.00 57.99  ? 206 PG4 A C5  1 
HETATM 736 C  C6  . PG4 G 4 .  ? -11.408 10.166  6.534   1.00 64.21  ? 206 PG4 A C6  1 
HETATM 737 O  O4  . PG4 G 4 .  ? -10.184 9.900   7.213   1.00 68.34  ? 206 PG4 A O4  1 
HETATM 738 C  C7  . PG4 G 4 .  ? -9.814  10.956  8.089   1.00 69.74  ? 206 PG4 A C7  1 
HETATM 739 C  C8  . PG4 G 4 .  ? -8.664  10.532  8.935   1.00 69.42  ? 206 PG4 A C8  1 
HETATM 740 O  O5  . PG4 G 4 .  ? -8.966  9.370   9.673   1.00 74.04  ? 206 PG4 A O5  1 
HETATM 741 O  O   . HOH H 5 .  ? 9.724   -8.210  5.281   1.00 43.82  ? 301 HOH A O   1 
HETATM 742 O  O   . HOH H 5 .  ? -10.172 7.613   8.368   1.00 54.88  ? 302 HOH A O   1 
HETATM 743 O  O   . HOH H 5 .  ? 0.862   -12.283 -1.758  1.00 52.55  ? 303 HOH A O   1 
HETATM 744 O  O   . HOH H 5 .  ? 2.124   -5.623  7.483   1.00 37.37  ? 304 HOH A O   1 
HETATM 745 O  O   . HOH H 5 .  ? -10.020 8.246   3.054   1.00 46.90  ? 305 HOH A O   1 
HETATM 746 O  O   . HOH H 5 .  ? 2.839   -8.156  8.625   1.00 39.76  ? 306 HOH A O   1 
HETATM 747 O  O   . HOH H 5 .  ? -9.633  1.868   -0.316  1.00 42.22  ? 307 HOH A O   1 
HETATM 748 O  O   . HOH H 5 .  ? 8.136   8.037   10.852  1.00 42.06  ? 308 HOH A O   1 
HETATM 749 O  O   . HOH H 5 .  ? 13.499  -2.986  -3.401  1.00 74.76  ? 309 HOH A O   1 
# 
loop_
_atom_site_anisotrop.id 
_atom_site_anisotrop.type_symbol 
_atom_site_anisotrop.pdbx_label_atom_id 
_atom_site_anisotrop.pdbx_label_alt_id 
_atom_site_anisotrop.pdbx_label_comp_id 
_atom_site_anisotrop.pdbx_label_asym_id 
_atom_site_anisotrop.pdbx_label_seq_id 
_atom_site_anisotrop.pdbx_PDB_ins_code 
_atom_site_anisotrop.U[1][1] 
_atom_site_anisotrop.U[2][2] 
_atom_site_anisotrop.U[3][3] 
_atom_site_anisotrop.U[1][2] 
_atom_site_anisotrop.U[1][3] 
_atom_site_anisotrop.U[2][3] 
_atom_site_anisotrop.pdbx_auth_seq_id 
_atom_site_anisotrop.pdbx_auth_comp_id 
_atom_site_anisotrop.pdbx_auth_asym_id 
_atom_site_anisotrop.pdbx_auth_atom_id 
1   N N   . PRO A 7  ? 1.0827 0.6229 0.8977 -0.0364 -0.0738 0.1647  111 PRO A N   
2   C CA  . PRO A 7  ? 1.0945 0.6993 0.9133 -0.0301 -0.0789 0.1456  111 PRO A CA  
3   C C   . PRO A 7  ? 1.0150 0.6588 0.8680 -0.0560 -0.0640 0.1361  111 PRO A C   
4   O O   . PRO A 7  ? 0.8893 0.5839 0.7511 -0.0522 -0.0687 0.1184  111 PRO A O   
5   C CB  . PRO A 7  ? 1.0895 0.7015 0.8606 -0.0131 -0.0797 0.1622  111 PRO A CB  
6   C CG  . PRO A 7  ? 1.1451 0.7004 0.8810 -0.0190 -0.0617 0.1929  111 PRO A CG  
7   C CD  . PRO A 7  ? 1.1559 0.6638 0.9196 -0.0263 -0.0632 0.1951  111 PRO A CD  
8   N N   . GLU A 8  ? 0.9844 0.6058 0.8636 -0.0813 -0.0446 0.1496  112 GLU A N   
9   C CA  . GLU A 8  ? 0.7734 0.4336 0.6899 -0.1046 -0.0273 0.1447  112 GLU A CA  
10  C C   . GLU A 8  ? 0.7204 0.4100 0.6781 -0.1094 -0.0482 0.1124  112 GLU A C   
11  O O   . GLU A 8  ? 0.7124 0.4504 0.6826 -0.1150 -0.0440 0.1000  112 GLU A O   
12  C CB  . GLU A 8  ? 0.8134 0.4437 0.7667 -0.1297 0.0016  0.1692  112 GLU A CB  
13  C CG  . GLU A 8  ? 1.1948 0.7896 1.0944 -0.1220 0.0313  0.2052  112 GLU A CG  
14  C CD  . GLU A 8  ? 1.3224 0.8603 1.1898 -0.1065 0.0191  0.2186  112 GLU A CD  
15  O OE1 . GLU A 8  ? 1.3834 0.9025 1.2884 -0.1096 -0.0054 0.2033  112 GLU A OE1 
16  O OE2 . GLU A 8  ? 1.4219 0.9288 1.2213 -0.0884 0.0306  0.2427  112 GLU A OE2 
17  N N   . ASP A 9  ? 0.8302 0.4845 0.8013 -0.1043 -0.0720 0.0980  113 ASP A N   
18  C CA  . ASP A 9  ? 0.7410 0.4098 0.7315 -0.1015 -0.0945 0.0663  113 ASP A CA  
19  C C   . ASP A 9  ? 0.8050 0.5108 0.7591 -0.0747 -0.0987 0.0524  113 ASP A C   
20  O O   . ASP A 9  ? 0.7240 0.4612 0.6884 -0.0740 -0.1034 0.0330  113 ASP A O   
21  C CB  . ASP A 9  ? 0.7770 0.3854 0.7779 -0.0977 -0.1227 0.0519  113 ASP A CB  
22  C CG  . ASP A 9  ? 0.9396 0.5098 0.9937 -0.1255 -0.1205 0.0674  113 ASP A CG  
23  O OD1 . ASP A 9  ? 0.9916 0.5879 1.0994 -0.1523 -0.1046 0.0757  113 ASP A OD1 
24  O OD2 . ASP A 9  ? 1.0622 0.5757 1.1100 -0.1198 -0.1324 0.0729  113 ASP A OD2 
25  N N   . LYS A 10 ? 0.7556 0.4576 0.6737 -0.0519 -0.0967 0.0637  114 LYS A N   
26  C CA  . LYS A 10 ? 0.7048 0.4476 0.6088 -0.0284 -0.0973 0.0554  114 LYS A CA  
27  C C   . LYS A 10 ? 0.6583 0.4585 0.5727 -0.0402 -0.0848 0.0579  114 LYS A C   
28  O O   . LYS A 10 ? 0.6273 0.4681 0.5525 -0.0326 -0.0842 0.0445  114 LYS A O   
29  C CB  . LYS A 10 ? 0.7753 0.5016 0.6548 -0.0031 -0.1015 0.0690  114 LYS A CB  
30  C CG  . LYS A 10 ? 0.8878 0.5841 0.7572 0.0255  -0.1111 0.0573  114 LYS A CG  
31  C CD  . LYS A 10 ? 0.9747 0.6587 0.8312 0.0520  -0.1151 0.0720  114 LYS A CD  
32  C CE  . LYS A 10 ? 1.1372 0.7661 0.9741 0.0448  -0.1209 0.0889  114 LYS A CE  
33  N NZ  . LYS A 10 ? 1.2067 0.8131 1.0298 0.0741  -0.1292 0.1004  114 LYS A NZ  
34  N N   . LEU A 11 ? 0.6648 0.4638 0.5718 -0.0561 -0.0726 0.0764  115 LEU A N   
35  C CA  . LEU A 11 ? 0.5856 0.4288 0.4923 -0.0642 -0.0618 0.0780  115 LEU A CA  
36  C C   . LEU A 11 ? 0.5966 0.4692 0.5400 -0.0840 -0.0548 0.0625  115 LEU A C   
37  O O   . LEU A 11 ? 0.6582 0.5752 0.6098 -0.0829 -0.0535 0.0520  115 LEU A O   
38  C CB  . LEU A 11 ? 0.6195 0.4387 0.4925 -0.0703 -0.0470 0.1028  115 LEU A CB  
39  C CG  . LEU A 11 ? 0.7860 0.5803 0.6140 -0.0464 -0.0605 0.1167  115 LEU A CG  
40  C CD1 . LEU A 11 ? 0.7331 0.4791 0.5190 -0.0503 -0.0434 0.1431  115 LEU A CD1 
41  C CD2 . LEU A 11 ? 0.6364 0.4704 0.4537 -0.0334 -0.0736 0.1095  115 LEU A CD2 
42  N N   . GLU A 12 ? 0.6767 0.5230 0.6483 -0.1014 -0.0541 0.0603  116 GLU A N   
43  C CA  . GLU A 12 ? 0.6107 0.4796 0.6243 -0.1190 -0.0549 0.0443  116 GLU A CA  
44  C C   . GLU A 12 ? 0.6166 0.5011 0.6266 -0.1024 -0.0729 0.0192  116 GLU A C   
45  O O   . GLU A 12 ? 0.5341 0.4563 0.5599 -0.1075 -0.0704 0.0077  116 GLU A O   
46  C CB  . GLU A 12 ? 0.6777 0.5075 0.7337 -0.1392 -0.0589 0.0475  116 GLU A CB  
47  C CG  . GLU A 12 ? 0.8515 0.6991 0.9643 -0.1592 -0.0646 0.0333  116 GLU A CG  
48  C CD  . GLU A 12 ? 1.0338 0.8411 1.2068 -0.1808 -0.0723 0.0390  116 GLU A CD  
49  O OE1 . GLU A 12 ? 0.9396 0.7186 1.1170 -0.1883 -0.0528 0.0651  116 GLU A OE1 
50  O OE2 . GLU A 12 ? 1.0937 0.8951 1.3115 -0.1892 -0.0998 0.0175  116 GLU A OE2 
51  N N   . PHE A 13 ? 0.7223 0.5728 0.7081 -0.0803 -0.0882 0.0119  117 PHE A N   
52  C CA  . PHE A 13 ? 0.6166 0.4718 0.5846 -0.0559 -0.0969 -0.0071 117 PHE A CA  
53  C C   . PHE A 13 ? 0.6312 0.5410 0.5987 -0.0456 -0.0821 -0.0037 117 PHE A C   
54  O O   . PHE A 13 ? 0.5385 0.4740 0.5119 -0.0414 -0.0796 -0.0162 117 PHE A O   
55  C CB  . PHE A 13 ? 0.5991 0.4035 0.5344 -0.0288 -0.1076 -0.0099 117 PHE A CB  
56  C CG  . PHE A 13 ? 0.7059 0.5016 0.6120 0.0032  -0.1089 -0.0260 117 PHE A CG  
57  C CD1 . PHE A 13 ? 0.6141 0.4423 0.5163 0.0267  -0.0906 -0.0180 117 PHE A CD1 
58  C CD2 . PHE A 13 ? 0.8192 0.5667 0.7011 0.0131  -0.1288 -0.0481 117 PHE A CD2 
59  C CE1 . PHE A 13 ? 0.5656 0.3829 0.4422 0.0592  -0.0816 -0.0278 117 PHE A CE1 
60  C CE2 . PHE A 13 ? 0.7246 0.4516 0.5617 0.0495  -0.1249 -0.0611 117 PHE A CE2 
61  C CZ  . PHE A 13 ? 0.7498 0.5131 0.5849 0.0726  -0.0961 -0.0489 117 PHE A CZ  
62  N N   . THR A 14 ? 0.6048 0.5293 0.5674 -0.0411 -0.0753 0.0132  118 THR A N   
63  C CA  . THR A 14 ? 0.5359 0.5087 0.5093 -0.0308 -0.0688 0.0158  118 THR A CA  
64  C C   . THR A 14 ? 0.4657 0.4792 0.4562 -0.0517 -0.0616 0.0124  118 THR A C   
65  O O   . THR A 14 ? 0.3695 0.4204 0.3772 -0.0460 -0.0575 0.0056  118 THR A O   
66  C CB  . THR A 14 ? 0.5203 0.4913 0.4855 -0.0200 -0.0739 0.0325  118 THR A CB  
67  O OG1 . THR A 14 ? 0.4722 0.4039 0.4238 -0.0006 -0.0798 0.0370  118 THR A OG1 
68  C CG2 . THR A 14 ? 0.5119 0.5283 0.5031 -0.0075 -0.0749 0.0328  118 THR A CG2 
69  N N   . PHE A 15 ? 0.4838 0.4886 0.4723 -0.0744 -0.0565 0.0190  119 PHE A N   
70  C CA  . PHE A 15 ? 0.4977 0.5348 0.5022 -0.0932 -0.0460 0.0157  119 PHE A CA  
71  C C   . PHE A 15 ? 0.4354 0.4921 0.4632 -0.0952 -0.0483 -0.0026 119 PHE A C   
72  O O   . PHE A 15 ? 0.4631 0.5579 0.5033 -0.0965 -0.0434 -0.0087 119 PHE A O   
73  C CB  . PHE A 15 ? 0.4894 0.5037 0.4972 -0.1148 -0.0332 0.0275  119 PHE A CB  
74  C CG  . PHE A 15 ? 0.5682 0.6121 0.5935 -0.1316 -0.0169 0.0268  119 PHE A CG  
75  C CD1 . PHE A 15 ? 0.5705 0.6304 0.6382 -0.1457 -0.0170 0.0138  119 PHE A CD1 
76  C CD2 . PHE A 15 ? 0.5115 0.5628 0.5073 -0.1300 -0.0042 0.0378  119 PHE A CD2 
77  C CE1 . PHE A 15 ? 0.5741 0.6627 0.6627 -0.1594 -0.0002 0.0137  119 PHE A CE1 
78  C CE2 . PHE A 15 ? 0.5549 0.6285 0.5614 -0.1418 0.0139  0.0370  119 PHE A CE2 
79  C CZ  . PHE A 15 ? 0.5612 0.6566 0.6183 -0.1572 0.0182  0.0260  119 PHE A CZ  
80  N N   . LYS A 16 ? 0.4441 0.4689 0.4742 -0.0935 -0.0590 -0.0124 120 LYS A N   
81  C CA  . LYS A 16 ? 0.4605 0.4920 0.5024 -0.0929 -0.0665 -0.0308 120 LYS A CA  
82  C C   . LYS A 16 ? 0.4771 0.5268 0.5036 -0.0680 -0.0622 -0.0367 120 LYS A C   
83  O O   . LYS A 16 ? 0.4899 0.5609 0.5244 -0.0675 -0.0604 -0.0466 120 LYS A O   
84  C CB  . LYS A 16 ? 0.4547 0.4347 0.4950 -0.0929 -0.0877 -0.0421 120 LYS A CB  
85  C CG  . LYS A 16 ? 0.4411 0.4059 0.5209 -0.1216 -0.0900 -0.0344 120 LYS A CG  
86  C CD  . LYS A 16 ? 0.5119 0.4160 0.5916 -0.1185 -0.1174 -0.0442 120 LYS A CD  
87  C CE  . LYS A 16 ? 0.5198 0.4078 0.6577 -0.1476 -0.1201 -0.0354 120 LYS A CE  
88  N NZ  . LYS A 16 ? 0.5382 0.3625 0.6783 -0.1446 -0.1486 -0.0425 120 LYS A NZ  
89  N N   . LEU A 17 ? 0.4799 0.5248 0.4919 -0.0471 -0.0575 -0.0276 121 LEU A N   
90  C CA  . LEU A 17 ? 0.4366 0.5026 0.4504 -0.0232 -0.0459 -0.0278 121 LEU A CA  
91  C C   . LEU A 17 ? 0.4072 0.5278 0.4536 -0.0333 -0.0373 -0.0234 121 LEU A C   
92  O O   . LEU A 17 ? 0.4182 0.5601 0.4772 -0.0225 -0.0267 -0.0262 121 LEU A O   
93  C CB  . LEU A 17 ? 0.4561 0.5058 0.4623 0.0020  -0.0415 -0.0171 121 LEU A CB  
94  C CG  . LEU A 17 ? 0.5885 0.5791 0.5589 0.0149  -0.0510 -0.0213 121 LEU A CG  
95  C CD1 . LEU A 17 ? 0.6305 0.6140 0.6032 0.0385  -0.0445 -0.0075 121 LEU A CD1 
96  C CD2 . LEU A 17 ? 0.5530 0.5090 0.4886 0.0340  -0.0514 -0.0373 121 LEU A CD2 
97  N N   . TYR A 18 ? 0.3528 0.4903 0.4086 -0.0515 -0.0414 -0.0160 122 TYR A N   
98  C CA  . TYR A 18 ? 0.3797 0.5601 0.4600 -0.0582 -0.0391 -0.0145 122 TYR A CA  
99  C C   . TYR A 18 ? 0.4044 0.6023 0.4898 -0.0793 -0.0351 -0.0231 122 TYR A C   
100 O O   . TYR A 18 ? 0.4010 0.6315 0.5042 -0.0837 -0.0335 -0.0250 122 TYR A O   
101 C CB  . TYR A 18 ? 0.3426 0.5231 0.4169 -0.0594 -0.0498 -0.0037 122 TYR A CB  
102 C CG  . TYR A 18 ? 0.3638 0.5439 0.4552 -0.0371 -0.0565 0.0046  122 TYR A CG  
103 C CD1 . TYR A 18 ? 0.3455 0.5610 0.4842 -0.0259 -0.0565 0.0059  122 TYR A CD1 
104 C CD2 . TYR A 18 ? 0.3829 0.5274 0.4531 -0.0265 -0.0609 0.0121  122 TYR A CD2 
105 C CE1 . TYR A 18 ? 0.3375 0.5568 0.5096 -0.0047 -0.0594 0.0156  122 TYR A CE1 
106 C CE2 . TYR A 18 ? 0.3530 0.4989 0.4471 -0.0036 -0.0656 0.0207  122 TYR A CE2 
107 C CZ  . TYR A 18 ? 0.3911 0.5762 0.5400 0.0073  -0.0638 0.0228  122 TYR A CZ  
108 O OH  . TYR A 18 ? 0.4381 0.6288 0.6269 0.0296  -0.0657 0.0333  122 TYR A OH  
109 N N   . ASP A 19 ? 0.4054 0.4927 0.4709 -0.0755 -0.0109 0.0163  123 ASP A N   
110 C CA  . ASP A 19 ? 0.4201 0.5059 0.5057 -0.0621 -0.0148 -0.0009 123 ASP A CA  
111 C C   . ASP A 19 ? 0.4503 0.5196 0.5273 -0.0395 -0.0299 0.0073  123 ASP A C   
112 O O   . ASP A 19 ? 0.4989 0.5743 0.5842 -0.0238 -0.0460 0.0012  123 ASP A O   
113 C CB  . ASP A 19 ? 0.3801 0.4943 0.5011 -0.0606 -0.0138 -0.0168 123 ASP A CB  
114 C CG  . ASP A 19 ? 0.4040 0.5196 0.5617 -0.0463 -0.0147 -0.0290 123 ASP A CG  
115 O OD1 . ASP A 19 ? 0.4381 0.5310 0.5867 -0.0412 -0.0098 -0.0296 123 ASP A OD1 
116 O OD2 . ASP A 19 ? 0.4601 0.5983 0.6632 -0.0394 -0.0218 -0.0360 123 ASP A OD2 
117 N N   . THR A 20 ? 0.3860 0.4306 0.4459 -0.0376 -0.0270 0.0238  124 THR A N   
118 C CA  . THR A 20 ? 0.4571 0.4822 0.4992 -0.0140 -0.0361 0.0391  124 THR A CA  
119 C C   . THR A 20 ? 0.4580 0.4818 0.5186 0.0047  -0.0505 0.0265  124 THR A C   
120 O O   . THR A 20 ? 0.5029 0.5124 0.5434 0.0272  -0.0653 0.0352  124 THR A O   
121 C CB  . THR A 20 ? 0.4966 0.4985 0.5333 -0.0165 -0.0265 0.0633  124 THR A CB  
122 O OG1 . THR A 20 ? 0.4352 0.4306 0.4939 -0.0306 -0.0244 0.0514  124 THR A OG1 
123 C CG2 . THR A 20 ? 0.4940 0.4983 0.5224 -0.0317 -0.0145 0.0844  124 THR A CG2 
124 N N   . ASP A 21 ? 0.4368 0.4703 0.5333 -0.0016 -0.0456 0.0084  125 ASP A N   
125 C CA  . ASP A 21 ? 0.5456 0.5797 0.6731 0.0168  -0.0575 0.0013  125 ASP A CA  
126 C C   . ASP A 21 ? 0.5289 0.5902 0.6951 0.0192  -0.0696 -0.0128 125 ASP A C   
127 O O   . ASP A 21 ? 0.4421 0.5093 0.6522 0.0326  -0.0811 -0.0171 125 ASP A O   
128 C CB  . ASP A 21 ? 0.5896 0.6103 0.7394 0.0147  -0.0412 -0.0055 125 ASP A CB  
129 C CG  . ASP A 21 ? 0.4737 0.5025 0.6377 -0.0005 -0.0198 -0.0236 125 ASP A CG  
130 O OD1 . ASP A 21 ? 0.5706 0.5868 0.7555 0.0052  -0.0054 -0.0334 125 ASP A OD1 
131 O OD2 . ASP A 21 ? 0.4763 0.5200 0.6272 -0.0156 -0.0147 -0.0265 125 ASP A OD2 
132 N N   . ARG A 22 ? 0.4548 0.5331 0.6151 0.0061  -0.0677 -0.0173 126 ARG A N   
133 C CA  . ARG A 22 ? 0.4348 0.5373 0.6355 0.0076  -0.0845 -0.0271 126 ARG A CA  
134 C C   . ARG A 22 ? 0.5397 0.6628 0.8134 0.0089  -0.0731 -0.0360 126 ARG A C   
135 O O   . ARG A 22 ? 0.4924 0.6315 0.8227 0.0176  -0.0955 -0.0385 126 ARG A O   
136 C CB  . ARG A 22 ? 0.4669 0.5550 0.6519 0.0268  -0.1246 -0.0241 126 ARG A CB  
137 C CG  . ARG A 22 ? 0.4903 0.5493 0.5936 0.0326  -0.1291 -0.0126 126 ARG A CG  
138 C CD  . ARG A 22 ? 0.6230 0.6499 0.6887 0.0595  -0.1645 -0.0071 126 ARG A CD  
139 N NE  . ARG A 22 ? 0.8139 0.8509 0.9298 0.0660  -0.2052 -0.0206 126 ARG A NE  
140 C CZ  . ARG A 22 ? 0.8682 0.8963 0.9735 0.0685  -0.2393 -0.0310 126 ARG A CZ  
141 N NH1 . ARG A 22 ? 0.7573 0.7643 0.7951 0.0675  -0.2321 -0.0305 126 ARG A NH1 
142 N NH2 . ARG A 22 ? 0.9323 0.9687 1.0978 0.0727  -0.2825 -0.0406 126 ARG A NH2 
143 N N   . ASN A 23 ? 0.5028 0.6207 0.7770 0.0018  -0.0389 -0.0395 127 ASN A N   
144 C CA  . ASN A 23 ? 0.4946 0.6269 0.8339 0.0072  -0.0167 -0.0453 127 ASN A CA  
145 C C   . ASN A 23 ? 0.4586 0.6100 0.8111 -0.0056 0.0105  -0.0494 127 ASN A C   
146 O O   . ASN A 23 ? 0.4395 0.5974 0.8375 0.0009  0.0405  -0.0507 127 ASN A O   
147 C CB  . ASN A 23 ? 0.4051 0.5092 0.7339 0.0144  0.0079  -0.0480 127 ASN A CB  
148 C CG  . ASN A 23 ? 0.4602 0.5360 0.7182 -0.0015 0.0309  -0.0539 127 ASN A CG  
149 O OD1 . ASN A 23 ? 0.4247 0.5051 0.6451 -0.0169 0.0239  -0.0512 127 ASN A OD1 
150 N ND2 . ASN A 23 ? 0.4565 0.4983 0.6963 0.0031  0.0539  -0.0613 127 ASN A ND2 
151 N N   . GLY A 24 ? 0.4635 0.6226 0.7796 -0.0212 0.0049  -0.0485 128 GLY A N   
152 C CA  . GLY A 24 ? 0.4657 0.6473 0.8034 -0.0315 0.0277  -0.0492 128 GLY A CA  
153 C C   . GLY A 24 ? 0.5520 0.7140 0.8401 -0.0408 0.0641  -0.0521 128 GLY A C   
154 O O   . GLY A 24 ? 0.5426 0.7192 0.8440 -0.0458 0.0886  -0.0506 128 GLY A O   
155 N N   . ILE A 25 ? 0.4576 0.5831 0.6862 -0.0431 0.0656  -0.0556 129 ILE A N   
156 C CA  . ILE A 25 ? 0.4728 0.5673 0.6405 -0.0529 0.0884  -0.0607 129 ILE A CA  
157 C C   . ILE A 25 ? 0.5052 0.5734 0.6176 -0.0664 0.0654  -0.0571 129 ILE A C   
158 O O   . ILE A 25 ? 0.4760 0.5412 0.5962 -0.0607 0.0442  -0.0516 129 ILE A O   
159 C CB  . ILE A 25 ? 0.5034 0.5648 0.6643 -0.0371 0.1197  -0.0707 129 ILE A CB  
160 C CG1 . ILE A 25 ? 0.6273 0.6681 0.7960 -0.0258 0.1053  -0.0733 129 ILE A CG1 
161 C CG2 . ILE A 25 ? 0.4490 0.5366 0.6781 -0.0209 0.1520  -0.0672 129 ILE A CG2 
162 C CD1 . ILE A 25 ? 0.8184 0.8030 0.9413 -0.0171 0.1283  -0.0862 129 ILE A CD1 
163 N N   . LEU A 26 ? 0.4599 0.5079 0.5200 -0.0834 0.0689  -0.0570 130 LEU A N   
164 C CA  . LEU A 26 ? 0.5448 0.5651 0.5654 -0.0983 0.0466  -0.0499 130 LEU A CA  
165 C C   . LEU A 26 ? 0.5605 0.5258 0.5378 -0.0955 0.0520  -0.0646 130 LEU A C   
166 O O   . LEU A 26 ? 0.6588 0.5946 0.5882 -0.0999 0.0650  -0.0750 130 LEU A O   
167 C CB  . LEU A 26 ? 0.5830 0.6131 0.5822 -0.1204 0.0392  -0.0380 130 LEU A CB  
168 C CG  . LEU A 26 ? 0.4767 0.5530 0.5137 -0.1218 0.0350  -0.0245 130 LEU A CG  
169 C CD1 . LEU A 26 ? 0.4948 0.5797 0.5143 -0.1413 0.0368  -0.0150 130 LEU A CD1 
170 C CD2 . LEU A 26 ? 0.5032 0.5809 0.5507 -0.1185 0.0164  -0.0087 130 LEU A CD2 
171 N N   . ASP A 27 ? 0.5370 0.4817 0.5246 -0.0860 0.0427  -0.0661 131 ASP A N   
172 C CA  . ASP A 27 ? 0.6007 0.4851 0.5427 -0.0847 0.0453  -0.0820 131 ASP A CA  
173 C C   . ASP A 27 ? 0.6154 0.4650 0.5196 -0.1088 0.0144  -0.0755 131 ASP A C   
174 O O   . ASP A 27 ? 0.5755 0.4517 0.4954 -0.1249 -0.0030 -0.0555 131 ASP A O   
175 C CB  . ASP A 27 ? 0.6772 0.5494 0.6493 -0.0652 0.0494  -0.0864 131 ASP A CB  
176 C CG  . ASP A 27 ? 0.8181 0.7091 0.8256 -0.0665 0.0254  -0.0671 131 ASP A CG  
177 O OD1 . ASP A 27 ? 0.8562 0.7322 0.8489 -0.0840 0.0035  -0.0548 131 ASP A OD1 
178 O OD2 . ASP A 27 ? 0.9933 0.9138 1.0457 -0.0490 0.0281  -0.0611 131 ASP A OD2 
179 N N   A SER A 28 ? 0.6229 0.3725 0.5947 -0.0898 0.0024  -0.1059 132 SER A N   
180 N N   B SER A 28 ? 0.6383 0.3874 0.6105 -0.0896 0.0026  -0.1060 132 SER A N   
181 C CA  A SER A 28 ? 0.6907 0.4454 0.6345 -0.1130 -0.0054 -0.1022 132 SER A CA  
182 C CA  B SER A 28 ? 0.6860 0.4396 0.6302 -0.1128 -0.0050 -0.1028 132 SER A CA  
183 C C   A SER A 28 ? 0.7068 0.4767 0.6640 -0.1079 -0.0184 -0.0786 132 SER A C   
184 C C   B SER A 28 ? 0.6972 0.4666 0.6545 -0.1081 -0.0182 -0.0790 132 SER A C   
185 O O   A SER A 28 ? 0.6715 0.4668 0.6214 -0.1191 -0.0298 -0.0656 132 SER A O   
186 O O   B SER A 28 ? 0.6741 0.4685 0.6239 -0.1198 -0.0295 -0.0664 132 SER A O   
187 C CB  A SER A 28 ? 0.6585 0.3787 0.5907 -0.1290 0.0039  -0.1249 132 SER A CB  
188 C CB  B SER A 28 ? 0.6790 0.3975 0.6125 -0.1284 0.0046  -0.1253 132 SER A CB  
189 O OG  A SER A 28 ? 0.7890 0.4965 0.6985 -0.1285 0.0213  -0.1445 132 SER A OG  
190 O OG  B SER A 28 ? 0.7490 0.4701 0.6759 -0.1499 -0.0105 -0.1239 132 SER A OG  
191 N N   . SER A 29 ? 0.6426 0.3978 0.6191 -0.0878 -0.0147 -0.0699 133 SER A N   
192 C CA  . SER A 29 ? 0.6659 0.4330 0.6498 -0.0796 -0.0174 -0.0417 133 SER A CA  
193 C C   . SER A 29 ? 0.5173 0.3165 0.4913 -0.0583 -0.0286 -0.0256 133 SER A C   
194 O O   . SER A 29 ? 0.5960 0.4166 0.5722 -0.0578 -0.0290 -0.0022 133 SER A O   
195 C CB  . SER A 29 ? 0.5851 0.3260 0.5822 -0.0584 -0.0067 -0.0292 133 SER A CB  
196 O OG  . SER A 29 ? 0.7728 0.5126 0.7608 -0.0219 -0.0142 -0.0299 133 SER A OG  
197 N N   . GLU A 30 ? 0.6033 0.4073 0.5757 -0.0417 -0.0377 -0.0385 134 GLU A N   
198 C CA  . GLU A 30 ? 0.5097 0.3398 0.4778 -0.0207 -0.0525 -0.0297 134 GLU A CA  
199 C C   . GLU A 30 ? 0.5677 0.4255 0.5334 -0.0445 -0.0569 -0.0256 134 GLU A C   
200 O O   . GLU A 30 ? 0.5123 0.3949 0.4750 -0.0359 -0.0645 -0.0096 134 GLU A O   
201 C CB  . GLU A 30 ? 0.5268 0.3489 0.5117 0.0045  -0.0659 -0.0480 134 GLU A CB  
202 C CG  . GLU A 30 ? 0.5828 0.3803 0.5665 0.0381  -0.0717 -0.0518 134 GLU A CG  
203 C CD  . GLU A 30 ? 0.6399 0.4298 0.6606 0.0562  -0.0901 -0.0762 134 GLU A CD  
204 O OE1 . GLU A 30 ? 0.6853 0.4787 0.7397 0.0338  -0.0819 -0.0876 134 GLU A OE1 
205 O OE2 . GLU A 30 ? 0.5967 0.3773 0.6162 0.0945  -0.1131 -0.0834 134 GLU A OE2 
206 N N   . VAL A 31 ? 0.5126 0.3659 0.4761 -0.0692 -0.0515 -0.0391 135 VAL A N   
207 C CA  . VAL A 31 ? 0.5795 0.4549 0.5297 -0.0912 -0.0563 -0.0328 135 VAL A CA  
208 C C   . VAL A 31 ? 0.5478 0.4362 0.4959 -0.1067 -0.0618 -0.0188 135 VAL A C   
209 O O   . VAL A 31 ? 0.6118 0.5289 0.5619 -0.1117 -0.0728 -0.0041 135 VAL A O   
210 C CB  . VAL A 31 ? 0.5473 0.4071 0.4783 -0.1095 -0.0452 -0.0493 135 VAL A CB  
211 C CG1 . VAL A 31 ? 0.6131 0.4915 0.5149 -0.1294 -0.0547 -0.0429 135 VAL A CG1 
212 C CG2 . VAL A 31 ? 0.5158 0.3699 0.4678 -0.0946 -0.0352 -0.0553 135 VAL A CG2 
213 N N   . ASP A 32 ? 0.5138 0.3814 0.4694 -0.1151 -0.0544 -0.0220 136 ASP A N   
214 C CA  . ASP A 32 ? 0.5648 0.4441 0.5415 -0.1308 -0.0581 -0.0065 136 ASP A CA  
215 C C   . ASP A 32 ? 0.6005 0.5083 0.5941 -0.1092 -0.0559 0.0241  136 ASP A C   
216 O O   . ASP A 32 ? 0.4680 0.4038 0.4833 -0.1211 -0.0628 0.0406  136 ASP A O   
217 C CB  . ASP A 32 ? 0.5052 0.3529 0.5011 -0.1387 -0.0472 -0.0117 136 ASP A CB  
218 C CG  . ASP A 32 ? 0.6822 0.5402 0.7220 -0.1589 -0.0507 0.0047  136 ASP A CG  
219 O OD1 . ASP A 32 ? 0.7259 0.5905 0.7716 -0.1868 -0.0707 -0.0097 136 ASP A OD1 
220 O OD2 . ASP A 32 ? 0.7009 0.5588 0.7723 -0.1447 -0.0335 0.0328  136 ASP A OD2 
221 N N   . LYS A 33 ? 0.5446 0.4456 0.5274 -0.0739 -0.0480 0.0302  137 LYS A N   
222 C CA  . LYS A 33 ? 0.5467 0.4706 0.5295 -0.0442 -0.0444 0.0552  137 LYS A CA  
223 C C   . LYS A 33 ? 0.5047 0.4596 0.4866 -0.0450 -0.0597 0.0558  137 LYS A C   
224 O O   . LYS A 33 ? 0.5060 0.4877 0.4994 -0.0340 -0.0567 0.0782  137 LYS A O   
225 C CB  . LYS A 33 ? 0.4739 0.3786 0.4305 -0.0001 -0.0419 0.0525  137 LYS A CB  
226 C CG  . LYS A 33 ? 0.6244 0.4974 0.5797 0.0088  -0.0254 0.0588  137 LYS A CG  
227 C CD  . LYS A 33 ? 0.6999 0.5821 0.6769 0.0062  -0.0030 0.0941  137 LYS A CD  
228 C CE  . LYS A 33 ? 0.9055 0.7554 0.8898 0.0137  0.0164  0.1068  137 LYS A CE  
229 N NZ  . LYS A 33 ? 0.9392 0.8032 0.9629 0.0099  0.0434  0.1493  137 LYS A NZ  
230 N N   . ILE A 34 ? 0.4807 0.4312 0.4527 -0.0525 -0.0724 0.0345  138 ILE A N   
231 C CA  . ILE A 34 ? 0.4988 0.4751 0.4748 -0.0521 -0.0858 0.0380  138 ILE A CA  
232 C C   . ILE A 34 ? 0.4453 0.4458 0.4326 -0.0811 -0.0915 0.0510  138 ILE A C   
233 O O   . ILE A 34 ? 0.5005 0.5310 0.5035 -0.0753 -0.0976 0.0689  138 ILE A O   
234 C CB  . ILE A 34 ? 0.5808 0.5446 0.5545 -0.0547 -0.0917 0.0187  138 ILE A CB  
235 C CG1 . ILE A 34 ? 0.5514 0.4975 0.5327 -0.0219 -0.0958 0.0047  138 ILE A CG1 
236 C CG2 . ILE A 34 ? 0.5083 0.4959 0.4903 -0.0607 -0.1022 0.0276  138 ILE A CG2 
237 C CD1 . ILE A 34 ? 0.4978 0.4276 0.4976 -0.0269 -0.0953 -0.0132 138 ILE A CD1 
238 N N   . ILE A 35 ? 0.4630 0.4500 0.4456 -0.1103 -0.0923 0.0405  139 ILE A N   
239 C CA  . ILE A 35 ? 0.4890 0.4961 0.4844 -0.1374 -0.1075 0.0466  139 ILE A CA  
240 C C   . ILE A 35 ? 0.5821 0.6142 0.6243 -0.1353 -0.1035 0.0726  139 ILE A C   
241 O O   . ILE A 35 ? 0.4886 0.5540 0.5565 -0.1419 -0.1167 0.0882  139 ILE A O   
242 C CB  . ILE A 35 ? 0.5480 0.5282 0.5268 -0.1635 -0.1130 0.0229  139 ILE A CB  
243 C CG1 . ILE A 35 ? 0.5401 0.5018 0.4717 -0.1611 -0.1102 0.0041  139 ILE A CG1 
244 C CG2 . ILE A 35 ? 0.5215 0.5204 0.5227 -0.1889 -0.1372 0.0249  139 ILE A CG2 
245 C CD1 . ILE A 35 ? 0.5836 0.5147 0.4849 -0.1782 -0.1110 -0.0225 139 ILE A CD1 
246 N N   . LEU A 36 ? 0.5186 0.5361 0.5768 -0.1236 -0.0826 0.0818  140 LEU A N   
247 C CA  . LEU A 36 ? 0.5749 0.6161 0.6834 -0.1180 -0.0687 0.1141  140 LEU A CA  
248 C C   . LEU A 36 ? 0.4073 0.4796 0.5151 -0.0875 -0.0631 0.1351  140 LEU A C   
249 O O   . LEU A 36 ? 0.4479 0.5536 0.6026 -0.0903 -0.0604 0.1599  140 LEU A O   
250 C CB  . LEU A 36 ? 0.5361 0.5518 0.6555 -0.1048 -0.0409 0.1263  140 LEU A CB  
251 C CG  . LEU A 36 ? 0.7575 0.7448 0.9015 -0.1386 -0.0464 0.1092  140 LEU A CG  
252 C CD1 . LEU A 36 ? 0.7205 0.6756 0.8755 -0.1251 -0.0184 0.1215  140 LEU A CD1 
253 C CD2 . LEU A 36 ? 0.8144 0.8241 1.0258 -0.1734 -0.0641 0.1147  140 LEU A CD2 
254 N N   . GLN A 37 ? 0.5057 0.5669 0.5683 -0.0569 -0.0627 0.1240  141 GLN A N   
255 C CA  . GLN A 37 ? 0.5114 0.5979 0.5729 -0.0269 -0.0623 0.1371  141 GLN A CA  
256 C C   . GLN A 37 ? 0.5626 0.6794 0.6473 -0.0490 -0.0848 0.1390  141 GLN A C   
257 O O   . GLN A 37 ? 0.4995 0.6489 0.6143 -0.0381 -0.0822 0.1605  141 GLN A O   
258 C CB  . GLN A 37 ? 0.5211 0.5850 0.5379 0.0091  -0.0670 0.1167  141 GLN A CB  
259 C CG  . GLN A 37 ? 0.5775 0.6607 0.5919 0.0413  -0.0733 0.1205  141 GLN A CG  
260 C CD  . GLN A 37 ? 0.6975 0.7979 0.7131 0.0774  -0.0480 0.1486  141 GLN A CD  
261 O OE1 . GLN A 37 ? 0.6052 0.6965 0.6143 0.0886  -0.0219 0.1668  141 GLN A OE1 
262 N NE2 . GLN A 37 ? 0.7240 0.8484 0.7495 0.0987  -0.0516 0.1552  141 GLN A NE2 
263 N N   . MET A 38 ? 0.5205 0.6272 0.5905 -0.0777 -0.1051 0.1193  142 MET A N   
264 C CA  . MET A 38 ? 0.5143 0.6480 0.5978 -0.0945 -0.1275 0.1249  142 MET A CA  
265 C C   . MET A 38 ? 0.4496 0.6115 0.5838 -0.1173 -0.1358 0.1420  142 MET A C   
266 O O   . MET A 38 ? 0.4751 0.6720 0.6441 -0.1167 -0.1469 0.1601  142 MET A O   
267 C CB  . MET A 38 ? 0.4483 0.5616 0.4925 -0.1133 -0.1424 0.1039  142 MET A CB  
268 C CG  . MET A 38 ? 0.4543 0.5437 0.4727 -0.0924 -0.1340 0.0901  142 MET A CG  
269 S SD  . MET A 38 ? 0.5214 0.5892 0.5012 -0.1131 -0.1385 0.0751  142 MET A SD  
270 C CE  . MET A 38 ? 0.4992 0.5500 0.4883 -0.0877 -0.1281 0.0680  142 MET A CE  
271 N N   . MET A 39 ? 0.4715 0.6191 0.6236 -0.1360 -0.1305 0.1374  143 MET A N   
272 C CA  . MET A 39 ? 0.4648 0.6390 0.6883 -0.1564 -0.1383 0.1545  143 MET A CA  
273 C C   . MET A 39 ? 0.4387 0.6455 0.7142 -0.1312 -0.1117 0.1909  143 MET A C   
274 O O   . MET A 39 ? 0.4216 0.6671 0.7603 -0.1396 -0.1224 0.2105  143 MET A O   
275 C CB  . MET A 39 ? 0.4696 0.6177 0.7165 -0.1791 -0.1348 0.1437  143 MET A CB  
276 C CG  . MET A 39 ? 0.5382 0.6506 0.7313 -0.2011 -0.1583 0.1044  143 MET A CG  
277 S SD  . MET A 39 ? 0.7775 0.9082 0.9793 -0.2312 -0.2116 0.0875  143 MET A SD  
278 C CE  . MET A 39 ? 0.8753 1.0170 1.1894 -0.2595 -0.2255 0.0929  143 MET A CE  
279 N N   . ARG A 40 ? 0.4288 0.6204 0.6791 -0.0971 -0.0766 0.2012  144 ARG A N   
280 C CA  . ARG A 40 ? 0.4535 0.6733 0.7432 -0.0662 -0.0445 0.2379  144 ARG A CA  
281 C C   . ARG A 40 ? 0.4571 0.7084 0.7494 -0.0494 -0.0560 0.2439  144 ARG A C   
282 O O   . ARG A 40 ? 0.4521 0.7423 0.8088 -0.0429 -0.0443 0.2738  144 ARG A O   
283 C CB  . ARG A 40 ? 0.4121 0.6049 0.6518 -0.0232 -0.0079 0.2453  144 ARG A CB  
284 C CG  . ARG A 40 ? 0.6209 0.7852 0.8689 -0.0313 0.0128  0.2516  144 ARG A CG  
285 C CD  . ARG A 40 ? 0.7312 0.8782 0.9339 0.0217  0.0527  0.2722  144 ARG A CD  
286 N NE  . ARG A 40 ? 0.8968 1.0006 1.0602 0.0242  0.0581  0.2595  144 ARG A NE  
287 C CZ  . ARG A 40 ? 1.0268 1.1174 1.2209 0.0262  0.0905  0.2885  144 ARG A CZ  
288 N NH1 . ARG A 40 ? 1.0246 1.1429 1.2955 0.0259  0.1237  0.3344  144 ARG A NH1 
289 N NH2 . ARG A 40 ? 1.0755 1.1249 1.2316 0.0302  0.0917  0.2747  144 ARG A NH2 
290 N N   . VAL A 41 ? 0.4041 0.6396 0.6380 -0.0428 -0.0777 0.2178  145 VAL A N   
291 C CA  . VAL A 41 ? 0.4745 0.7358 0.7167 -0.0294 -0.0918 0.2226  145 VAL A CA  
292 C C   . VAL A 41 ? 0.4725 0.7703 0.7749 -0.0615 -0.1180 0.2354  145 VAL A C   
293 O O   . VAL A 41 ? 0.5829 0.9176 0.9350 -0.0494 -0.1156 0.2582  145 VAL A O   
294 C CB  . VAL A 41 ? 0.4158 0.6505 0.6008 -0.0219 -0.1108 0.1947  145 VAL A CB  
295 C CG1 . VAL A 41 ? 0.4700 0.7302 0.6760 -0.0166 -0.1291 0.2027  145 VAL A CG1 
296 C CG2 . VAL A 41 ? 0.4876 0.6930 0.6279 0.0177  -0.0926 0.1816  145 VAL A CG2 
297 N N   . ALA A 42 ? 0.4629 0.7504 0.7610 -0.0995 -0.1456 0.2191  146 ALA A N   
298 C CA  . ALA A 42 ? 0.4094 0.7287 0.7577 -0.1273 -0.1809 0.2260  146 ALA A CA  
299 C C   . ALA A 42 ? 0.4894 0.8464 0.9396 -0.1337 -0.1708 0.2542  146 ALA A C   
300 O O   . ALA A 42 ? 0.4383 0.8367 0.9520 -0.1353 -0.1869 0.2734  146 ALA A O   
301 C CB  . ALA A 42 ? 0.4947 0.7876 0.8049 -0.1601 -0.2121 0.1972  146 ALA A CB  
302 N N   . GLU A 43 ? 0.4064 0.7494 0.8826 -0.1380 -0.1438 0.2596  147 GLU A N   
303 C CA  . GLU A 43 ? 0.4760 0.8534 1.0641 -0.1431 -0.1249 0.2932  147 GLU A CA  
304 C C   . GLU A 43 ? 0.3999 0.8114 1.0191 -0.1038 -0.0881 0.3287  147 GLU A C   
305 O O   . GLU A 43 ? 0.4305 0.8866 1.1495 -0.1078 -0.0872 0.3566  147 GLU A O   
306 C CB  . GLU A 43 ? 0.5407 0.8909 1.1463 -0.1479 -0.0926 0.2989  147 GLU A CB  
307 C CG  . GLU A 43 ? 0.7584 1.0924 1.4030 -0.1931 -0.1287 0.2751  147 GLU A CG  
308 C CD  . GLU A 43 ? 0.9448 1.2633 1.6568 -0.1971 -0.0940 0.2935  147 GLU A CD  
309 O OE1 . GLU A 43 ? 0.9878 1.3117 1.7798 -0.2095 -0.1047 0.2954  147 GLU A OE1 
310 O OE2 . GLU A 43 ? 1.0133 1.3033 1.6807 -0.1798 -0.0561 0.3012  147 GLU A OE2 
311 N N   . TYR A 44 ? 0.4511 0.8402 0.9879 -0.0627 -0.0585 0.3256  148 TYR A N   
312 C CA  . TYR A 44 ? 0.4561 0.8701 1.0050 -0.0177 -0.0237 0.3525  148 TYR A CA  
313 C C   . TYR A 44 ? 0.4460 0.8981 1.0361 -0.0214 -0.0537 0.3567  148 TYR A C   
314 O O   . TYR A 44 ? 0.4994 0.9934 1.1683 -0.0061 -0.0335 0.3892  148 TYR A O   
315 C CB  . TYR A 44 ? 0.4991 0.8745 0.9414 0.0271  -0.0028 0.3351  148 TYR A CB  
316 C CG  . TYR A 44 ? 0.7079 1.1014 1.1421 0.0771  0.0197  0.3485  148 TYR A CG  
317 C CD1 . TYR A 44 ? 0.7649 1.1796 1.2336 0.1146  0.0725  0.3868  148 TYR A CD1 
318 C CD2 . TYR A 44 ? 0.8113 1.1992 1.2071 0.0893  -0.0091 0.3246  148 TYR A CD2 
319 C CE1 . TYR A 44 ? 0.8676 1.2967 1.3228 0.1656  0.0946  0.3959  148 TYR A CE1 
320 C CE2 . TYR A 44 ? 0.9308 1.3313 1.3223 0.1363  0.0082  0.3318  148 TYR A CE2 
321 C CZ  . TYR A 44 ? 0.9776 1.3983 1.3940 0.1757  0.0593  0.3650  148 TYR A CZ  
322 O OH  . TYR A 44 ? 1.0397 1.4703 1.4451 0.2271  0.0775  0.3687  148 TYR A OH  
323 N N   . LEU A 45 ? 0.4769 1.0331 0.9458 0.0303  0.1189  0.3047  149 LEU A N   
324 C CA  . LEU A 45 ? 0.5205 1.1423 1.0262 0.0757  0.0513  0.2894  149 LEU A CA  
325 C C   . LEU A 45 ? 0.6343 1.3443 1.2283 0.0309  -0.0064 0.2675  149 LEU A C   
326 O O   . LEU A 45 ? 0.7589 1.5204 1.3857 0.0659  -0.0734 0.2529  149 LEU A O   
327 C CB  . LEU A 45 ? 0.5270 1.0139 0.8960 0.1162  0.0158  0.2942  149 LEU A CB  
328 C CG  . LEU A 45 ? 0.5208 0.9341 0.8273 0.1711  0.0585  0.3142  149 LEU A CG  
329 C CD1 . LEU A 45 ? 0.5556 0.8100 0.7208 0.1799  0.0490  0.3249  149 LEU A CD1 
330 C CD2 . LEU A 45 ? 0.4510 0.9420 0.8141 0.2411  0.0321  0.3086  149 LEU A CD2 
331 N N   . ASP A 46 ? 0.6010 1.3269 1.2390 -0.0439 0.0124  0.2653  150 ASP A N   
332 C CA  . ASP A 46 ? 0.6668 1.4532 1.3825 -0.0952 -0.0484 0.2432  150 ASP A CA  
333 C C   . ASP A 46 ? 0.7216 1.4126 1.3298 -0.0819 -0.1307 0.2253  150 ASP A C   
334 O O   . ASP A 46 ? 0.7136 1.4715 1.3812 -0.0748 -0.2062 0.2049  150 ASP A O   
335 C CB  . ASP A 46 ? 0.5527 1.5317 1.4548 -0.0872 -0.0641 0.2323  150 ASP A CB  
336 C CG  . ASP A 46 ? 0.7280 1.7816 1.7449 -0.1572 -0.1094 0.2140  150 ASP A CG  
337 O OD1 . ASP A 46 ? 0.8461 1.8169 1.7963 -0.1834 -0.1768 0.1964  150 ASP A OD1 
338 O OD2 . ASP A 46 ? 0.7854 1.9826 1.9630 -0.1872 -0.0767 0.2170  150 ASP A OD2 
339 N N   . TRP A 47 ? 0.6845 1.2162 1.1306 -0.0757 -0.1157 0.2334  151 TRP A N   
340 C CA  . TRP A 47 ? 0.7795 1.2062 1.1080 -0.0839 -0.1793 0.2161  151 TRP A CA  
341 C C   . TRP A 47 ? 0.8335 1.2455 1.1852 -0.1604 -0.1956 0.1963  151 TRP A C   
342 O O   . TRP A 47 ? 0.7954 1.2489 1.2304 -0.2086 -0.1472 0.2034  151 TRP A O   
343 C CB  . TRP A 47 ? 0.8948 1.1584 1.0483 -0.0585 -0.1495 0.2293  151 TRP A CB  
344 C CG  . TRP A 47 ? 0.8840 1.1204 0.9791 0.0157  -0.1518 0.2483  151 TRP A CG  
345 C CD1 . TRP A 47 ? 0.7924 0.9653 0.8362 0.0504  -0.0913 0.2727  151 TRP A CD1 
346 C CD2 . TRP A 47 ? 0.9867 1.2489 1.0693 0.0630  -0.2238 0.2456  151 TRP A CD2 
347 N NE1 . TRP A 47 ? 0.8027 0.9631 0.8091 0.1145  -0.1197 0.2858  151 TRP A NE1 
348 C CE2 . TRP A 47 ? 0.7894 1.0023 0.8156 0.1236  -0.2003 0.2710  151 TRP A CE2 
349 C CE3 . TRP A 47 ? 0.8906 1.2093 1.0084 0.0606  -0.3108 0.2245  151 TRP A CE3 
350 C CZ2 . TRP A 47 ? 0.8229 1.0396 0.8253 0.1786  -0.2585 0.2781  151 TRP A CZ2 
351 C CZ3 . TRP A 47 ? 0.9237 1.2467 1.0153 0.1173  -0.3694 0.2305  151 TRP A CZ3 
352 C CH2 . TRP A 47 ? 0.8918 1.1626 0.9240 0.1751  -0.3432 0.2582  151 TRP A CH2 
353 N N   . ASP A 48 ? 0.9937 1.3367 1.2619 -0.1708 -0.2661 0.1724  152 ASP A N   
354 C CA  . ASP A 48 ? 1.0957 1.3843 1.3468 -0.2373 -0.2892 0.1485  152 ASP A CA  
355 C C   . ASP A 48 ? 1.1693 1.2943 1.2603 -0.2430 -0.2403 0.1516  152 ASP A C   
356 O O   . ASP A 48 ? 1.2957 1.3150 1.2361 -0.2079 -0.2574 0.1472  152 ASP A O   
357 C CB  . ASP A 48 ? 1.2156 1.5083 1.4510 -0.2404 -0.3950 0.1163  152 ASP A CB  
358 C CG  . ASP A 48 ? 1.3041 1.5190 1.4968 -0.3008 -0.4298 0.0858  152 ASP A CG  
359 O OD1 . ASP A 48 ? 1.3886 1.5052 1.4447 -0.2898 -0.4915 0.0611  152 ASP A OD1 
360 O OD2 . ASP A 48 ? 1.2807 1.5236 1.5665 -0.3579 -0.3932 0.0873  152 ASP A OD2 
361 N N   . VAL A 49 ? 1.0863 1.1906 1.2120 -0.2859 -0.1773 0.1610  153 VAL A N   
362 C CA  . VAL A 49 ? 1.0775 1.0361 1.0772 -0.2900 -0.1248 0.1637  153 VAL A CA  
363 C C   . VAL A 49 ? 1.2343 1.0991 1.1768 -0.3435 -0.1545 0.1302  153 VAL A C   
364 O O   . VAL A 49 ? 1.2063 0.9621 1.0767 -0.3577 -0.1088 0.1284  153 VAL A O   
365 C CB  . VAL A 49 ? 0.9352 0.9064 0.9914 -0.2979 -0.0409 0.1943  153 VAL A CB  
366 C CG1 . VAL A 49 ? 0.8564 0.8995 0.9474 -0.2375 -0.0105 0.2225  153 VAL A CG1 
367 C CG2 . VAL A 49 ? 0.8950 0.9530 1.0920 -0.3636 -0.0359 0.1966  153 VAL A CG2 
368 N N   . SER A 50 ? 1.2790 1.1777 1.2511 -0.3698 -0.2347 0.1003  154 SER A N   
369 C CA  . SER A 50 ? 1.3542 1.1771 1.2967 -0.4250 -0.2728 0.0641  154 SER A CA  
370 C C   . SER A 50 ? 1.3612 1.0186 1.1190 -0.4088 -0.2563 0.0433  154 SER A C   
371 O O   . SER A 50 ? 1.3929 0.9670 1.1272 -0.4470 -0.2355 0.0269  154 SER A O   
372 C CB  . SER A 50 ? 1.3675 1.2457 1.3539 -0.4412 -0.3743 0.0325  154 SER A CB  
373 O OG  . SER A 50 ? 1.2935 1.3347 1.4641 -0.4528 -0.3864 0.0502  154 SER A OG  
374 N N   . GLU A 51 ? 1.4025 1.0095 1.0294 -0.3526 -0.2653 0.0434  155 GLU A N   
375 C CA  . GLU A 51 ? 1.5420 0.9993 0.9940 -0.3356 -0.2419 0.0243  155 GLU A CA  
376 C C   . GLU A 51 ? 1.4371 0.8589 0.8146 -0.2785 -0.1764 0.0587  155 GLU A C   
377 O O   . GLU A 51 ? 1.5802 0.9052 0.8067 -0.2462 -0.1674 0.0516  155 GLU A O   
378 C CB  . GLU A 51 ? 1.7855 1.1810 1.1146 -0.3313 -0.3216 -0.0168 155 GLU A CB  
379 C CG  . GLU A 51 ? 1.8672 1.3531 1.2351 -0.3145 -0.4054 -0.0166 155 GLU A CG  
380 C CD  . GLU A 51 ? 2.1456 1.5574 1.3913 -0.3198 -0.4956 -0.0643 155 GLU A CD  
381 O OE1 . GLU A 51 ? 2.2598 1.5414 1.3552 -0.3212 -0.4807 -0.0935 155 GLU A OE1 
382 O OE2 . GLU A 51 ? 2.2255 1.7071 1.5235 -0.3201 -0.5835 -0.0752 155 GLU A OE2 
383 N N   . LEU A 52 ? 1.0396 0.6817 0.6505 -0.1907 -0.3704 0.0308  156 LEU A N   
384 C CA  . LEU A 52 ? 1.0883 0.7513 0.7063 -0.1778 -0.3279 0.0481  156 LEU A CA  
385 C C   . LEU A 52 ? 1.0464 0.6894 0.6340 -0.1658 -0.2956 0.0310  156 LEU A C   
386 O O   . LEU A 52 ? 1.1163 0.7645 0.6787 -0.1494 -0.2650 0.0379  156 LEU A O   
387 C CB  . LEU A 52 ? 1.0534 0.7565 0.7638 -0.1887 -0.3144 0.0648  156 LEU A CB  
388 C CG  . LEU A 52 ? 1.0139 0.7457 0.7553 -0.1767 -0.2717 0.0727  156 LEU A CG  
389 C CD1 . LEU A 52 ? 0.9861 0.7206 0.7054 -0.1628 -0.2656 0.0938  156 LEU A CD1 
390 C CD2 . LEU A 52 ? 0.8991 0.6791 0.7347 -0.1884 -0.2635 0.0763  156 LEU A CD2 
391 N N   . ARG A 53 ? 1.0704 0.6921 0.6697 -0.1732 -0.3012 0.0128  157 ARG A N   
392 C CA  . ARG A 53 ? 1.1039 0.7125 0.6926 -0.1631 -0.2701 0.0023  157 ARG A CA  
393 C C   . ARG A 53 ? 1.1656 0.7422 0.6746 -0.1449 -0.2608 -0.0182 157 ARG A C   
394 O O   . ARG A 53 ? 1.1820 0.7608 0.6777 -0.1307 -0.2251 -0.0160 157 ARG A O   
395 C CB  . ARG A 53 ? 1.1620 0.7600 0.7973 -0.1753 -0.2796 -0.0029 157 ARG A CB  
396 C CG  . ARG A 53 ? 1.2066 0.8308 0.8777 -0.1709 -0.2442 0.0096  157 ARG A CG  
397 C CD  . ARG A 53 ? 1.3321 0.9439 1.0426 -0.1768 -0.2469 0.0121  157 ARG A CD  
398 N NE  . ARG A 53 ? 1.3896 1.0199 1.1041 -0.1648 -0.2116 0.0195  157 ARG A NE  
399 C CZ  . ARG A 53 ? 1.4372 1.0324 1.1067 -0.1492 -0.1950 0.0009  157 ARG A CZ  
400 N NH1 . ARG A 53 ? 1.5791 1.1261 1.1952 -0.1442 -0.2101 -0.0269 157 ARG A NH1 
401 N NH2 . ARG A 53 ? 1.2972 0.9105 0.9745 -0.1379 -0.1643 0.0078  157 ARG A NH2 
402 N N   . PRO A 54 ? 1.2136 0.7673 0.6704 -0.1435 -0.2902 -0.0415 158 PRO A N   
403 C CA  . PRO A 54 ? 1.2744 0.8133 0.6503 -0.1239 -0.2776 -0.0626 158 PRO A CA  
404 C C   . PRO A 54 ? 1.2681 0.8345 0.6127 -0.1087 -0.2503 -0.0328 158 PRO A C   
405 O O   . PRO A 54 ? 1.2224 0.7832 0.5158 -0.0906 -0.2235 -0.0397 158 PRO A O   
406 C CB  . PRO A 54 ? 1.3322 0.8639 0.6654 -0.1269 -0.3211 -0.0935 158 PRO A CB  
407 C CG  . PRO A 54 ? 1.3124 0.8340 0.7184 -0.1487 -0.3528 -0.0981 158 PRO A CG  
408 C CD  . PRO A 54 ? 1.2396 0.7865 0.7111 -0.1586 -0.3365 -0.0549 158 PRO A CD  
409 N N   . ILE A 55 ? 1.2470 0.8448 0.6297 -0.1154 -0.2572 0.0013  159 ILE A N   
410 C CA  . ILE A 55 ? 1.1574 0.7845 0.5392 -0.1021 -0.2318 0.0367  159 ILE A CA  
411 C C   . ILE A 55 ? 1.1519 0.7836 0.5831 -0.0959 -0.1884 0.0433  159 ILE A C   
412 O O   . ILE A 55 ? 1.0307 0.6673 0.4434 -0.0784 -0.1561 0.0550  159 ILE A O   
413 C CB  . ILE A 55 ? 1.1029 0.7615 0.5321 -0.1129 -0.2552 0.0690  159 ILE A CB  
414 C CG1 . ILE A 55 ? 1.2699 0.9304 0.6383 -0.1151 -0.2990 0.0614  159 ILE A CG1 
415 C CG2 . ILE A 55 ? 1.0446 0.7351 0.5119 -0.1018 -0.2278 0.1105  159 ILE A CG2 
416 C CD1 . ILE A 55 ? 1.2916 0.9763 0.7093 -0.1296 -0.3326 0.0855  159 ILE A CD1 
417 N N   . LEU A 56 ? 1.0587 0.6945 0.5541 -0.1090 -0.1867 0.0351  160 LEU A N   
418 C CA  . LEU A 56 ? 0.9983 0.6507 0.5410 -0.1023 -0.1486 0.0359  160 LEU A CA  
419 C C   . LEU A 56 ? 0.9618 0.5841 0.4560 -0.0885 -0.1261 0.0164  160 LEU A C   
420 O O   . LEU A 56 ? 0.9132 0.5433 0.4160 -0.0740 -0.0915 0.0205  160 LEU A O   
421 C CB  . LEU A 56 ? 0.8374 0.5183 0.4536 -0.1182 -0.1532 0.0324  160 LEU A CB  
422 C CG  . LEU A 56 ? 0.8514 0.5702 0.5329 -0.1301 -0.1673 0.0490  160 LEU A CG  
423 C CD1 . LEU A 56 ? 0.7722 0.5314 0.5233 -0.1441 -0.1676 0.0421  160 LEU A CD1 
424 C CD2 . LEU A 56 ? 0.8556 0.5992 0.5766 -0.1185 -0.1439 0.0656  160 LEU A CD2 
425 N N   . GLN A 57 ? 1.0315 0.6186 0.4821 -0.0921 -0.1454 -0.0070 161 GLN A N   
426 C CA  . GLN A 57 ? 1.0730 0.6302 0.4861 -0.0789 -0.1245 -0.0285 161 GLN A CA  
427 C C   . GLN A 57 ? 1.1025 0.6557 0.4538 -0.0587 -0.1026 -0.0265 161 GLN A C   
428 O O   . GLN A 57 ? 1.1260 0.6749 0.4761 -0.0445 -0.0676 -0.0279 161 GLN A O   
429 C CB  . GLN A 57 ? 1.1752 0.6969 0.5715 -0.0868 -0.1513 -0.0577 161 GLN A CB  
430 C CG  . GLN A 57 ? 1.3338 0.8642 0.7981 -0.1055 -0.1695 -0.0498 161 GLN A CG  
431 C CD  . GLN A 57 ? 1.5260 1.0240 1.0099 -0.1089 -0.1769 -0.0700 161 GLN A CD  
432 O OE1 . GLN A 57 ? 1.6426 1.1458 1.1631 -0.1059 -0.1550 -0.0611 161 GLN A OE1 
433 N NE2 . GLN A 57 ? 1.4918 0.9611 0.9638 -0.1155 -0.2094 -0.0967 161 GLN A NE2 
434 N N   . GLU A 58 ? 1.1036 0.6656 0.4065 -0.0563 -0.1216 -0.0187 162 GLU A N   
435 C CA  . GLU A 58 ? 1.2135 0.7834 0.4537 -0.0357 -0.0994 -0.0105 162 GLU A CA  
436 C C   . GLU A 58 ? 1.1901 0.7867 0.4794 -0.0258 -0.0635 0.0288  162 GLU A C   
437 O O   . GLU A 58 ? 1.2237 0.8201 0.4932 -0.0078 -0.0285 0.0343  162 GLU A O   
438 C CB  . GLU A 58 ? 1.3858 0.9744 0.5614 -0.0343 -0.1306 -0.0072 162 GLU A CB  
439 C CG  . GLU A 58 ? 1.5694 1.1818 0.6706 -0.0112 -0.1082 0.0060  162 GLU A CG  
440 C CD  . GLU A 58 ? 1.7534 1.3413 0.7961 0.0018  -0.0909 -0.0402 162 GLU A CD  
441 O OE1 . GLU A 58 ? 1.7703 1.3277 0.8066 -0.0076 -0.1149 -0.0904 162 GLU A OE1 
442 O OE2 . GLU A 58 ? 1.7991 1.3995 0.8132 0.0214  -0.0522 -0.0257 162 GLU A OE2 
443 N N   . MET A 59 ? 1.1276 0.7492 0.4925 -0.0373 -0.0709 0.0533  163 MET A N   
444 C CA  . MET A 59 ? 1.0608 0.7098 0.5021 -0.0296 -0.0381 0.0816  163 MET A CA  
445 C C   . MET A 59 ? 0.9521 0.5907 0.4207 -0.0211 -0.0032 0.0612  163 MET A C   
446 O O   . MET A 59 ? 0.9524 0.5970 0.4335 -0.0044 0.0312  0.0753  163 MET A O   
447 C CB  . MET A 59 ? 0.9310 0.6086 0.4628 -0.0462 -0.0542 0.0928  163 MET A CB  
448 C CG  . MET A 59 ? 0.9213 0.6317 0.5567 -0.0405 -0.0236 0.1085  163 MET A CG  
449 S SD  . MET A 59 ? 0.8807 0.6297 0.6247 -0.0609 -0.0423 0.1023  163 MET A SD  
450 C CE  . MET A 59 ? 0.7455 0.4939 0.4879 -0.0667 -0.0354 0.0575  163 MET A CE  
451 N N   . MET A 60 ? 0.9256 0.5525 0.4081 -0.0320 -0.0123 0.0321  164 MET A N   
452 C CA  . MET A 60 ? 0.8941 0.5170 0.4008 -0.0241 0.0160  0.0141  164 MET A CA  
453 C C   . MET A 60 ? 0.9878 0.5747 0.4259 -0.0078 0.0355  0.0012  164 MET A C   
454 O O   . MET A 60 ? 0.9409 0.5274 0.4013 0.0047  0.0675  -0.0037 164 MET A O   
455 C CB  . MET A 60 ? 0.8479 0.4766 0.3839 -0.0390 -0.0006 -0.0040 164 MET A CB  
456 C CG  . MET A 60 ? 0.7874 0.4624 0.3952 -0.0546 -0.0156 0.0022  164 MET A CG  
457 S SD  . MET A 60 ? 0.8532 0.5829 0.5563 -0.0457 0.0157  0.0048  164 MET A SD  
458 C CE  . MET A 60 ? 0.8022 0.5290 0.5047 -0.0302 0.0473  -0.0141 164 MET A CE  
459 N N   . LYS A 61 ? 1.1130 0.6727 0.4734 -0.0077 0.0163  -0.0108 165 LYS A N   
460 C CA  . LYS A 61 ? 1.1768 0.7112 0.4745 0.0093  0.0372  -0.0282 165 LYS A CA  
461 C C   . LYS A 61 ? 1.2166 0.7712 0.5090 0.0283  0.0725  0.0008  165 LYS A C   
462 O O   . LYS A 61 ? 1.2362 0.7816 0.5316 0.0431  0.1071  -0.0045 165 LYS A O   
463 C CB  . LYS A 61 ? 1.2649 0.7806 0.4849 0.0067  0.0075  -0.0539 165 LYS A CB  
464 C CG  . LYS A 61 ? 1.3977 0.8929 0.5558 0.0236  0.0272  -0.0838 165 LYS A CG  
465 N N   . GLU A 62 ? 1.2332 0.8181 0.5301 0.0280  0.0648  0.0365  166 GLU A N   
466 C CA  . GLU A 62 ? 1.2384 0.8496 0.5461 0.0459  0.0979  0.0768  166 GLU A CA  
467 C C   . GLU A 62 ? 1.1737 0.7929 0.5806 0.0517  0.1330  0.0855  166 GLU A C   
468 O O   . GLU A 62 ? 1.1824 0.8067 0.5974 0.0700  0.1706  0.1027  166 GLU A O   
469 C CB  . GLU A 62 ? 1.3238 0.9709 0.6411 0.0421  0.0785  0.1209  166 GLU A CB  
470 C CG  . GLU A 62 ? 1.5405 1.1940 0.7597 0.0387  0.0411  0.1151  166 GLU A CG  
471 C CD  . GLU A 62 ? 1.6972 1.3942 0.9315 0.0369  0.0225  0.1680  166 GLU A CD  
472 O OE1 . GLU A 62 ? 1.6987 1.4222 1.0158 0.0425  0.0450  0.2171  166 GLU A OE1 
473 O OE2 . GLU A 62 ? 1.7851 1.4920 0.9566 0.0303  -0.0160 0.1601  166 GLU A OE2 
474 N N   . ILE A 63 ? 0.9628 0.5902 0.4486 0.0372  0.1214  0.0718  167 ILE A N   
475 C CA  . ILE A 63 ? 0.9049 0.5530 0.4943 0.0421  0.1497  0.0706  167 ILE A CA  
476 C C   . ILE A 63 ? 0.8894 0.5157 0.4651 0.0545  0.1772  0.0459  167 ILE A C   
477 O O   . ILE A 63 ? 1.0723 0.7126 0.7171 0.0665  0.2093  0.0496  167 ILE A O   
478 C CB  . ILE A 63 ? 0.8612 0.5348 0.5214 0.0237  0.1268  0.0524  167 ILE A CB  
479 C CG1 . ILE A 63 ? 0.8416 0.5415 0.5449 0.0143  0.1080  0.0800  167 ILE A CG1 
480 C CG2 . ILE A 63 ? 0.7658 0.4659 0.5142 0.0280  0.1489  0.0301  167 ILE A CG2 
481 C CD1 . ILE A 63 ? 0.8325 0.5665 0.6128 -0.0034 0.0880  0.0600  167 ILE A CD1 
482 N N   . ASP A 64 ? 1.0538 0.7029 0.5110 0.0781  0.1625  0.1200  168 ASP A N   
483 C CA  . ASP A 64 ? 1.1008 0.8064 0.5876 0.1183  0.2000  0.0968  168 ASP A CA  
484 C C   . ASP A 64 ? 1.2216 0.9845 0.6575 0.1344  0.2597  0.1175  168 ASP A C   
485 O O   . ASP A 64 ? 1.3309 1.0652 0.6523 0.1636  0.2684  0.0942  168 ASP A O   
486 C CB  . ASP A 64 ? 1.0534 0.6958 0.4837 0.1577  0.1661  0.0417  168 ASP A CB  
487 C CG  . ASP A 64 ? 1.2708 0.9655 0.7407 0.2068  0.2000  0.0125  168 ASP A CG  
488 O OD1 . ASP A 64 ? 1.2113 0.8521 0.6165 0.2487  0.1832  -0.0333 168 ASP A OD1 
489 O OD2 . ASP A 64 ? 1.0428 0.8302 0.6110 0.2044  0.2407  0.0338  168 ASP A OD2 
490 N N   . TYR A 65 ? 1.2276 1.0736 0.7451 0.1088  0.2987  0.1633  169 TYR A N   
491 C CA  . TYR A 65 ? 1.2700 1.1856 0.7452 0.1127  0.3541  0.1934  169 TYR A CA  
492 C C   . TYR A 65 ? 1.3310 1.3038 0.7804 0.1675  0.3977  0.1525  169 TYR A C   
493 O O   . TYR A 65 ? 1.5018 1.4913 0.8508 0.1886  0.4269  0.1421  169 TYR A O   
494 C CB  . TYR A 65 ? 1.2100 1.2021 0.7884 0.0690  0.3809  0.2544  169 TYR A CB  
495 C CG  . TYR A 65 ? 1.3367 1.3967 0.8648 0.0568  0.4274  0.3011  169 TYR A CG  
496 C CD1 . TYR A 65 ? 1.3577 1.5322 0.9464 0.0559  0.4740  0.3157  169 TYR A CD1 
497 C CD2 . TYR A 65 ? 1.3711 1.3874 0.8114 0.0344  0.4029  0.3196  169 TYR A CD2 
498 C CE1 . TYR A 65 ? 1.3502 1.5849 0.9065 0.0303  0.4924  0.3433  169 TYR A CE1 
499 C CE2 . TYR A 65 ? 1.4139 1.4946 0.8279 0.0077  0.4217  0.3499  169 TYR A CE2 
500 C CZ  . TYR A 65 ? 1.3927 1.5782 0.8599 0.0055  0.4675  0.3615  169 TYR A CZ  
501 O OH  . TYR A 65 ? 1.4396 1.6788 0.8708 -0.0249 0.4853  0.3910  169 TYR A OH  
502 N N   . ASP A 66 ? 1.2258 1.2327 0.7665 0.1914  0.4020  0.1266  170 ASP A N   
503 C CA  . ASP A 66 ? 1.2852 1.3608 0.8257 0.2456  0.4477  0.0908  170 ASP A CA  
504 C C   . ASP A 66 ? 1.3674 1.3665 0.8327 0.3001  0.4233  0.0215  170 ASP A C   
505 O O   . ASP A 66 ? 1.4190 1.4657 0.8935 0.3525  0.4563  -0.0183 170 ASP A O   
506 C CB  . ASP A 66 ? 1.2547 1.4166 0.9371 0.2477  0.4676  0.1010  170 ASP A CB  
507 C CG  . ASP A 66 ? 1.3176 1.4239 1.0754 0.2383  0.4124  0.0862  170 ASP A CG  
508 O OD1 . ASP A 66 ? 1.3190 1.4894 1.1959 0.2161  0.4185  0.1099  170 ASP A OD1 
509 O OD2 . ASP A 66 ? 1.3994 1.4037 1.0965 0.2485  0.3619  0.0528  170 ASP A OD2 
510 N N   . GLY A 67 ? 1.3978 1.2819 0.7933 0.2897  0.3660  0.0052  171 GLY A N   
511 C CA  . GLY A 67 ? 1.5286 1.3320 0.8461 0.3372  0.3391  -0.0585 171 GLY A CA  
512 C C   . GLY A 67 ? 1.5626 1.3586 0.9654 0.3747  0.3188  -0.0954 171 GLY A C   
513 O O   . GLY A 67 ? 1.6366 1.4069 1.0022 0.4303  0.3224  -0.1506 171 GLY A O   
514 N N   . SER A 68 ? 1.5233 1.3408 1.0426 0.3443  0.2946  -0.0669 172 SER A N   
515 C CA  . SER A 68 ? 1.4273 1.2533 1.0447 0.3695  0.2722  -0.0878 172 SER A CA  
516 C C   . SER A 68 ? 1.4300 1.1447 1.0242 0.3641  0.1942  -0.1114 172 SER A C   
517 O O   . SER A 68 ? 1.4497 1.1660 1.1258 0.3778  0.1650  -0.1222 172 SER A O   
518 C CB  . SER A 68 ? 1.2236 1.1432 0.9775 0.3316  0.2868  -0.0419 172 SER A CB  
519 O OG  . SER A 68 ? 1.0370 0.9127 0.8218 0.2764  0.2324  -0.0200 172 SER A OG  
520 N N   . GLY A 69 ? 1.3935 1.0180 0.8813 0.3409  0.1574  -0.1150 173 GLY A N   
521 C CA  . GLY A 69 ? 1.2821 0.8107 0.7472 0.3251  0.0812  -0.1298 173 GLY A CA  
522 C C   . GLY A 69 ? 1.1847 0.7361 0.7419 0.2680  0.0432  -0.0953 173 GLY A C   
523 O O   . GLY A 69 ? 1.2410 0.7296 0.7891 0.2470  -0.0222 -0.1032 173 GLY A O   
524 N N   . SER A 70 ? 1.0963 0.7393 0.7400 0.2392  0.0819  -0.0583 174 SER A N   
525 C CA  . SER A 70 ? 0.9699 0.6482 0.7057 0.1816  0.0550  -0.0295 174 SER A CA  
526 C C   . SER A 70 ? 0.8805 0.6107 0.6385 0.1449  0.0955  0.0084  174 SER A C   
527 O O   . SER A 70 ? 0.9449 0.7075 0.6716 0.1644  0.1491  0.0201  174 SER A O   
528 C CB  . SER A 70 ? 0.8945 0.6447 0.7557 0.1857  0.0553  -0.0257 174 SER A CB  
529 O OG  . SER A 70 ? 0.9559 0.7945 0.8673 0.2102  0.1236  -0.0122 174 SER A OG  
530 N N   . VAL A 71 ? 0.7721 0.5119 0.5865 0.0895  0.0677  0.0270  175 VAL A N   
531 C CA  . VAL A 71 ? 0.7856 0.5625 0.6349 0.0508  0.0959  0.0620  175 VAL A CA  
532 C C   . VAL A 71 ? 0.6606 0.5259 0.6474 0.0189  0.1093  0.0788  175 VAL A C   
533 O O   . VAL A 71 ? 0.6165 0.4907 0.6622 -0.0106 0.0687  0.0676  175 VAL A O   
534 C CB  . VAL A 71 ? 0.7933 0.5080 0.6008 0.0124  0.0536  0.0648  175 VAL A CB  
535 C CG1 . VAL A 71 ? 0.6876 0.4437 0.5634 -0.0280 0.0779  0.0996  175 VAL A CG1 
536 C CG2 . VAL A 71 ? 0.8321 0.4677 0.5018 0.0381  0.0452  0.0565  175 VAL A CG2 
537 N N   . SER A 72 ? 0.7351 0.6717 0.7714 0.0201  0.1647  0.1067  176 SER A N   
538 C CA  . SER A 72 ? 0.5899 0.6140 0.7555 -0.0122 0.1793  0.1238  176 SER A CA  
539 C C   . SER A 72 ? 0.6013 0.6247 0.8166 -0.0705 0.1681  0.1416  176 SER A C   
540 O O   . SER A 72 ? 0.6664 0.6276 0.8201 -0.0804 0.1555  0.1470  176 SER A O   
541 C CB  . SER A 72 ? 0.5696 0.6778 0.7717 0.0114  0.2430  0.1476  176 SER A CB  
542 O OG  . SER A 72 ? 0.6057 0.7133 0.7778 -0.0046 0.2734  0.1798  176 SER A OG  
543 N N   . GLN A 73 ? 0.4897 0.4116 0.9556 -0.0589 0.1999  0.0374  177 GLN A N   
544 C CA  . GLN A 73 ? 0.5849 0.5100 1.0229 -0.0619 0.1449  0.0433  177 GLN A CA  
545 C C   . GLN A 73 ? 0.6275 0.5453 1.0373 -0.0762 0.1637  0.0580  177 GLN A C   
546 O O   . GLN A 73 ? 0.6467 0.5550 0.9841 -0.0809 0.1374  0.0545  177 GLN A O   
547 C CB  . GLN A 73 ? 0.5667 0.5158 1.0988 -0.0483 0.0944  0.0532  177 GLN A CB  
548 C CG  . GLN A 73 ? 0.6235 0.5744 1.1237 -0.0429 0.0286  0.0451  177 GLN A CG  
549 C CD  . GLN A 73 ? 0.7373 0.7180 1.3050 -0.0156 -0.0368 0.0360  177 GLN A CD  
550 O OE1 . GLN A 73 ? 0.8777 0.8803 1.4030 0.0139  -0.0665 0.0275  177 GLN A OE1 
551 N NE2 . GLN A 73 ? 0.6063 0.5946 1.2860 -0.0206 -0.0611 0.0387  177 GLN A NE2 
552 N N   . ALA A 74 ? 0.6526 0.5797 1.1212 -0.0790 0.2144  0.0812  178 ALA A N   
553 C CA  . ALA A 74 ? 0.7042 0.6351 1.1640 -0.0859 0.2401  0.1137  178 ALA A CA  
554 C C   . ALA A 74 ? 0.7189 0.6424 1.0372 -0.0812 0.2687  0.0990  178 ALA A C   
555 O O   . ALA A 74 ? 0.7531 0.6767 1.0251 -0.0837 0.2639  0.1207  178 ALA A O   
556 C CB  . ALA A 74 ? 0.5208 0.4754 1.0640 -0.0758 0.2849  0.1448  178 ALA A CB  
557 N N   . GLU A 75 ? 0.5770 0.4958 0.8350 -0.0716 0.2966  0.0610  179 GLU A N   
558 C CA  . GLU A 75 ? 0.6839 0.5976 0.8111 -0.0643 0.3055  0.0300  179 GLU A CA  
559 C C   . GLU A 75 ? 0.7686 0.6671 0.8372 -0.0757 0.2449  0.0147  179 GLU A C   
560 O O   . GLU A 75 ? 0.6854 0.5870 0.6666 -0.0734 0.2388  0.0157  179 GLU A O   
561 C CB  . GLU A 75 ? 0.6385 0.5444 0.7416 -0.0527 0.3320  -0.0212 179 GLU A CB  
562 C CG  . GLU A 75 ? 0.8094 0.7323 0.9742 -0.0363 0.3919  -0.0085 179 GLU A CG  
563 C CD  . GLU A 75 ? 0.9307 0.8422 1.0783 -0.0196 0.4180  -0.0665 179 GLU A CD  
564 O OE1 . GLU A 75 ? 1.1136 1.0451 1.2190 0.0091  0.4708  -0.0810 179 GLU A OE1 
565 O OE2 . GLU A 75 ? 0.8845 0.7698 1.0644 -0.0310 0.3856  -0.0964 179 GLU A OE2 
566 N N   . TRP A 76 ? 0.7169 0.6058 0.8295 -0.0817 0.2029  0.0032  180 TRP A N   
567 C CA  . TRP A 76 ? 0.6089 0.4919 0.6700 -0.0855 0.1510  -0.0078 180 TRP A CA  
568 C C   . TRP A 76 ? 0.6758 0.5606 0.7234 -0.0885 0.1216  0.0197  180 TRP A C   
569 O O   . TRP A 76 ? 0.6003 0.4827 0.5661 -0.0894 0.1049  0.0144  180 TRP A O   
570 C CB  . TRP A 76 ? 0.5512 0.4379 0.6699 -0.0796 0.1195  -0.0100 180 TRP A CB  
571 C CG  . TRP A 76 ? 0.5455 0.4381 0.6206 -0.0745 0.0688  -0.0117 180 TRP A CG  
572 C CD1 . TRP A 76 ? 0.5289 0.4320 0.6162 -0.0636 0.0218  0.0015  180 TRP A CD1 
573 C CD2 . TRP A 76 ? 0.5074 0.4001 0.5309 -0.0753 0.0592  -0.0291 180 TRP A CD2 
574 N NE1 . TRP A 76 ? 0.5321 0.4451 0.5642 -0.0534 -0.0116 -0.0042 180 TRP A NE1 
575 C CE2 . TRP A 76 ? 0.5500 0.4586 0.5495 -0.0625 0.0124  -0.0175 180 TRP A CE2 
576 C CE3 . TRP A 76 ? 0.5196 0.4020 0.5265 -0.0840 0.0825  -0.0572 180 TRP A CE3 
577 C CZ2 . TRP A 76 ? 0.5303 0.4499 0.4900 -0.0590 -0.0044 -0.0217 180 TRP A CZ2 
578 C CZ3 . TRP A 76 ? 0.5684 0.4573 0.5513 -0.0855 0.0596  -0.0655 180 TRP A CZ3 
579 C CH2 . TRP A 76 ? 0.5656 0.4756 0.5255 -0.0734 0.0201  -0.0420 180 TRP A CH2 
580 N N   . VAL A 77 ? 0.5789 0.4676 0.7195 -0.0895 0.1129  0.0479  181 VAL A N   
581 C CA  . VAL A 77 ? 0.5867 0.4708 0.7457 -0.0926 0.0793  0.0713  181 VAL A CA  
582 C C   . VAL A 77 ? 0.7625 0.6485 0.8728 -0.0951 0.1206  0.1022  181 VAL A C   
583 O O   . VAL A 77 ? 0.8098 0.6891 0.8736 -0.0950 0.0972  0.1133  181 VAL A O   
584 C CB  . VAL A 77 ? 0.6178 0.5062 0.9171 -0.0934 0.0557  0.0878  181 VAL A CB  
585 C CG1 . VAL A 77 ? 0.6846 0.5622 1.0333 -0.0985 0.0240  0.1106  181 VAL A CG1 
586 C CG2 . VAL A 77 ? 0.5987 0.4961 0.9227 -0.0784 0.0044  0.0572  181 VAL A CG2 
587 N N   . ARG A 78 ? 0.7389 0.6397 0.8571 -0.0907 0.1846  0.1200  182 ARG A N   
588 C CA  . ARG A 78 ? 0.7134 0.6307 0.7824 -0.0808 0.2312  0.1599  182 ARG A CA  
589 C C   . ARG A 78 ? 0.7884 0.7074 0.7078 -0.0710 0.2212  0.1313  182 ARG A C   
590 O O   . ARG A 78 ? 0.8032 0.7279 0.6776 -0.0650 0.2173  0.1628  182 ARG A O   
591 C CB  . ARG A 78 ? 0.6934 0.6374 0.7860 -0.0662 0.3053  0.1796  182 ARG A CB  
592 C CG  . ARG A 78 ? 0.8635 0.8403 0.8689 -0.0398 0.3625  0.2171  182 ARG A CG  
593 C CD  . ARG A 78 ? 0.9733 0.9883 1.0404 -0.0190 0.4330  0.2623  182 ARG A CD  
594 N NE  . ARG A 78 ? 1.0551 1.0627 1.2442 -0.0312 0.4340  0.2504  182 ARG A NE  
595 C CZ  . ARG A 78 ? 1.1969 1.2098 1.3647 -0.0181 0.4650  0.2086  182 ARG A CZ  
596 N NH1 . ARG A 78 ? 1.1465 1.1538 1.4302 -0.0269 0.4597  0.2036  182 ARG A NH1 
597 N NH2 . ARG A 78 ? 1.3257 1.3487 1.3568 0.0078  0.4916  0.1630  182 ARG A NH2 
598 N N   . ALA A 79 ? 0.7285 0.6432 0.5849 -0.0689 0.2141  0.0731  183 ALA A N   
599 C CA  . ALA A 79 ? 0.8061 0.7250 0.5409 -0.0613 0.1964  0.0363  183 ALA A CA  
600 C C   . ALA A 79 ? 0.8067 0.7120 0.5264 -0.0725 0.1362  0.0385  183 ALA A C   
601 O O   . ALA A 79 ? 0.8063 0.7211 0.4483 -0.0644 0.1255  0.0477  183 ALA A O   
602 C CB  . ALA A 79 ? 0.6926 0.6054 0.4077 -0.0608 0.1970  -0.0277 183 ALA A CB  
603 N N   . GLY A 80 ? 0.6434 0.5326 0.4333 -0.0842 0.0967  0.0316  184 GLY A N   
604 C CA  . GLY A 80 ? 0.6858 0.5688 0.4526 -0.0854 0.0415  0.0273  184 GLY A CA  
605 C C   . GLY A 80 ? 0.7684 0.6451 0.5513 -0.0834 0.0246  0.0670  184 GLY A C   
606 O O   . GLY A 80 ? 0.6879 0.5609 0.4349 -0.0794 -0.0168 0.0631  184 GLY A O   
607 N N   . ALA A 81 ? 0.8537 0.5213 0.8991 -0.0200 0.0142  0.1450  185 ALA A N   
608 C CA  . ALA A 81 ? 0.7967 0.4659 0.9262 -0.0030 0.0341  0.1786  185 ALA A CA  
609 C C   . ALA A 81 ? 0.8003 0.5051 0.9101 -0.0013 0.0843  0.2360  185 ALA A C   
610 O O   . ALA A 81 ? 0.8132 0.5349 0.9930 0.0116  0.0994  0.2720  185 ALA A O   
611 C CB  . ALA A 81 ? 0.8107 0.4673 1.0462 0.0035  0.0312  0.1410  185 ALA A CB  
612 N N   . THR A 82 ? 0.8579 0.5897 0.8746 -0.0164 0.1070  0.2382  186 THR A N   
613 C CA  . THR A 82 ? 0.9187 0.7013 0.9025 -0.0203 0.1531  0.2955  186 THR A CA  
614 C C   . THR A 82 ? 0.8836 0.7197 0.7280 -0.0339 0.1449  0.3134  186 THR A C   
615 O O   . THR A 82 ? 0.9532 0.8249 0.7831 -0.0304 0.1303  0.3469  186 THR A O   
616 C CB  . THR A 82 ? 0.9194 0.7029 0.9317 -0.0295 0.2024  0.2839  186 THR A CB  
617 O OG1 . THR A 82 ? 0.8628 0.6409 0.8072 -0.0462 0.1967  0.2240  186 THR A OG1 
618 C CG2 . THR A 82 ? 0.7404 0.4719 0.9005 -0.0156 0.2091  0.2715  186 THR A CG2 
619 N N   . THR A 83 ? 0.8563 0.6999 0.6135 -0.0512 0.1410  0.2677  187 THR A N   
620 C CA  . THR A 83 ? 0.9525 0.8558 0.5821 -0.0669 0.1403  0.2844  187 THR A CA  
621 C C   . THR A 83 ? 0.9564 0.8490 0.5364 -0.0595 0.0877  0.2479  187 THR A C   
622 O O   . THR A 83 ? 1.0555 0.9675 0.5944 -0.0456 0.0773  0.2374  187 THR A O   
623 C CB  . THR A 83 ? 1.0743 1.0107 0.6475 -0.0892 0.1811  0.2499  187 THR A CB  
624 O OG1 . THR A 83 ? 1.1570 1.0525 0.7373 -0.0962 0.1622  0.1746  187 THR A OG1 
625 C CG2 . THR A 83 ? 1.1768 1.1182 0.8255 -0.0882 0.2367  0.2671  187 THR A CG2 
626 N N   . VAL A 84 ? 0.9040 0.7484 0.5078 -0.0638 0.0518  0.2138  188 VAL A N   
627 C CA  . VAL A 84 ? 0.8905 0.7527 0.4648 -0.0593 0.0084  0.1789  188 VAL A CA  
628 C C   . VAL A 84 ? 0.8520 0.6879 0.4749 -0.0475 -0.0290 0.1745  188 VAL A C   
629 O O   . VAL A 84 ? 0.7902 0.5661 0.4612 -0.0505 -0.0430 0.1639  188 VAL A O   
630 C CB  . VAL A 84 ? 0.9903 0.8222 0.5157 -0.0857 -0.0002 0.1319  188 VAL A CB  
631 C CG1 . VAL A 84 ? 0.9841 0.7660 0.6101 -0.0829 0.0070  0.1032  188 VAL A CG1 
632 C CG2 . VAL A 84 ? 0.8610 0.7161 0.4112 -0.0767 -0.0420 0.0994  188 VAL A CG2 
633 N N   . PRO A 85 ? 0.7790 0.6651 0.4197 -0.0261 -0.0385 0.1674  189 PRO A N   
634 C CA  . PRO A 85 ? 0.7165 0.5933 0.3959 -0.0206 -0.0644 0.1571  189 PRO A CA  
635 C C   . PRO A 85 ? 0.7541 0.6301 0.4408 -0.0320 -0.0911 0.1134  189 PRO A C   
636 O O   . PRO A 85 ? 0.6641 0.5779 0.3659 -0.0256 -0.0938 0.0949  189 PRO A O   
637 C CB  . PRO A 85 ? 0.7949 0.7088 0.4749 0.0039  -0.0514 0.1678  189 PRO A CB  
638 C CG  . PRO A 85 ? 0.6739 0.6093 0.3103 0.0060  -0.0405 0.1593  189 PRO A CG  
639 C CD  . PRO A 85 ? 0.7468 0.6752 0.3609 -0.0050 -0.0235 0.1651  189 PRO A CD  
640 N N   . LEU A 86 ? 0.5410 0.4509 0.3538 -0.1686 0.0215  0.1159  190 LEU A N   
641 C CA  . LEU A 86 ? 0.6184 0.5821 0.4454 -0.1686 0.0113  0.1023  190 LEU A CA  
642 C C   . LEU A 86 ? 0.6116 0.6229 0.4747 -0.1426 0.0066  0.0942  190 LEU A C   
643 O O   . LEU A 86 ? 0.4814 0.5419 0.3597 -0.1304 -0.0042 0.1102  190 LEU A O   
644 C CB  . LEU A 86 ? 0.5917 0.5552 0.4216 -0.1860 0.0272  0.0745  190 LEU A CB  
645 C CG  . LEU A 86 ? 0.6528 0.5887 0.4528 -0.1959 0.0294  0.0780  190 LEU A CG  
646 C CD1 . LEU A 86 ? 0.5550 0.4872 0.3739 -0.2045 0.0479  0.0488  190 LEU A CD1 
647 C CD2 . LEU A 86 ? 0.5261 0.4921 0.3228 -0.1921 0.0031  0.0835  190 LEU A CD2 
648 N N   . LEU A 87 ? 0.5555 0.5553 0.4403 -0.1294 0.0149  0.0714  191 LEU A N   
649 C CA  . LEU A 87 ? 0.6048 0.6544 0.5145 -0.0948 0.0099  0.0559  191 LEU A CA  
650 C C   . LEU A 87 ? 0.4684 0.5333 0.3802 -0.0764 -0.0008 0.0926  191 LEU A C   
651 O O   . LEU A 87 ? 0.4503 0.5744 0.3763 -0.0473 -0.0027 0.1020  191 LEU A O   
652 C CB  . LEU A 87 ? 0.6471 0.6761 0.5899 -0.0829 0.0139  0.0115  191 LEU A CB  
653 C CG  . LEU A 87 ? 0.7056 0.7502 0.6739 -0.0776 0.0155  -0.0432 191 LEU A CG  
654 C CD1 . LEU A 87 ? 0.5609 0.6364 0.5072 -0.0902 0.0194  -0.0427 191 LEU A CD1 
655 C CD2 . LEU A 87 ? 0.7262 0.7085 0.7408 -0.0982 0.0239  -0.0659 191 LEU A CD2 
656 N N   . VAL A 88 ? 0.5313 0.5466 0.4320 -0.0886 -0.0057 0.1166  192 VAL A N   
657 C CA  . VAL A 88 ? 0.5419 0.5670 0.4497 -0.0735 -0.0195 0.1512  192 VAL A CA  
658 C C   . VAL A 88 ? 0.5546 0.6215 0.4725 -0.0748 -0.0323 0.1794  192 VAL A C   
659 O O   . VAL A 88 ? 0.5144 0.6281 0.4670 -0.0513 -0.0361 0.2018  192 VAL A O   
660 C CB  . VAL A 88 ? 0.5115 0.4745 0.3989 -0.0854 -0.0243 0.1721  192 VAL A CB  
661 C CG1 . VAL A 88 ? 0.5748 0.5464 0.4698 -0.0724 -0.0449 0.2073  192 VAL A CG1 
662 C CG2 . VAL A 88 ? 0.5442 0.4699 0.4508 -0.0809 -0.0099 0.1537  192 VAL A CG2 
663 N N   . LEU A 89 ? 0.5288 0.5802 0.4278 -0.1005 -0.0386 0.1799  193 LEU A N   
664 C CA  . LEU A 89 ? 0.5530 0.6370 0.4804 -0.1056 -0.0561 0.2008  193 LEU A CA  
665 C C   . LEU A 89 ? 0.5386 0.6923 0.5113 -0.0890 -0.0434 0.2071  193 LEU A C   
666 O O   . LEU A 89 ? 0.5242 0.7198 0.5543 -0.0790 -0.0524 0.2398  193 LEU A O   
667 C CB  . LEU A 89 ? 0.5775 0.6302 0.4716 -0.1324 -0.0643 0.1872  193 LEU A CB  
668 C CG  . LEU A 89 ? 0.7052 0.6980 0.5444 -0.1389 -0.0761 0.1892  193 LEU A CG  
669 C CD1 . LEU A 89 ? 0.7098 0.6859 0.5157 -0.1544 -0.0828 0.1727  193 LEU A CD1 
670 C CD2 . LEU A 89 ? 0.6023 0.5891 0.4547 -0.1232 -0.1067 0.2134  193 LEU A CD2 
671 N N   . LEU A 90 ? 0.4793 0.6491 0.4346 -0.0822 -0.0226 0.1783  194 LEU A N   
672 C CA  . LEU A 90 ? 0.4719 0.7138 0.4553 -0.0553 -0.0075 0.1836  194 LEU A CA  
673 C C   . LEU A 90 ? 0.4406 0.7240 0.4368 -0.0108 0.0018  0.1946  194 LEU A C   
674 O O   . LEU A 90 ? 0.4544 0.8054 0.4636 0.0252  0.0177  0.2021  194 LEU A O   
675 C CB  . LEU A 90 ? 0.5040 0.7469 0.4588 -0.0604 0.0048  0.1405  194 LEU A CB  
676 C CG  . LEU A 90 ? 0.4460 0.6646 0.3952 -0.0985 0.0006  0.1345  194 LEU A CG  
677 C CD1 . LEU A 90 ? 0.4515 0.6536 0.3749 -0.1079 0.0112  0.0902  194 LEU A CD1 
678 C CD2 . LEU A 90 ? 0.4755 0.7548 0.4756 -0.0895 0.0014  0.1663  194 LEU A CD2 
679 N N   . GLY A 91 ? 0.4869 0.7346 0.4772 -0.0076 -0.0067 0.1970  195 GLY A N   
680 C CA  . GLY A 91 ? 0.4983 0.7876 0.5011 0.0382  0.0023  0.2039  195 GLY A CA  
681 C C   . GLY A 91 ? 0.5203 0.8270 0.4947 0.0693  0.0114  0.1522  195 GLY A C   
682 O O   . GLY A 91 ? 0.5601 0.9205 0.5383 0.1195  0.0200  0.1520  195 GLY A O   
683 N N   . LEU A 92 ? 0.5275 0.7921 0.4792 0.0447  0.0079  0.1054  196 LEU A N   
684 C CA  . LEU A 92 ? 0.5314 0.8114 0.4740 0.0756  0.0076  0.0458  196 LEU A CA  
685 C C   . LEU A 92 ? 0.6275 0.8550 0.5841 0.0769  -0.0024 0.0124  196 LEU A C   
686 O O   . LEU A 92 ? 0.6220 0.8678 0.5880 0.1134  -0.0097 -0.0412 196 LEU A O   
687 C CB  . LEU A 92 ? 0.4622 0.7295 0.3960 0.0521  0.0079  0.0096  196 LEU A CB  
688 C CG  . LEU A 92 ? 0.5400 0.8679 0.4682 0.0582  0.0184  0.0416  196 LEU A CG  
689 C CD1 . LEU A 92 ? 0.4930 0.7937 0.4153 0.0199  0.0185  0.0185  196 LEU A CD1 
690 C CD2 . LEU A 92 ? 0.5228 0.9387 0.4414 0.1251  0.0255  0.0315  196 LEU A CD2 
691 N N   . GLU A 93 ? 0.6059 0.7725 0.5689 0.0430  -0.0052 0.0420  197 GLU A N   
692 C CA  . GLU A 93 ? 0.6271 0.7417 0.6140 0.0421  -0.0112 0.0252  197 GLU A CA  
693 C C   . GLU A 93 ? 0.5736 0.6741 0.5603 0.0397  -0.0142 0.0760  197 GLU A C   
694 O O   . GLU A 93 ? 0.5452 0.6595 0.5172 0.0256  -0.0149 0.1196  197 GLU A O   
695 C CB  . GLU A 93 ? 0.7120 0.7543 0.7104 -0.0004 -0.0073 0.0137  197 GLU A CB  
696 C CG  . GLU A 93 ? 0.8314 0.8694 0.8641 0.0044  -0.0088 -0.0482 197 GLU A CG  
697 C CD  . GLU A 93 ? 0.8361 0.8006 0.9025 -0.0344 0.0016  -0.0467 197 GLU A CD  
698 O OE1 . GLU A 93 ? 0.8565 0.7860 0.8907 -0.0627 0.0122  0.0048  197 GLU A OE1 
699 O OE2 . GLU A 93 ? 0.9630 0.9076 1.0930 -0.0320 -0.0014 -0.0953 197 GLU A OE2 
700 O OXT . GLU A 93 ? 0.6546 0.7270 0.6640 0.0499  -0.0189 0.0722  197 GLU A OXT 
# 
